data_6QFQ
# 
_entry.id   6QFQ 
# 
_audit_conform.dict_name       mmcif_pdbx.dic 
_audit_conform.dict_version    5.383 
_audit_conform.dict_location   http://mmcif.pdb.org/dictionaries/ascii/mmcif_pdbx.dic 
# 
loop_
_database_2.database_id 
_database_2.database_code 
_database_2.pdbx_database_accession 
_database_2.pdbx_DOI 
PDB   6QFQ         pdb_00006qfq 10.2210/pdb6qfq/pdb 
WWPDB D_1292100105 ?            ?                   
# 
loop_
_pdbx_audit_revision_history.ordinal 
_pdbx_audit_revision_history.data_content_type 
_pdbx_audit_revision_history.major_revision 
_pdbx_audit_revision_history.minor_revision 
_pdbx_audit_revision_history.revision_date 
1 'Structure model' 1 0 2019-06-12 
2 'Structure model' 1 1 2019-09-11 
3 'Structure model' 1 2 2019-09-18 
4 'Structure model' 1 3 2024-01-24 
# 
_pdbx_audit_revision_details.ordinal             1 
_pdbx_audit_revision_details.revision_ordinal    1 
_pdbx_audit_revision_details.data_content_type   'Structure model' 
_pdbx_audit_revision_details.provider            repository 
_pdbx_audit_revision_details.type                'Initial release' 
_pdbx_audit_revision_details.description         ? 
_pdbx_audit_revision_details.details             ? 
# 
loop_
_pdbx_audit_revision_group.ordinal 
_pdbx_audit_revision_group.revision_ordinal 
_pdbx_audit_revision_group.data_content_type 
_pdbx_audit_revision_group.group 
1 2 'Structure model' 'Data collection'        
2 2 'Structure model' 'Database references'    
3 3 'Structure model' 'Data collection'        
4 3 'Structure model' 'Refinement description' 
5 4 'Structure model' 'Data collection'        
6 4 'Structure model' 'Database references'    
7 4 'Structure model' 'Refinement description' 
# 
loop_
_pdbx_audit_revision_category.ordinal 
_pdbx_audit_revision_category.revision_ordinal 
_pdbx_audit_revision_category.data_content_type 
_pdbx_audit_revision_category.category 
1 2 'Structure model' citation                      
2 2 'Structure model' citation_author               
3 3 'Structure model' software                      
4 4 'Structure model' chem_comp_atom                
5 4 'Structure model' chem_comp_bond                
6 4 'Structure model' database_2                    
7 4 'Structure model' pdbx_initial_refinement_model 
# 
loop_
_pdbx_audit_revision_item.ordinal 
_pdbx_audit_revision_item.revision_ordinal 
_pdbx_audit_revision_item.data_content_type 
_pdbx_audit_revision_item.item 
1  2 'Structure model' '_citation.journal_volume'            
2  2 'Structure model' '_citation.page_first'                
3  2 'Structure model' '_citation.page_last'                 
4  2 'Structure model' '_citation.pdbx_database_id_PubMed'   
5  2 'Structure model' '_citation.title'                     
6  2 'Structure model' '_citation_author.identifier_ORCID'   
7  2 'Structure model' '_citation_author.name'               
8  3 'Structure model' '_software.version'                   
9  4 'Structure model' '_database_2.pdbx_DOI'                
10 4 'Structure model' '_database_2.pdbx_database_accession' 
# 
_pdbx_database_status.status_code                     REL 
_pdbx_database_status.status_code_sf                  REL 
_pdbx_database_status.status_code_mr                  ? 
_pdbx_database_status.entry_id                        6QFQ 
_pdbx_database_status.recvd_initial_deposition_date   2019-01-10 
_pdbx_database_status.SG_entry                        N 
_pdbx_database_status.deposit_site                    PDBE 
_pdbx_database_status.process_site                    PDBE 
_pdbx_database_status.status_code_cs                  ? 
_pdbx_database_status.methods_development_category    ? 
_pdbx_database_status.pdb_format_compatible           Y 
_pdbx_database_status.status_code_nmr_data            ? 
# 
loop_
_pdbx_database_related.db_name 
_pdbx_database_related.details 
_pdbx_database_related.db_id 
_pdbx_database_related.content_type 
PDB 'Mcl-1 complex with BIM peptide'  6qfi unspecified 
PDB 'Mcl-1 complex with PUMA peptide' 6qfm unspecified 
# 
loop_
_audit_author.name 
_audit_author.pdbx_ordinal 
_audit_author.identifier_ORCID 
'Dokurno, P.'      1  0000-0002-7332-8889 
'Murray, J.'       2  0000-0003-1007-8218 
'Davidson, J.'     3  0000-0002-8301-1607 
'Chen, I.'         4  ?                   
'Davis, B.'        5  0000-0001-6759-7575 
'Graham, C.J.'     6  ?                   
'Harris, R.'       7  ?                   
'Jordan, A.M.'     8  0000-0003-3449-3993 
'Matassova, N.'    9  0000-0002-2432-4929 
'Pedder, C.'       10 ?                   
'Ray, S.'          11 0000-0003-4670-2086 
'Roughley, S.'     12 0000-0003-0683-5693 
'Smith, J.'        13 ?                   
'Walmsley, C.'     14 ?                   
'Wang, Y.'         15 ?                   
'Whitehead, N.'    16 ?                   
'Williamson, D.S.' 17 0000-0002-5094-5200 
'Casara, P.'       18 ?                   
'Le Diguarher, T.' 19 ?                   
'Hickman, J.'      20 ?                   
'Stark, J.'        21 ?                   
'Kotschy, A.'      22 0000-0002-7675-3864 
'Geneste, O.'      23 ?                   
'Hubbard, R.E.'    24 0000-0002-8233-7461 
# 
_citation.abstract                  ? 
_citation.abstract_id_CAS           ? 
_citation.book_id_ISBN              ? 
_citation.book_publisher            ? 
_citation.book_publisher_city       ? 
_citation.book_title                ? 
_citation.coordinate_linkage        ? 
_citation.country                   US 
_citation.database_id_Medline       ? 
_citation.details                   ? 
_citation.id                        primary 
_citation.journal_abbrev            'Acs Omega' 
_citation.journal_id_ASTM           ? 
_citation.journal_id_CSD            ? 
_citation.journal_id_ISSN           2470-1343 
_citation.journal_full              ? 
_citation.journal_issue             ? 
_citation.journal_volume            4 
_citation.language                  ? 
_citation.page_first                8892 
_citation.page_last                 8906 
_citation.title                     
'Establishing Drug Discovery and Identification of Hit Series for the Anti-apoptotic Proteins, Bcl-2 and Mcl-1.' 
_citation.year                      2019 
_citation.database_id_CSD           ? 
_citation.pdbx_database_id_DOI      10.1021/acsomega.9b00611 
_citation.pdbx_database_id_PubMed   31459977 
_citation.unpublished_flag          ? 
# 
loop_
_citation_author.citation_id 
_citation_author.name 
_citation_author.ordinal 
_citation_author.identifier_ORCID 
primary 'Murray, J.B.'     1  ? 
primary 'Davidson, J.'     2  ? 
primary 'Chen, I.'         3  ? 
primary 'Davis, B.'        4  ? 
primary 'Dokurno, P.'      5  ? 
primary 'Graham, C.J.'     6  ? 
primary 'Harris, R.'       7  ? 
primary 'Jordan, A.'       8  ? 
primary 'Matassova, N.'    9  ? 
primary 'Pedder, C.'       10 ? 
primary 'Ray, S.'          11 ? 
primary 'Roughley, S.D.'   12 ? 
primary 'Smith, J.'        13 ? 
primary 'Walmsley, C.'     14 ? 
primary 'Wang, Y.'         15 ? 
primary 'Whitehead, N.'    16 ? 
primary 'Williamson, D.S.' 17 ? 
primary 'Casara, P.'       18 ? 
primary 'Le Diguarher, T.' 19 ? 
primary 'Hickman, J.'      20 ? 
primary 'Stark, J.'        21 ? 
primary 'Kotschy, A.'      22 ? 
primary 'Geneste, O.'      23 ? 
primary 'Hubbard, R.E.'    24 ? 
# 
loop_
_entity.id 
_entity.type 
_entity.src_method 
_entity.pdbx_description 
_entity.formula_weight 
_entity.pdbx_number_of_molecules 
_entity.pdbx_ec 
_entity.pdbx_mutation 
_entity.pdbx_fragment 
_entity.details 
1 polymer     man 'Induced myeloid leukemia cell differentiation protein Mcl-1'                                       19493.154 1  
? ? ? ? 
2 non-polymer syn '7-(3,5-dimethyl-1~{H}-pyrazol-4-yl)-3-(3-naphthalen-1-yloxypropyl)-1~{H}-indole-2-carboxylic acid' 439.506   2  
? ? ? ? 
3 water       nat water                                                                                               18.015    78 
? ? ? ? 
# 
_entity_name_com.entity_id   1 
_entity_name_com.name        'Bcl-2-like protein 3,Bcl2-L-3,Bcl-2-related protein EAT/mcl1,mcl1/EAT' 
# 
_entity_poly.entity_id                      1 
_entity_poly.type                           'polypeptide(L)' 
_entity_poly.nstd_linkage                   no 
_entity_poly.nstd_monomer                   no 
_entity_poly.pdbx_seq_one_letter_code       
;MHHHHHHLVPRGSEDELYRQSLEIISRYLREQATGAKDTKPMGRSGATSRKALETLRRVGDGVQRNHETAFQGMLRKLDI
KNEDDVKSLSRVMIHVFSDGVTNWGRIVTLISFGAFVAKHLKTINQESCIEPLAESITDVLVRTKRDWLVKQRGWDGFVE
FFHVEDLEGG
;
_entity_poly.pdbx_seq_one_letter_code_can   
;MHHHHHHLVPRGSEDELYRQSLEIISRYLREQATGAKDTKPMGRSGATSRKALETLRRVGDGVQRNHETAFQGMLRKLDI
KNEDDVKSLSRVMIHVFSDGVTNWGRIVTLISFGAFVAKHLKTINQESCIEPLAESITDVLVRTKRDWLVKQRGWDGFVE
FFHVEDLEGG
;
_entity_poly.pdbx_strand_id                 A 
_entity_poly.pdbx_target_identifier         ? 
# 
loop_
_pdbx_entity_nonpoly.entity_id 
_pdbx_entity_nonpoly.name 
_pdbx_entity_nonpoly.comp_id 
2 '7-(3,5-dimethyl-1~{H}-pyrazol-4-yl)-3-(3-naphthalen-1-yloxypropyl)-1~{H}-indole-2-carboxylic acid' J3E 
3 water                                                                                               HOH 
# 
loop_
_entity_poly_seq.entity_id 
_entity_poly_seq.num 
_entity_poly_seq.mon_id 
_entity_poly_seq.hetero 
1 1   MET n 
1 2   HIS n 
1 3   HIS n 
1 4   HIS n 
1 5   HIS n 
1 6   HIS n 
1 7   HIS n 
1 8   LEU n 
1 9   VAL n 
1 10  PRO n 
1 11  ARG n 
1 12  GLY n 
1 13  SER n 
1 14  GLU n 
1 15  ASP n 
1 16  GLU n 
1 17  LEU n 
1 18  TYR n 
1 19  ARG n 
1 20  GLN n 
1 21  SER n 
1 22  LEU n 
1 23  GLU n 
1 24  ILE n 
1 25  ILE n 
1 26  SER n 
1 27  ARG n 
1 28  TYR n 
1 29  LEU n 
1 30  ARG n 
1 31  GLU n 
1 32  GLN n 
1 33  ALA n 
1 34  THR n 
1 35  GLY n 
1 36  ALA n 
1 37  LYS n 
1 38  ASP n 
1 39  THR n 
1 40  LYS n 
1 41  PRO n 
1 42  MET n 
1 43  GLY n 
1 44  ARG n 
1 45  SER n 
1 46  GLY n 
1 47  ALA n 
1 48  THR n 
1 49  SER n 
1 50  ARG n 
1 51  LYS n 
1 52  ALA n 
1 53  LEU n 
1 54  GLU n 
1 55  THR n 
1 56  LEU n 
1 57  ARG n 
1 58  ARG n 
1 59  VAL n 
1 60  GLY n 
1 61  ASP n 
1 62  GLY n 
1 63  VAL n 
1 64  GLN n 
1 65  ARG n 
1 66  ASN n 
1 67  HIS n 
1 68  GLU n 
1 69  THR n 
1 70  ALA n 
1 71  PHE n 
1 72  GLN n 
1 73  GLY n 
1 74  MET n 
1 75  LEU n 
1 76  ARG n 
1 77  LYS n 
1 78  LEU n 
1 79  ASP n 
1 80  ILE n 
1 81  LYS n 
1 82  ASN n 
1 83  GLU n 
1 84  ASP n 
1 85  ASP n 
1 86  VAL n 
1 87  LYS n 
1 88  SER n 
1 89  LEU n 
1 90  SER n 
1 91  ARG n 
1 92  VAL n 
1 93  MET n 
1 94  ILE n 
1 95  HIS n 
1 96  VAL n 
1 97  PHE n 
1 98  SER n 
1 99  ASP n 
1 100 GLY n 
1 101 VAL n 
1 102 THR n 
1 103 ASN n 
1 104 TRP n 
1 105 GLY n 
1 106 ARG n 
1 107 ILE n 
1 108 VAL n 
1 109 THR n 
1 110 LEU n 
1 111 ILE n 
1 112 SER n 
1 113 PHE n 
1 114 GLY n 
1 115 ALA n 
1 116 PHE n 
1 117 VAL n 
1 118 ALA n 
1 119 LYS n 
1 120 HIS n 
1 121 LEU n 
1 122 LYS n 
1 123 THR n 
1 124 ILE n 
1 125 ASN n 
1 126 GLN n 
1 127 GLU n 
1 128 SER n 
1 129 CYS n 
1 130 ILE n 
1 131 GLU n 
1 132 PRO n 
1 133 LEU n 
1 134 ALA n 
1 135 GLU n 
1 136 SER n 
1 137 ILE n 
1 138 THR n 
1 139 ASP n 
1 140 VAL n 
1 141 LEU n 
1 142 VAL n 
1 143 ARG n 
1 144 THR n 
1 145 LYS n 
1 146 ARG n 
1 147 ASP n 
1 148 TRP n 
1 149 LEU n 
1 150 VAL n 
1 151 LYS n 
1 152 GLN n 
1 153 ARG n 
1 154 GLY n 
1 155 TRP n 
1 156 ASP n 
1 157 GLY n 
1 158 PHE n 
1 159 VAL n 
1 160 GLU n 
1 161 PHE n 
1 162 PHE n 
1 163 HIS n 
1 164 VAL n 
1 165 GLU n 
1 166 ASP n 
1 167 LEU n 
1 168 GLU n 
1 169 GLY n 
1 170 GLY n 
# 
_entity_src_gen.entity_id                          1 
_entity_src_gen.pdbx_src_id                        1 
_entity_src_gen.pdbx_alt_source_flag               sample 
_entity_src_gen.pdbx_seq_type                      'Biological sequence' 
_entity_src_gen.pdbx_beg_seq_num                   1 
_entity_src_gen.pdbx_end_seq_num                   170 
_entity_src_gen.gene_src_common_name               Human 
_entity_src_gen.gene_src_genus                     ? 
_entity_src_gen.pdbx_gene_src_gene                 'MCL1, BCL2L3' 
_entity_src_gen.gene_src_species                   ? 
_entity_src_gen.gene_src_strain                    ? 
_entity_src_gen.gene_src_tissue                    ? 
_entity_src_gen.gene_src_tissue_fraction           ? 
_entity_src_gen.gene_src_details                   ? 
_entity_src_gen.pdbx_gene_src_fragment             ? 
_entity_src_gen.pdbx_gene_src_scientific_name      'Homo sapiens' 
_entity_src_gen.pdbx_gene_src_ncbi_taxonomy_id     9606 
_entity_src_gen.pdbx_gene_src_variant              ? 
_entity_src_gen.pdbx_gene_src_cell_line            ? 
_entity_src_gen.pdbx_gene_src_atcc                 ? 
_entity_src_gen.pdbx_gene_src_organ                ? 
_entity_src_gen.pdbx_gene_src_organelle            ? 
_entity_src_gen.pdbx_gene_src_cell                 ? 
_entity_src_gen.pdbx_gene_src_cellular_location    ? 
_entity_src_gen.host_org_common_name               ? 
_entity_src_gen.pdbx_host_org_scientific_name      'Escherichia coli BL21(DE3)' 
_entity_src_gen.pdbx_host_org_ncbi_taxonomy_id     469008 
_entity_src_gen.host_org_genus                     ? 
_entity_src_gen.pdbx_host_org_gene                 ? 
_entity_src_gen.pdbx_host_org_organ                ? 
_entity_src_gen.host_org_species                   ? 
_entity_src_gen.pdbx_host_org_tissue               ? 
_entity_src_gen.pdbx_host_org_tissue_fraction      ? 
_entity_src_gen.pdbx_host_org_strain               ? 
_entity_src_gen.pdbx_host_org_variant              pLysS 
_entity_src_gen.pdbx_host_org_cell_line            ? 
_entity_src_gen.pdbx_host_org_atcc                 ? 
_entity_src_gen.pdbx_host_org_culture_collection   ? 
_entity_src_gen.pdbx_host_org_cell                 ? 
_entity_src_gen.pdbx_host_org_organelle            ? 
_entity_src_gen.pdbx_host_org_cellular_location    ? 
_entity_src_gen.pdbx_host_org_vector_type          ? 
_entity_src_gen.pdbx_host_org_vector               ? 
_entity_src_gen.host_org_details                   ? 
_entity_src_gen.expression_system_id               ? 
_entity_src_gen.plasmid_name                       ? 
_entity_src_gen.plasmid_details                    ? 
_entity_src_gen.pdbx_description                   ? 
# 
loop_
_chem_comp.id 
_chem_comp.type 
_chem_comp.mon_nstd_flag 
_chem_comp.name 
_chem_comp.pdbx_synonyms 
_chem_comp.formula 
_chem_comp.formula_weight 
ALA 'L-peptide linking' y ALANINE                                                                                             ? 
'C3 H7 N O2'     89.093  
ARG 'L-peptide linking' y ARGININE                                                                                            ? 
'C6 H15 N4 O2 1' 175.209 
ASN 'L-peptide linking' y ASPARAGINE                                                                                          ? 
'C4 H8 N2 O3'    132.118 
ASP 'L-peptide linking' y 'ASPARTIC ACID'                                                                                     ? 
'C4 H7 N O4'     133.103 
CYS 'L-peptide linking' y CYSTEINE                                                                                            ? 
'C3 H7 N O2 S'   121.158 
GLN 'L-peptide linking' y GLUTAMINE                                                                                           ? 
'C5 H10 N2 O3'   146.144 
GLU 'L-peptide linking' y 'GLUTAMIC ACID'                                                                                     ? 
'C5 H9 N O4'     147.129 
GLY 'peptide linking'   y GLYCINE                                                                                             ? 
'C2 H5 N O2'     75.067  
HIS 'L-peptide linking' y HISTIDINE                                                                                           ? 
'C6 H10 N3 O2 1' 156.162 
HOH non-polymer         . WATER                                                                                               ? 
'H2 O'           18.015  
ILE 'L-peptide linking' y ISOLEUCINE                                                                                          ? 
'C6 H13 N O2'    131.173 
J3E non-polymer         . '7-(3,5-dimethyl-1~{H}-pyrazol-4-yl)-3-(3-naphthalen-1-yloxypropyl)-1~{H}-indole-2-carboxylic acid' ? 
'C27 H25 N3 O3'  439.506 
LEU 'L-peptide linking' y LEUCINE                                                                                             ? 
'C6 H13 N O2'    131.173 
LYS 'L-peptide linking' y LYSINE                                                                                              ? 
'C6 H15 N2 O2 1' 147.195 
MET 'L-peptide linking' y METHIONINE                                                                                          ? 
'C5 H11 N O2 S'  149.211 
PHE 'L-peptide linking' y PHENYLALANINE                                                                                       ? 
'C9 H11 N O2'    165.189 
PRO 'L-peptide linking' y PROLINE                                                                                             ? 
'C5 H9 N O2'     115.130 
SER 'L-peptide linking' y SERINE                                                                                              ? 
'C3 H7 N O3'     105.093 
THR 'L-peptide linking' y THREONINE                                                                                           ? 
'C4 H9 N O3'     119.119 
TRP 'L-peptide linking' y TRYPTOPHAN                                                                                          ? 
'C11 H12 N2 O2'  204.225 
TYR 'L-peptide linking' y TYROSINE                                                                                            ? 
'C9 H11 N O3'    181.189 
VAL 'L-peptide linking' y VALINE                                                                                              ? 
'C5 H11 N O2'    117.146 
# 
loop_
_pdbx_poly_seq_scheme.asym_id 
_pdbx_poly_seq_scheme.entity_id 
_pdbx_poly_seq_scheme.seq_id 
_pdbx_poly_seq_scheme.mon_id 
_pdbx_poly_seq_scheme.ndb_seq_num 
_pdbx_poly_seq_scheme.pdb_seq_num 
_pdbx_poly_seq_scheme.auth_seq_num 
_pdbx_poly_seq_scheme.pdb_mon_id 
_pdbx_poly_seq_scheme.auth_mon_id 
_pdbx_poly_seq_scheme.pdb_strand_id 
_pdbx_poly_seq_scheme.pdb_ins_code 
_pdbx_poly_seq_scheme.hetero 
A 1 1   MET 1   158 ?   ?   ?   A . n 
A 1 2   HIS 2   159 ?   ?   ?   A . n 
A 1 3   HIS 3   160 ?   ?   ?   A . n 
A 1 4   HIS 4   161 ?   ?   ?   A . n 
A 1 5   HIS 5   162 ?   ?   ?   A . n 
A 1 6   HIS 6   163 ?   ?   ?   A . n 
A 1 7   HIS 7   164 ?   ?   ?   A . n 
A 1 8   LEU 8   165 ?   ?   ?   A . n 
A 1 9   VAL 9   166 ?   ?   ?   A . n 
A 1 10  PRO 10  167 ?   ?   ?   A . n 
A 1 11  ARG 11  168 ?   ?   ?   A . n 
A 1 12  GLY 12  169 ?   ?   ?   A . n 
A 1 13  SER 13  170 ?   ?   ?   A . n 
A 1 14  GLU 14  171 ?   ?   ?   A . n 
A 1 15  ASP 15  172 172 ASP ASP A . n 
A 1 16  GLU 16  173 173 GLU GLU A . n 
A 1 17  LEU 17  174 174 LEU LEU A . n 
A 1 18  TYR 18  175 175 TYR TYR A . n 
A 1 19  ARG 19  176 176 ARG ARG A . n 
A 1 20  GLN 20  177 177 GLN GLN A . n 
A 1 21  SER 21  178 178 SER SER A . n 
A 1 22  LEU 22  179 179 LEU LEU A . n 
A 1 23  GLU 23  180 180 GLU GLU A . n 
A 1 24  ILE 24  181 181 ILE ILE A . n 
A 1 25  ILE 25  182 182 ILE ILE A . n 
A 1 26  SER 26  183 183 SER SER A . n 
A 1 27  ARG 27  184 184 ARG ARG A . n 
A 1 28  TYR 28  185 185 TYR TYR A . n 
A 1 29  LEU 29  186 186 LEU LEU A . n 
A 1 30  ARG 30  187 187 ARG ARG A . n 
A 1 31  GLU 31  188 188 GLU GLU A . n 
A 1 32  GLN 32  189 189 GLN GLN A . n 
A 1 33  ALA 33  190 190 ALA ALA A . n 
A 1 34  THR 34  191 191 THR THR A . n 
A 1 35  GLY 35  192 192 GLY GLY A . n 
A 1 36  ALA 36  193 193 ALA ALA A . n 
A 1 37  LYS 37  194 194 LYS LYS A . n 
A 1 38  ASP 38  195 195 ASP ASP A . n 
A 1 39  THR 39  196 196 THR THR A . n 
A 1 40  LYS 40  197 197 LYS LYS A . n 
A 1 41  PRO 41  198 198 PRO PRO A . n 
A 1 42  MET 42  199 199 MET MET A . n 
A 1 43  GLY 43  200 200 GLY GLY A . n 
A 1 44  ARG 44  201 201 ARG ARG A . n 
A 1 45  SER 45  202 202 SER SER A . n 
A 1 46  GLY 46  203 203 GLY GLY A . n 
A 1 47  ALA 47  204 204 ALA ALA A . n 
A 1 48  THR 48  205 205 THR THR A . n 
A 1 49  SER 49  206 206 SER SER A . n 
A 1 50  ARG 50  207 207 ARG ARG A . n 
A 1 51  LYS 51  208 208 LYS LYS A . n 
A 1 52  ALA 52  209 209 ALA ALA A . n 
A 1 53  LEU 53  210 210 LEU LEU A . n 
A 1 54  GLU 54  211 211 GLU GLU A . n 
A 1 55  THR 55  212 212 THR THR A . n 
A 1 56  LEU 56  213 213 LEU LEU A . n 
A 1 57  ARG 57  214 214 ARG ARG A . n 
A 1 58  ARG 58  215 215 ARG ARG A . n 
A 1 59  VAL 59  216 216 VAL VAL A . n 
A 1 60  GLY 60  217 217 GLY GLY A . n 
A 1 61  ASP 61  218 218 ASP ASP A . n 
A 1 62  GLY 62  219 219 GLY GLY A . n 
A 1 63  VAL 63  220 220 VAL VAL A . n 
A 1 64  GLN 64  221 221 GLN GLN A . n 
A 1 65  ARG 65  222 222 ARG ARG A . n 
A 1 66  ASN 66  223 223 ASN ASN A . n 
A 1 67  HIS 67  224 224 HIS HIS A . n 
A 1 68  GLU 68  225 225 GLU GLU A . n 
A 1 69  THR 69  226 226 THR THR A . n 
A 1 70  ALA 70  227 227 ALA ALA A . n 
A 1 71  PHE 71  228 228 PHE PHE A . n 
A 1 72  GLN 72  229 229 GLN GLN A . n 
A 1 73  GLY 73  230 230 GLY GLY A . n 
A 1 74  MET 74  231 231 MET MET A . n 
A 1 75  LEU 75  232 232 LEU LEU A . n 
A 1 76  ARG 76  233 233 ARG ARG A . n 
A 1 77  LYS 77  234 234 LYS LYS A . n 
A 1 78  LEU 78  235 235 LEU LEU A . n 
A 1 79  ASP 79  236 236 ASP ASP A . n 
A 1 80  ILE 80  237 237 ILE ILE A . n 
A 1 81  LYS 81  238 238 LYS LYS A . n 
A 1 82  ASN 82  239 239 ASN ASN A . n 
A 1 83  GLU 83  240 240 GLU GLU A . n 
A 1 84  ASP 84  241 241 ASP ASP A . n 
A 1 85  ASP 85  242 242 ASP ASP A . n 
A 1 86  VAL 86  243 243 VAL VAL A . n 
A 1 87  LYS 87  244 244 LYS LYS A . n 
A 1 88  SER 88  245 245 SER SER A . n 
A 1 89  LEU 89  246 246 LEU LEU A . n 
A 1 90  SER 90  247 247 SER SER A . n 
A 1 91  ARG 91  248 248 ARG ARG A . n 
A 1 92  VAL 92  249 249 VAL VAL A . n 
A 1 93  MET 93  250 250 MET MET A . n 
A 1 94  ILE 94  251 251 ILE ILE A . n 
A 1 95  HIS 95  252 252 HIS HIS A . n 
A 1 96  VAL 96  253 253 VAL VAL A . n 
A 1 97  PHE 97  254 254 PHE PHE A . n 
A 1 98  SER 98  255 255 SER SER A . n 
A 1 99  ASP 99  256 256 ASP ASP A . n 
A 1 100 GLY 100 257 257 GLY GLY A . n 
A 1 101 VAL 101 258 258 VAL VAL A . n 
A 1 102 THR 102 259 259 THR THR A . n 
A 1 103 ASN 103 260 260 ASN ASN A . n 
A 1 104 TRP 104 261 261 TRP TRP A . n 
A 1 105 GLY 105 262 262 GLY GLY A . n 
A 1 106 ARG 106 263 263 ARG ARG A . n 
A 1 107 ILE 107 264 264 ILE ILE A . n 
A 1 108 VAL 108 265 265 VAL VAL A . n 
A 1 109 THR 109 266 266 THR THR A . n 
A 1 110 LEU 110 267 267 LEU LEU A . n 
A 1 111 ILE 111 268 268 ILE ILE A . n 
A 1 112 SER 112 269 269 SER SER A . n 
A 1 113 PHE 113 270 270 PHE PHE A . n 
A 1 114 GLY 114 271 271 GLY GLY A . n 
A 1 115 ALA 115 272 272 ALA ALA A . n 
A 1 116 PHE 116 273 273 PHE PHE A . n 
A 1 117 VAL 117 274 274 VAL VAL A . n 
A 1 118 ALA 118 275 275 ALA ALA A . n 
A 1 119 LYS 119 276 276 LYS LYS A . n 
A 1 120 HIS 120 277 277 HIS HIS A . n 
A 1 121 LEU 121 278 278 LEU LEU A . n 
A 1 122 LYS 122 279 279 LYS LYS A . n 
A 1 123 THR 123 280 280 THR THR A . n 
A 1 124 ILE 124 281 281 ILE ILE A . n 
A 1 125 ASN 125 282 282 ASN ASN A . n 
A 1 126 GLN 126 283 283 GLN GLN A . n 
A 1 127 GLU 127 284 284 GLU GLU A . n 
A 1 128 SER 128 285 285 SER SER A . n 
A 1 129 CYS 129 286 286 CYS CYS A . n 
A 1 130 ILE 130 287 287 ILE ILE A . n 
A 1 131 GLU 131 288 288 GLU GLU A . n 
A 1 132 PRO 132 289 289 PRO PRO A . n 
A 1 133 LEU 133 290 290 LEU LEU A . n 
A 1 134 ALA 134 291 291 ALA ALA A . n 
A 1 135 GLU 135 292 292 GLU GLU A . n 
A 1 136 SER 136 293 293 SER SER A . n 
A 1 137 ILE 137 294 294 ILE ILE A . n 
A 1 138 THR 138 295 295 THR THR A . n 
A 1 139 ASP 139 296 296 ASP ASP A . n 
A 1 140 VAL 140 297 297 VAL VAL A . n 
A 1 141 LEU 141 298 298 LEU LEU A . n 
A 1 142 VAL 142 299 299 VAL VAL A . n 
A 1 143 ARG 143 300 300 ARG ARG A . n 
A 1 144 THR 144 301 301 THR THR A . n 
A 1 145 LYS 145 302 302 LYS LYS A . n 
A 1 146 ARG 146 303 303 ARG ARG A . n 
A 1 147 ASP 147 304 304 ASP ASP A . n 
A 1 148 TRP 148 305 305 TRP TRP A . n 
A 1 149 LEU 149 306 306 LEU LEU A . n 
A 1 150 VAL 150 307 307 VAL VAL A . n 
A 1 151 LYS 151 308 308 LYS LYS A . n 
A 1 152 GLN 152 309 309 GLN GLN A . n 
A 1 153 ARG 153 310 310 ARG ARG A . n 
A 1 154 GLY 154 311 311 GLY GLY A . n 
A 1 155 TRP 155 312 312 TRP TRP A . n 
A 1 156 ASP 156 313 313 ASP ASP A . n 
A 1 157 GLY 157 314 314 GLY GLY A . n 
A 1 158 PHE 158 315 315 PHE PHE A . n 
A 1 159 VAL 159 316 316 VAL VAL A . n 
A 1 160 GLU 160 317 317 GLU GLU A . n 
A 1 161 PHE 161 318 318 PHE PHE A . n 
A 1 162 PHE 162 319 319 PHE PHE A . n 
A 1 163 HIS 163 320 320 HIS HIS A . n 
A 1 164 VAL 164 321 321 VAL VAL A . n 
A 1 165 GLU 165 322 ?   ?   ?   A . n 
A 1 166 ASP 166 323 ?   ?   ?   A . n 
A 1 167 LEU 167 324 ?   ?   ?   A . n 
A 1 168 GLU 168 325 ?   ?   ?   A . n 
A 1 169 GLY 169 326 ?   ?   ?   A . n 
A 1 170 GLY 170 327 ?   ?   ?   A . n 
# 
loop_
_pdbx_nonpoly_scheme.asym_id 
_pdbx_nonpoly_scheme.entity_id 
_pdbx_nonpoly_scheme.mon_id 
_pdbx_nonpoly_scheme.ndb_seq_num 
_pdbx_nonpoly_scheme.pdb_seq_num 
_pdbx_nonpoly_scheme.auth_seq_num 
_pdbx_nonpoly_scheme.pdb_mon_id 
_pdbx_nonpoly_scheme.auth_mon_id 
_pdbx_nonpoly_scheme.pdb_strand_id 
_pdbx_nonpoly_scheme.pdb_ins_code 
B 2 J3E 1  401 1  J3E LIG A . 
C 2 J3E 1  402 1  J3E LIG A . 
D 3 HOH 1  501 69 HOH HOH A . 
D 3 HOH 2  502 68 HOH HOH A . 
D 3 HOH 3  503 28 HOH HOH A . 
D 3 HOH 4  504 31 HOH HOH A . 
D 3 HOH 5  505 76 HOH HOH A . 
D 3 HOH 6  506 73 HOH HOH A . 
D 3 HOH 7  507 54 HOH HOH A . 
D 3 HOH 8  508 36 HOH HOH A . 
D 3 HOH 9  509 37 HOH HOH A . 
D 3 HOH 10 510 42 HOH HOH A . 
D 3 HOH 11 511 66 HOH HOH A . 
D 3 HOH 12 512 40 HOH HOH A . 
D 3 HOH 13 513 15 HOH HOH A . 
D 3 HOH 14 514 67 HOH HOH A . 
D 3 HOH 15 515 6  HOH HOH A . 
D 3 HOH 16 516 41 HOH HOH A . 
D 3 HOH 17 517 16 HOH HOH A . 
D 3 HOH 18 518 77 HOH HOH A . 
D 3 HOH 19 519 58 HOH HOH A . 
D 3 HOH 20 520 29 HOH HOH A . 
D 3 HOH 21 521 3  HOH HOH A . 
D 3 HOH 22 522 34 HOH HOH A . 
D 3 HOH 23 523 48 HOH HOH A . 
D 3 HOH 24 524 30 HOH HOH A . 
D 3 HOH 25 525 10 HOH HOH A . 
D 3 HOH 26 526 11 HOH HOH A . 
D 3 HOH 27 527 25 HOH HOH A . 
D 3 HOH 28 528 75 HOH HOH A . 
D 3 HOH 29 529 38 HOH HOH A . 
D 3 HOH 30 530 53 HOH HOH A . 
D 3 HOH 31 531 18 HOH HOH A . 
D 3 HOH 32 532 4  HOH HOH A . 
D 3 HOH 33 533 64 HOH HOH A . 
D 3 HOH 34 534 78 HOH HOH A . 
D 3 HOH 35 535 49 HOH HOH A . 
D 3 HOH 36 536 17 HOH HOH A . 
D 3 HOH 37 537 62 HOH HOH A . 
D 3 HOH 38 538 51 HOH HOH A . 
D 3 HOH 39 539 22 HOH HOH A . 
D 3 HOH 40 540 57 HOH HOH A . 
D 3 HOH 41 541 39 HOH HOH A . 
D 3 HOH 42 542 21 HOH HOH A . 
D 3 HOH 43 543 1  HOH HOH A . 
D 3 HOH 44 544 5  HOH HOH A . 
D 3 HOH 45 545 2  HOH HOH A . 
D 3 HOH 46 546 7  HOH HOH A . 
D 3 HOH 47 547 72 HOH HOH A . 
D 3 HOH 48 548 59 HOH HOH A . 
D 3 HOH 49 549 20 HOH HOH A . 
D 3 HOH 50 550 50 HOH HOH A . 
D 3 HOH 51 551 24 HOH HOH A . 
D 3 HOH 52 552 35 HOH HOH A . 
D 3 HOH 53 553 19 HOH HOH A . 
D 3 HOH 54 554 47 HOH HOH A . 
D 3 HOH 55 555 44 HOH HOH A . 
D 3 HOH 56 556 52 HOH HOH A . 
D 3 HOH 57 557 33 HOH HOH A . 
D 3 HOH 58 558 43 HOH HOH A . 
D 3 HOH 59 559 63 HOH HOH A . 
D 3 HOH 60 560 12 HOH HOH A . 
D 3 HOH 61 561 9  HOH HOH A . 
D 3 HOH 62 562 32 HOH HOH A . 
D 3 HOH 63 563 13 HOH HOH A . 
D 3 HOH 64 564 55 HOH HOH A . 
D 3 HOH 65 565 27 HOH HOH A . 
D 3 HOH 66 566 56 HOH HOH A . 
D 3 HOH 67 567 74 HOH HOH A . 
D 3 HOH 68 568 23 HOH HOH A . 
D 3 HOH 69 569 60 HOH HOH A . 
D 3 HOH 70 570 65 HOH HOH A . 
D 3 HOH 71 571 8  HOH HOH A . 
D 3 HOH 72 572 45 HOH HOH A . 
D 3 HOH 73 573 70 HOH HOH A . 
D 3 HOH 74 574 71 HOH HOH A . 
D 3 HOH 75 575 46 HOH HOH A . 
D 3 HOH 76 576 26 HOH HOH A . 
D 3 HOH 77 577 14 HOH HOH A . 
D 3 HOH 78 578 61 HOH HOH A . 
# 
loop_
_software.citation_id 
_software.classification 
_software.compiler_name 
_software.compiler_version 
_software.contact_author 
_software.contact_author_email 
_software.date 
_software.description 
_software.dependencies 
_software.hardware 
_software.language 
_software.location 
_software.mods 
_software.name 
_software.os 
_software.os_version 
_software.type 
_software.version 
_software.pdbx_ordinal 
? 'data scaling'    ? ? ? ? ? ? ? ? ? ? ? SCALEPACK   ? ? ? .        1 
? refinement        ? ? ? ? ? ? ? ? ? ? ? REFMAC      ? ? ? 5.5.0066 2 
? 'data extraction' ? ? ? ? ? ? ? ? ? ? ? PDB_EXTRACT ? ? ? 3.24     3 
? 'data reduction'  ? ? ? ? ? ? ? ? ? ? ? DENZO       ? ? ? .        4 
? phasing           ? ? ? ? ? ? ? ? ? ? ? MOLREP      ? ? ? .        5 
# 
_cell.angle_alpha                  90.000 
_cell.angle_alpha_esd              ? 
_cell.angle_beta                   90.000 
_cell.angle_beta_esd               ? 
_cell.angle_gamma                  90.000 
_cell.angle_gamma_esd              ? 
_cell.entry_id                     6QFQ 
_cell.details                      ? 
_cell.formula_units_Z              ? 
_cell.length_a                     48.064 
_cell.length_a_esd                 ? 
_cell.length_b                     48.064 
_cell.length_b_esd                 ? 
_cell.length_c                     148.470 
_cell.length_c_esd                 ? 
_cell.volume                       ? 
_cell.volume_esd                   ? 
_cell.Z_PDB                        8 
_cell.reciprocal_angle_alpha       ? 
_cell.reciprocal_angle_beta        ? 
_cell.reciprocal_angle_gamma       ? 
_cell.reciprocal_angle_alpha_esd   ? 
_cell.reciprocal_angle_beta_esd    ? 
_cell.reciprocal_angle_gamma_esd   ? 
_cell.reciprocal_length_a          ? 
_cell.reciprocal_length_b          ? 
_cell.reciprocal_length_c          ? 
_cell.reciprocal_length_a_esd      ? 
_cell.reciprocal_length_b_esd      ? 
_cell.reciprocal_length_c_esd      ? 
_cell.pdbx_unique_axis             ? 
# 
_symmetry.entry_id                         6QFQ 
_symmetry.cell_setting                     ? 
_symmetry.Int_Tables_number                92 
_symmetry.space_group_name_Hall            ? 
_symmetry.space_group_name_H-M             'P 41 21 2' 
_symmetry.pdbx_full_space_group_name_H-M   ? 
# 
_exptl.absorpt_coefficient_mu     ? 
_exptl.absorpt_correction_T_max   ? 
_exptl.absorpt_correction_T_min   ? 
_exptl.absorpt_correction_type    ? 
_exptl.absorpt_process_details    ? 
_exptl.entry_id                   6QFQ 
_exptl.crystals_number            1 
_exptl.details                    ? 
_exptl.method                     'X-RAY DIFFRACTION' 
_exptl.method_details             ? 
# 
_exptl_crystal.colour                      ? 
_exptl_crystal.density_diffrn              ? 
_exptl_crystal.density_Matthews            2.20 
_exptl_crystal.density_method              ? 
_exptl_crystal.density_percent_sol         44.08 
_exptl_crystal.description                 ? 
_exptl_crystal.F_000                       ? 
_exptl_crystal.id                          1 
_exptl_crystal.preparation                 ? 
_exptl_crystal.size_max                    ? 
_exptl_crystal.size_mid                    ? 
_exptl_crystal.size_min                    ? 
_exptl_crystal.size_rad                    ? 
_exptl_crystal.colour_lustre               ? 
_exptl_crystal.colour_modifier             ? 
_exptl_crystal.colour_primary              ? 
_exptl_crystal.density_meas                ? 
_exptl_crystal.density_meas_esd            ? 
_exptl_crystal.density_meas_gt             ? 
_exptl_crystal.density_meas_lt             ? 
_exptl_crystal.density_meas_temp           ? 
_exptl_crystal.density_meas_temp_esd       ? 
_exptl_crystal.density_meas_temp_gt        ? 
_exptl_crystal.density_meas_temp_lt        ? 
_exptl_crystal.pdbx_crystal_image_url      ? 
_exptl_crystal.pdbx_crystal_image_format   ? 
_exptl_crystal.pdbx_mosaicity              ? 
_exptl_crystal.pdbx_mosaicity_esd          ? 
# 
_exptl_crystal_grow.apparatus       ? 
_exptl_crystal_grow.atmosphere      ? 
_exptl_crystal_grow.crystal_id      1 
_exptl_crystal_grow.details         ? 
_exptl_crystal_grow.method          'VAPOR DIFFUSION, SITTING DROP' 
_exptl_crystal_grow.method_ref      ? 
_exptl_crystal_grow.pH              6.5 
_exptl_crystal_grow.pressure        ? 
_exptl_crystal_grow.pressure_esd    ? 
_exptl_crystal_grow.seeding         ? 
_exptl_crystal_grow.seeding_ref     ? 
_exptl_crystal_grow.temp            292 
_exptl_crystal_grow.temp_details    ? 
_exptl_crystal_grow.temp_esd        ? 
_exptl_crystal_grow.time            ? 
_exptl_crystal_grow.pdbx_details    '0.1M BisTRIS buffer pH 6.5, 20% PEGMME5K' 
_exptl_crystal_grow.pdbx_pH_range   ? 
# 
_diffrn.ambient_environment              ? 
_diffrn.ambient_temp                     100 
_diffrn.ambient_temp_details             ? 
_diffrn.ambient_temp_esd                 ? 
_diffrn.crystal_id                       1 
_diffrn.crystal_support                  ? 
_diffrn.crystal_treatment                ? 
_diffrn.details                          ? 
_diffrn.id                               1 
_diffrn.ambient_pressure                 ? 
_diffrn.ambient_pressure_esd             ? 
_diffrn.ambient_pressure_gt              ? 
_diffrn.ambient_pressure_lt              ? 
_diffrn.ambient_temp_gt                  ? 
_diffrn.ambient_temp_lt                  ? 
_diffrn.pdbx_serial_crystal_experiment   N 
# 
_diffrn_detector.details                      ? 
_diffrn_detector.detector                     CCD 
_diffrn_detector.diffrn_id                    1 
_diffrn_detector.type                         'ADSC QUANTUM 315' 
_diffrn_detector.area_resol_mean              ? 
_diffrn_detector.dtime                        ? 
_diffrn_detector.pdbx_frames_total            ? 
_diffrn_detector.pdbx_collection_time_total   ? 
_diffrn_detector.pdbx_collection_date         2009-07-15 
_diffrn_detector.pdbx_frequency               ? 
# 
_diffrn_radiation.collimation                      ? 
_diffrn_radiation.diffrn_id                        1 
_diffrn_radiation.filter_edge                      ? 
_diffrn_radiation.inhomogeneity                    ? 
_diffrn_radiation.monochromator                    mirrors 
_diffrn_radiation.polarisn_norm                    ? 
_diffrn_radiation.polarisn_ratio                   ? 
_diffrn_radiation.probe                            ? 
_diffrn_radiation.type                             ? 
_diffrn_radiation.xray_symbol                      ? 
_diffrn_radiation.wavelength_id                    1 
_diffrn_radiation.pdbx_monochromatic_or_laue_m_l   M 
_diffrn_radiation.pdbx_wavelength_list             ? 
_diffrn_radiation.pdbx_wavelength                  ? 
_diffrn_radiation.pdbx_diffrn_protocol             'SINGLE WAVELENGTH' 
_diffrn_radiation.pdbx_analyzer                    ? 
_diffrn_radiation.pdbx_scattering_type             x-ray 
# 
_diffrn_radiation_wavelength.id           1 
_diffrn_radiation_wavelength.wavelength   0.9763 
_diffrn_radiation_wavelength.wt           1.0 
# 
_diffrn_source.current                     ? 
_diffrn_source.details                     ? 
_diffrn_source.diffrn_id                   1 
_diffrn_source.power                       ? 
_diffrn_source.size                        ? 
_diffrn_source.source                      SYNCHROTRON 
_diffrn_source.target                      ? 
_diffrn_source.type                        'DIAMOND BEAMLINE I03' 
_diffrn_source.voltage                     ? 
_diffrn_source.take-off_angle              ? 
_diffrn_source.pdbx_wavelength_list        0.9763 
_diffrn_source.pdbx_wavelength             ? 
_diffrn_source.pdbx_synchrotron_beamline   I03 
_diffrn_source.pdbx_synchrotron_site       Diamond 
# 
_reflns.B_iso_Wilson_estimate            ? 
_reflns.entry_id                         6QFQ 
_reflns.data_reduction_details           ? 
_reflns.data_reduction_method            ? 
_reflns.d_resolution_high                1.600 
_reflns.d_resolution_low                 50.000 
_reflns.details                          ? 
_reflns.limit_h_max                      ? 
_reflns.limit_h_min                      ? 
_reflns.limit_k_max                      ? 
_reflns.limit_k_min                      ? 
_reflns.limit_l_max                      ? 
_reflns.limit_l_min                      ? 
_reflns.number_all                       ? 
_reflns.number_obs                       43693 
_reflns.observed_criterion               ? 
_reflns.observed_criterion_F_max         ? 
_reflns.observed_criterion_F_min         ? 
_reflns.observed_criterion_I_max         ? 
_reflns.observed_criterion_I_min         ? 
_reflns.observed_criterion_sigma_F       ? 
_reflns.observed_criterion_sigma_I       ? 
_reflns.percent_possible_obs             99.000 
_reflns.R_free_details                   ? 
_reflns.Rmerge_F_all                     ? 
_reflns.Rmerge_F_obs                     ? 
_reflns.Friedel_coverage                 ? 
_reflns.number_gt                        ? 
_reflns.threshold_expression             ? 
_reflns.pdbx_redundancy                  4.600 
_reflns.pdbx_Rmerge_I_obs                0.078 
_reflns.pdbx_Rmerge_I_all                ? 
_reflns.pdbx_Rsym_value                  ? 
_reflns.pdbx_netI_over_av_sigmaI         ? 
_reflns.pdbx_netI_over_sigmaI            10.200 
_reflns.pdbx_res_netI_over_av_sigmaI_2   ? 
_reflns.pdbx_res_netI_over_sigmaI_2      ? 
_reflns.pdbx_chi_squared                 1.025 
_reflns.pdbx_scaling_rejects             ? 
_reflns.pdbx_d_res_high_opt              ? 
_reflns.pdbx_d_res_low_opt               ? 
_reflns.pdbx_d_res_opt_method            ? 
_reflns.phase_calculation_details        ? 
_reflns.pdbx_Rrim_I_all                  ? 
_reflns.pdbx_Rpim_I_all                  ? 
_reflns.pdbx_d_opt                       ? 
_reflns.pdbx_number_measured_all         199340 
_reflns.pdbx_diffrn_id                   1 
_reflns.pdbx_ordinal                     1 
_reflns.pdbx_CC_half                     ? 
_reflns.pdbx_R_split                     ? 
# 
loop_
_reflns_shell.d_res_high 
_reflns_shell.d_res_low 
_reflns_shell.meanI_over_sigI_all 
_reflns_shell.meanI_over_sigI_obs 
_reflns_shell.number_measured_all 
_reflns_shell.number_measured_obs 
_reflns_shell.number_possible 
_reflns_shell.number_unique_all 
_reflns_shell.number_unique_obs 
_reflns_shell.percent_possible_all 
_reflns_shell.percent_possible_obs 
_reflns_shell.Rmerge_F_all 
_reflns_shell.Rmerge_F_obs 
_reflns_shell.Rmerge_I_all 
_reflns_shell.Rmerge_I_obs 
_reflns_shell.meanI_over_sigI_gt 
_reflns_shell.meanI_over_uI_all 
_reflns_shell.meanI_over_uI_gt 
_reflns_shell.number_measured_gt 
_reflns_shell.number_unique_gt 
_reflns_shell.percent_possible_gt 
_reflns_shell.Rmerge_F_gt 
_reflns_shell.Rmerge_I_gt 
_reflns_shell.pdbx_redundancy 
_reflns_shell.pdbx_Rsym_value 
_reflns_shell.pdbx_chi_squared 
_reflns_shell.pdbx_netI_over_sigmaI_all 
_reflns_shell.pdbx_netI_over_sigmaI_obs 
_reflns_shell.pdbx_Rrim_I_all 
_reflns_shell.pdbx_Rpim_I_all 
_reflns_shell.pdbx_rejects 
_reflns_shell.pdbx_ordinal 
_reflns_shell.pdbx_diffrn_id 
_reflns_shell.pdbx_CC_half 
_reflns_shell.pdbx_R_split 
1.600 1.660 ? ? ? ? ? ? 4360 98.800 ? ? ? ? ?     ? ? ? ? ? ? ? ? 4.200 ? 0.967 ? ? ? ? ? 1 1 ? ? 
1.660 1.720 ? ? ? ? ? ? 4353 99.500 ? ? ? ? 0.689 ? ? ? ? ? ? ? ? 4.500 ? 0.963 ? ? ? ? ? 2 1 ? ? 
1.720 1.800 ? ? ? ? ? ? 4373 99.500 ? ? ? ? 0.491 ? ? ? ? ? ? ? ? 4.600 ? 0.985 ? ? ? ? ? 3 1 ? ? 
1.800 1.900 ? ? ? ? ? ? 4404 99.600 ? ? ? ? 0.331 ? ? ? ? ? ? ? ? 4.500 ? 0.986 ? ? ? ? ? 4 1 ? ? 
1.900 2.020 ? ? ? ? ? ? 4396 99.800 ? ? ? ? 0.194 ? ? ? ? ? ? ? ? 4.500 ? 1.043 ? ? ? ? ? 5 1 ? ? 
2.020 2.170 ? ? ? ? ? ? 4407 99.800 ? ? ? ? 0.125 ? ? ? ? ? ? ? ? 4.600 ? 1.083 ? ? ? ? ? 6 1 ? ? 
2.170 2.390 ? ? ? ? ? ? 4385 99.600 ? ? ? ? 0.091 ? ? ? ? ? ? ? ? 4.700 ? 1.076 ? ? ? ? ? 7 1 ? ? 
2.390 2.740 ? ? ? ? ? ? 4375 99.300 ? ? ? ? 0.095 ? ? ? ? ? ? ? ? 4.700 ? 1.026 ? ? ? ? ? 8 1 ? ? 
2.740 3.450 ? ? ? ? ? ? 4412 99.200 ? ? ? ? 0.077 ? ? ? ? ? ? ? ? 4.700 ? 1.080 ? ? ? ? ? 9 1 ? ? 
# 
_refine.aniso_B[1][1]                            0.3200 
_refine.aniso_B[1][2]                            0.0000 
_refine.aniso_B[1][3]                            0.0000 
_refine.aniso_B[2][2]                            0.3200 
_refine.aniso_B[2][3]                            0.0000 
_refine.aniso_B[3][3]                            -0.6500 
_refine.B_iso_max                                68.400 
_refine.B_iso_mean                               26.0820 
_refine.B_iso_min                                11.040 
_refine.correlation_coeff_Fo_to_Fc               0.9530 
_refine.correlation_coeff_Fo_to_Fc_free          0.9360 
_refine.details                                  
'HYDROGENS HAVE BEEN ADDED IN THE RIDING POSITIONS U VALUES      : REFINED INDIVIDUALLY' 
_refine.diff_density_max                         ? 
_refine.diff_density_max_esd                     ? 
_refine.diff_density_min                         ? 
_refine.diff_density_min_esd                     ? 
_refine.diff_density_rms                         ? 
_refine.diff_density_rms_esd                     ? 
_refine.entry_id                                 6QFQ 
_refine.pdbx_refine_id                           'X-RAY DIFFRACTION' 
_refine.ls_abs_structure_details                 ? 
_refine.ls_abs_structure_Flack                   ? 
_refine.ls_abs_structure_Flack_esd               ? 
_refine.ls_abs_structure_Rogers                  ? 
_refine.ls_abs_structure_Rogers_esd              ? 
_refine.ls_d_res_high                            1.6000 
_refine.ls_d_res_low                             45.7300 
_refine.ls_extinction_coef                       ? 
_refine.ls_extinction_coef_esd                   ? 
_refine.ls_extinction_expression                 ? 
_refine.ls_extinction_method                     ? 
_refine.ls_goodness_of_fit_all                   ? 
_refine.ls_goodness_of_fit_all_esd               ? 
_refine.ls_goodness_of_fit_obs                   ? 
_refine.ls_goodness_of_fit_obs_esd               ? 
_refine.ls_hydrogen_treatment                    ? 
_refine.ls_matrix_type                           ? 
_refine.ls_number_constraints                    ? 
_refine.ls_number_parameters                     ? 
_refine.ls_number_reflns_all                     ? 
_refine.ls_number_reflns_obs                     22512 
_refine.ls_number_reflns_R_free                  1214 
_refine.ls_number_reflns_R_work                  ? 
_refine.ls_number_restraints                     ? 
_refine.ls_percent_reflns_obs                    99.3800 
_refine.ls_percent_reflns_R_free                 5.1000 
_refine.ls_R_factor_all                          ? 
_refine.ls_R_factor_obs                          0.2161 
_refine.ls_R_factor_R_free                       0.2548 
_refine.ls_R_factor_R_free_error                 ? 
_refine.ls_R_factor_R_free_error_details         ? 
_refine.ls_R_factor_R_work                       0.2141 
_refine.ls_R_Fsqd_factor_obs                     ? 
_refine.ls_R_I_factor_obs                        ? 
_refine.ls_redundancy_reflns_all                 ? 
_refine.ls_redundancy_reflns_obs                 ? 
_refine.ls_restrained_S_all                      ? 
_refine.ls_restrained_S_obs                      ? 
_refine.ls_shift_over_esd_max                    ? 
_refine.ls_shift_over_esd_mean                   ? 
_refine.ls_structure_factor_coef                 ? 
_refine.ls_weighting_details                     ? 
_refine.ls_weighting_scheme                      ? 
_refine.ls_wR_factor_all                         ? 
_refine.ls_wR_factor_obs                         ? 
_refine.ls_wR_factor_R_free                      ? 
_refine.ls_wR_factor_R_work                      ? 
_refine.occupancy_max                            ? 
_refine.occupancy_min                            ? 
_refine.solvent_model_details                    ? 
_refine.solvent_model_param_bsol                 ? 
_refine.solvent_model_param_ksol                 ? 
_refine.ls_R_factor_gt                           ? 
_refine.ls_goodness_of_fit_gt                    ? 
_refine.ls_goodness_of_fit_ref                   ? 
_refine.ls_shift_over_su_max                     ? 
_refine.ls_shift_over_su_max_lt                  ? 
_refine.ls_shift_over_su_mean                    ? 
_refine.ls_shift_over_su_mean_lt                 ? 
_refine.pdbx_ls_sigma_I                          ? 
_refine.pdbx_ls_sigma_F                          0.000 
_refine.pdbx_ls_sigma_Fsqd                       ? 
_refine.pdbx_data_cutoff_high_absF               ? 
_refine.pdbx_data_cutoff_high_rms_absF           ? 
_refine.pdbx_data_cutoff_low_absF                ? 
_refine.pdbx_isotropic_thermal_model             ? 
_refine.pdbx_ls_cross_valid_method               THROUGHOUT 
_refine.pdbx_method_to_determine_struct          'MOLECULAR REPLACEMENT' 
_refine.pdbx_starting_model                      2nl9 
_refine.pdbx_stereochemistry_target_values       ? 
_refine.pdbx_R_Free_selection_details            RANDOM 
_refine.pdbx_stereochem_target_val_spec_case     ? 
_refine.pdbx_overall_ESU_R                       0.0980 
_refine.pdbx_overall_ESU_R_Free                  0.1020 
_refine.pdbx_solvent_vdw_probe_radii             1.4000 
_refine.pdbx_solvent_ion_probe_radii             0.8000 
_refine.pdbx_solvent_shrinkage_radii             0.8000 
_refine.pdbx_real_space_R                        ? 
_refine.pdbx_density_correlation                 ? 
_refine.pdbx_pd_number_of_powder_patterns        ? 
_refine.pdbx_pd_number_of_points                 ? 
_refine.pdbx_pd_meas_number_of_points            ? 
_refine.pdbx_pd_proc_ls_prof_R_factor            ? 
_refine.pdbx_pd_proc_ls_prof_wR_factor           ? 
_refine.pdbx_pd_Marquardt_correlation_coeff      ? 
_refine.pdbx_pd_Fsqrd_R_factor                   ? 
_refine.pdbx_pd_ls_matrix_band_width             ? 
_refine.pdbx_overall_phase_error                 ? 
_refine.pdbx_overall_SU_R_free_Cruickshank_DPI   ? 
_refine.pdbx_overall_SU_R_free_Blow_DPI          ? 
_refine.pdbx_overall_SU_R_Blow_DPI               ? 
_refine.pdbx_TLS_residual_ADP_flag               ? 
_refine.pdbx_diffrn_id                           1 
_refine.overall_SU_B                             2.0790 
_refine.overall_SU_ML                            0.0730 
_refine.overall_SU_R_Cruickshank_DPI             0.0895 
_refine.overall_SU_R_free                        ? 
_refine.overall_FOM_free_R_set                   ? 
_refine.overall_FOM_work_R_set                   ? 
_refine.pdbx_average_fsc_overall                 ? 
_refine.pdbx_average_fsc_work                    ? 
_refine.pdbx_average_fsc_free                    ? 
# 
_refine_hist.cycle_id                         final 
_refine_hist.pdbx_refine_id                   'X-RAY DIFFRACTION' 
_refine_hist.d_res_high                       1.6000 
_refine_hist.d_res_low                        45.7300 
_refine_hist.pdbx_number_atoms_ligand         66 
_refine_hist.number_atoms_solvent             78 
_refine_hist.number_atoms_total               1352 
_refine_hist.pdbx_number_residues_total       150 
_refine_hist.pdbx_B_iso_mean_ligand           21.88 
_refine_hist.pdbx_B_iso_mean_solvent          36.12 
_refine_hist.pdbx_number_atoms_protein        1208 
_refine_hist.pdbx_number_atoms_nucleic_acid   0 
# 
loop_
_refine_ls_restr.pdbx_refine_id 
_refine_ls_restr.criterion 
_refine_ls_restr.dev_ideal 
_refine_ls_restr.dev_ideal_target 
_refine_ls_restr.number 
_refine_ls_restr.rejects 
_refine_ls_restr.type 
_refine_ls_restr.weight 
_refine_ls_restr.pdbx_restraint_function 
'X-RAY DIFFRACTION' ? 0.027  0.021  1305 ? r_bond_refined_d       ? ? 
'X-RAY DIFFRACTION' ? 2.271  2.005  1763 ? r_angle_refined_deg    ? ? 
'X-RAY DIFFRACTION' ? 5.512  5.000  151  ? r_dihedral_angle_1_deg ? ? 
'X-RAY DIFFRACTION' ? 33.935 22.667 60   ? r_dihedral_angle_2_deg ? ? 
'X-RAY DIFFRACTION' ? 16.371 15.000 231  ? r_dihedral_angle_3_deg ? ? 
'X-RAY DIFFRACTION' ? 21.050 15.000 14   ? r_dihedral_angle_4_deg ? ? 
'X-RAY DIFFRACTION' ? 0.158  0.200  185  ? r_chiral_restr         ? ? 
'X-RAY DIFFRACTION' ? 0.012  0.020  987  ? r_gen_planes_refined   ? ? 
# 
_refine_ls_shell.pdbx_refine_id                   'X-RAY DIFFRACTION' 
_refine_ls_shell.d_res_high                       1.6010 
_refine_ls_shell.d_res_low                        1.6430 
_refine_ls_shell.number_reflns_all                1698 
_refine_ls_shell.number_reflns_obs                ? 
_refine_ls_shell.number_reflns_R_free             89 
_refine_ls_shell.number_reflns_R_work             1609 
_refine_ls_shell.percent_reflns_obs               99.7100 
_refine_ls_shell.percent_reflns_R_free            ? 
_refine_ls_shell.R_factor_all                     ? 
_refine_ls_shell.R_factor_obs                     ? 
_refine_ls_shell.R_factor_R_free                  0.3570 
_refine_ls_shell.R_factor_R_free_error            0.0000 
_refine_ls_shell.R_factor_R_work                  0.3000 
_refine_ls_shell.redundancy_reflns_all            ? 
_refine_ls_shell.redundancy_reflns_obs            ? 
_refine_ls_shell.wR_factor_all                    ? 
_refine_ls_shell.wR_factor_obs                    ? 
_refine_ls_shell.wR_factor_R_free                 ? 
_refine_ls_shell.wR_factor_R_work                 ? 
_refine_ls_shell.pdbx_total_number_of_bins_used   20 
_refine_ls_shell.pdbx_phase_error                 ? 
_refine_ls_shell.pdbx_fsc_work                    ? 
_refine_ls_shell.pdbx_fsc_free                    ? 
# 
_struct.entry_id                     6QFQ 
_struct.title                        'Structure of human Mcl-1 in complex with indole acid inhibitor' 
_struct.pdbx_model_details           ? 
_struct.pdbx_formula_weight          ? 
_struct.pdbx_formula_weight_method   ? 
_struct.pdbx_model_type_details      ? 
_struct.pdbx_CASP_flag               N 
# 
_struct_keywords.entry_id        6QFQ 
_struct_keywords.text            'APOPTOSIS, MCL1, BCL2, small molecule inhibitor' 
_struct_keywords.pdbx_keywords   APOPTOSIS 
# 
loop_
_struct_asym.id 
_struct_asym.pdbx_blank_PDB_chainid_flag 
_struct_asym.pdbx_modified 
_struct_asym.entity_id 
_struct_asym.details 
A N N 1 ? 
B N N 2 ? 
C N N 2 ? 
D N N 3 ? 
# 
_struct_ref.id                         1 
_struct_ref.db_name                    UNP 
_struct_ref.db_code                    MCL1_HUMAN 
_struct_ref.pdbx_db_accession          Q07820 
_struct_ref.pdbx_db_isoform            ? 
_struct_ref.entity_id                  1 
_struct_ref.pdbx_seq_one_letter_code   
;EDELYRQSLEIISRYLREQATGAKDTKPMGRSGATSRKALETLRRVGDGVQRNHETAFQGMLRKLDIKNEDDVKSLSRVM
IHVFSDGVTNWGRIVTLISFGAFVAKHLKTINQESCIEPLAESITDVLVRTKRDWLVKQRGWDGFVEFFHVEDLEGG
;
_struct_ref.pdbx_align_begin           171 
# 
_struct_ref_seq.align_id                      1 
_struct_ref_seq.ref_id                        1 
_struct_ref_seq.pdbx_PDB_id_code              6QFQ 
_struct_ref_seq.pdbx_strand_id                A 
_struct_ref_seq.seq_align_beg                 14 
_struct_ref_seq.pdbx_seq_align_beg_ins_code   ? 
_struct_ref_seq.seq_align_end                 170 
_struct_ref_seq.pdbx_seq_align_end_ins_code   ? 
_struct_ref_seq.pdbx_db_accession             Q07820 
_struct_ref_seq.db_align_beg                  171 
_struct_ref_seq.pdbx_db_align_beg_ins_code    ? 
_struct_ref_seq.db_align_end                  327 
_struct_ref_seq.pdbx_db_align_end_ins_code    ? 
_struct_ref_seq.pdbx_auth_seq_align_beg       171 
_struct_ref_seq.pdbx_auth_seq_align_end       327 
# 
loop_
_struct_ref_seq_dif.align_id 
_struct_ref_seq_dif.pdbx_pdb_id_code 
_struct_ref_seq_dif.mon_id 
_struct_ref_seq_dif.pdbx_pdb_strand_id 
_struct_ref_seq_dif.seq_num 
_struct_ref_seq_dif.pdbx_pdb_ins_code 
_struct_ref_seq_dif.pdbx_seq_db_name 
_struct_ref_seq_dif.pdbx_seq_db_accession_code 
_struct_ref_seq_dif.db_mon_id 
_struct_ref_seq_dif.pdbx_seq_db_seq_num 
_struct_ref_seq_dif.details 
_struct_ref_seq_dif.pdbx_auth_seq_num 
_struct_ref_seq_dif.pdbx_ordinal 
1 6QFQ MET A 1  ? UNP Q07820 ? ? 'initiating methionine' 158 1  
1 6QFQ HIS A 2  ? UNP Q07820 ? ? 'expression tag'        159 2  
1 6QFQ HIS A 3  ? UNP Q07820 ? ? 'expression tag'        160 3  
1 6QFQ HIS A 4  ? UNP Q07820 ? ? 'expression tag'        161 4  
1 6QFQ HIS A 5  ? UNP Q07820 ? ? 'expression tag'        162 5  
1 6QFQ HIS A 6  ? UNP Q07820 ? ? 'expression tag'        163 6  
1 6QFQ HIS A 7  ? UNP Q07820 ? ? 'expression tag'        164 7  
1 6QFQ LEU A 8  ? UNP Q07820 ? ? 'expression tag'        165 8  
1 6QFQ VAL A 9  ? UNP Q07820 ? ? 'expression tag'        166 9  
1 6QFQ PRO A 10 ? UNP Q07820 ? ? 'expression tag'        167 10 
1 6QFQ ARG A 11 ? UNP Q07820 ? ? 'expression tag'        168 11 
1 6QFQ GLY A 12 ? UNP Q07820 ? ? 'expression tag'        169 12 
1 6QFQ SER A 13 ? UNP Q07820 ? ? 'expression tag'        170 13 
# 
_pdbx_struct_assembly.id                   1 
_pdbx_struct_assembly.details              author_and_software_defined_assembly 
_pdbx_struct_assembly.method_details       PISA 
_pdbx_struct_assembly.oligomeric_details   monomeric 
_pdbx_struct_assembly.oligomeric_count     1 
# 
loop_
_pdbx_struct_assembly_prop.biol_id 
_pdbx_struct_assembly_prop.type 
_pdbx_struct_assembly_prop.value 
_pdbx_struct_assembly_prop.details 
1 'ABSA (A^2)' 0    ? 
1 MORE         0    ? 
1 'SSA (A^2)'  7970 ? 
# 
_pdbx_struct_assembly_gen.assembly_id       1 
_pdbx_struct_assembly_gen.oper_expression   1 
_pdbx_struct_assembly_gen.asym_id_list      A,B,C,D 
# 
_pdbx_struct_assembly_auth_evidence.id                     1 
_pdbx_struct_assembly_auth_evidence.assembly_id            1 
_pdbx_struct_assembly_auth_evidence.experimental_support   'gel filtration' 
_pdbx_struct_assembly_auth_evidence.details                ? 
# 
_pdbx_struct_oper_list.id                   1 
_pdbx_struct_oper_list.type                 'identity operation' 
_pdbx_struct_oper_list.name                 1_555 
_pdbx_struct_oper_list.symmetry_operation   x,y,z 
_pdbx_struct_oper_list.matrix[1][1]         1.0000000000 
_pdbx_struct_oper_list.matrix[1][2]         0.0000000000 
_pdbx_struct_oper_list.matrix[1][3]         0.0000000000 
_pdbx_struct_oper_list.vector[1]            0.0000000000 
_pdbx_struct_oper_list.matrix[2][1]         0.0000000000 
_pdbx_struct_oper_list.matrix[2][2]         1.0000000000 
_pdbx_struct_oper_list.matrix[2][3]         0.0000000000 
_pdbx_struct_oper_list.vector[2]            0.0000000000 
_pdbx_struct_oper_list.matrix[3][1]         0.0000000000 
_pdbx_struct_oper_list.matrix[3][2]         0.0000000000 
_pdbx_struct_oper_list.matrix[3][3]         1.0000000000 
_pdbx_struct_oper_list.vector[3]            0.0000000000 
# 
loop_
_struct_conf.conf_type_id 
_struct_conf.id 
_struct_conf.pdbx_PDB_helix_id 
_struct_conf.beg_label_comp_id 
_struct_conf.beg_label_asym_id 
_struct_conf.beg_label_seq_id 
_struct_conf.pdbx_beg_PDB_ins_code 
_struct_conf.end_label_comp_id 
_struct_conf.end_label_asym_id 
_struct_conf.end_label_seq_id 
_struct_conf.pdbx_end_PDB_ins_code 
_struct_conf.beg_auth_comp_id 
_struct_conf.beg_auth_asym_id 
_struct_conf.beg_auth_seq_id 
_struct_conf.end_auth_comp_id 
_struct_conf.end_auth_asym_id 
_struct_conf.end_auth_seq_id 
_struct_conf.pdbx_PDB_helix_class 
_struct_conf.details 
_struct_conf.pdbx_PDB_helix_length 
HELX_P HELX_P1 AA1 ASP A 15  ? GLY A 35  ? ASP A 172 GLY A 192 1 ? 21 
HELX_P HELX_P2 AA2 SER A 45  ? HIS A 67  ? SER A 202 HIS A 224 1 ? 23 
HELX_P HELX_P3 AA3 HIS A 67  ? LYS A 77  ? HIS A 224 LYS A 234 1 ? 11 
HELX_P HELX_P4 AA4 ASN A 82  ? ASP A 99  ? ASN A 239 ASP A 256 1 ? 18 
HELX_P HELX_P5 AA5 ASN A 103 ? ILE A 124 ? ASN A 260 ILE A 281 1 ? 22 
HELX_P HELX_P6 AA6 GLN A 126 ? SER A 128 ? GLN A 283 SER A 285 5 ? 3  
HELX_P HELX_P7 AA7 CYS A 129 ? GLN A 152 ? CYS A 286 GLN A 309 1 ? 24 
HELX_P HELX_P8 AA8 ARG A 153 ? PHE A 162 ? ARG A 310 PHE A 319 1 ? 10 
# 
_struct_conf_type.id          HELX_P 
_struct_conf_type.criteria    ? 
_struct_conf_type.reference   ? 
# 
loop_
_struct_site.id 
_struct_site.pdbx_evidence_code 
_struct_site.pdbx_auth_asym_id 
_struct_site.pdbx_auth_comp_id 
_struct_site.pdbx_auth_seq_id 
_struct_site.pdbx_auth_ins_code 
_struct_site.pdbx_num_residues 
_struct_site.details 
AC1 Software A J3E 401 ? 12 'binding site for residue J3E A 401' 
AC2 Software A J3E 402 ? 13 'binding site for residue J3E A 402' 
# 
loop_
_struct_site_gen.id 
_struct_site_gen.site_id 
_struct_site_gen.pdbx_num_res 
_struct_site_gen.label_comp_id 
_struct_site_gen.label_asym_id 
_struct_site_gen.label_seq_id 
_struct_site_gen.pdbx_auth_ins_code 
_struct_site_gen.auth_comp_id 
_struct_site_gen.auth_asym_id 
_struct_site_gen.auth_seq_id 
_struct_site_gen.label_atom_id 
_struct_site_gen.label_alt_id 
_struct_site_gen.symmetry 
_struct_site_gen.details 
1  AC1 12 HIS A 67  ? HIS A 224 . ? 1_555 ? 
2  AC1 12 ALA A 70  ? ALA A 227 . ? 1_555 ? 
3  AC1 12 PHE A 71  ? PHE A 228 . ? 1_555 ? 
4  AC1 12 MET A 93  ? MET A 250 . ? 1_555 ? 
5  AC1 12 VAL A 96  ? VAL A 253 . ? 1_555 ? 
6  AC1 12 ARG A 106 ? ARG A 263 . ? 1_555 ? 
7  AC1 12 LEU A 110 ? LEU A 267 . ? 1_555 ? 
8  AC1 12 PHE A 113 ? PHE A 270 . ? 1_555 ? 
9  AC1 12 GLY A 114 ? GLY A 271 . ? 1_555 ? 
10 AC1 12 HOH D .   ? HOH A 501 . ? 1_555 ? 
11 AC1 12 HOH D .   ? HOH A 506 . ? 1_555 ? 
12 AC1 12 HOH D .   ? HOH A 562 . ? 1_555 ? 
13 AC2 13 VAL A 63  ? VAL A 220 . ? 1_555 ? 
14 AC2 13 HIS A 67  ? HIS A 224 . ? 1_555 ? 
15 AC2 13 MET A 74  ? MET A 231 . ? 5_555 ? 
16 AC2 13 SER A 88  ? SER A 245 . ? 5_555 ? 
17 AC2 13 ARG A 91  ? ARG A 248 . ? 5_555 ? 
18 AC2 13 VAL A 92  ? VAL A 249 . ? 5_555 ? 
19 AC2 13 HIS A 95  ? HIS A 252 . ? 5_555 ? 
20 AC2 13 ASN A 103 ? ASN A 260 . ? 1_555 ? 
21 AC2 13 GLY A 105 ? GLY A 262 . ? 1_555 ? 
22 AC2 13 ARG A 106 ? ARG A 263 . ? 1_555 ? 
23 AC2 13 PHE A 161 ? PHE A 318 . ? 1_555 ? 
24 AC2 13 PHE A 162 ? PHE A 319 . ? 1_555 ? 
25 AC2 13 HOH D .   ? HOH A 521 . ? 1_555 ? 
# 
_pdbx_validate_close_contact.id               1 
_pdbx_validate_close_contact.PDB_model_num    1 
_pdbx_validate_close_contact.auth_atom_id_1   O1 
_pdbx_validate_close_contact.auth_asym_id_1   A 
_pdbx_validate_close_contact.auth_comp_id_1   J3E 
_pdbx_validate_close_contact.auth_seq_id_1    401 
_pdbx_validate_close_contact.PDB_ins_code_1   ? 
_pdbx_validate_close_contact.label_alt_id_1   ? 
_pdbx_validate_close_contact.auth_atom_id_2   O 
_pdbx_validate_close_contact.auth_asym_id_2   A 
_pdbx_validate_close_contact.auth_comp_id_2   HOH 
_pdbx_validate_close_contact.auth_seq_id_2    501 
_pdbx_validate_close_contact.PDB_ins_code_2   ? 
_pdbx_validate_close_contact.label_alt_id_2   ? 
_pdbx_validate_close_contact.dist             2.07 
# 
_pdbx_validate_symm_contact.id                1 
_pdbx_validate_symm_contact.PDB_model_num     1 
_pdbx_validate_symm_contact.auth_atom_id_1    NH1 
_pdbx_validate_symm_contact.auth_asym_id_1    A 
_pdbx_validate_symm_contact.auth_comp_id_1    ARG 
_pdbx_validate_symm_contact.auth_seq_id_1     207 
_pdbx_validate_symm_contact.PDB_ins_code_1    ? 
_pdbx_validate_symm_contact.label_alt_id_1    ? 
_pdbx_validate_symm_contact.site_symmetry_1   1_555 
_pdbx_validate_symm_contact.auth_atom_id_2    OE2 
_pdbx_validate_symm_contact.auth_asym_id_2    A 
_pdbx_validate_symm_contact.auth_comp_id_2    GLU 
_pdbx_validate_symm_contact.auth_seq_id_2     240 
_pdbx_validate_symm_contact.PDB_ins_code_2    ? 
_pdbx_validate_symm_contact.label_alt_id_2    ? 
_pdbx_validate_symm_contact.site_symmetry_2   5_455 
_pdbx_validate_symm_contact.dist              2.19 
# 
loop_
_pdbx_validate_rmsd_bond.id 
_pdbx_validate_rmsd_bond.PDB_model_num 
_pdbx_validate_rmsd_bond.auth_atom_id_1 
_pdbx_validate_rmsd_bond.auth_asym_id_1 
_pdbx_validate_rmsd_bond.auth_comp_id_1 
_pdbx_validate_rmsd_bond.auth_seq_id_1 
_pdbx_validate_rmsd_bond.PDB_ins_code_1 
_pdbx_validate_rmsd_bond.label_alt_id_1 
_pdbx_validate_rmsd_bond.auth_atom_id_2 
_pdbx_validate_rmsd_bond.auth_asym_id_2 
_pdbx_validate_rmsd_bond.auth_comp_id_2 
_pdbx_validate_rmsd_bond.auth_seq_id_2 
_pdbx_validate_rmsd_bond.PDB_ins_code_2 
_pdbx_validate_rmsd_bond.label_alt_id_2 
_pdbx_validate_rmsd_bond.bond_value 
_pdbx_validate_rmsd_bond.bond_target_value 
_pdbx_validate_rmsd_bond.bond_deviation 
_pdbx_validate_rmsd_bond.bond_standard_deviation 
_pdbx_validate_rmsd_bond.linker_flag 
1 1 CG  A GLU 211 ? ? CD  A GLU 211 ? ? 1.621 1.515 0.106 0.015 N 
2 1 CD1 A PHE 273 ? ? CE1 A PHE 273 ? ? 1.517 1.388 0.129 0.020 N 
# 
_pdbx_validate_rmsd_angle.id                         1 
_pdbx_validate_rmsd_angle.PDB_model_num              1 
_pdbx_validate_rmsd_angle.auth_atom_id_1             CB 
_pdbx_validate_rmsd_angle.auth_asym_id_1             A 
_pdbx_validate_rmsd_angle.auth_comp_id_1             PHE 
_pdbx_validate_rmsd_angle.auth_seq_id_1              228 
_pdbx_validate_rmsd_angle.PDB_ins_code_1             ? 
_pdbx_validate_rmsd_angle.label_alt_id_1             ? 
_pdbx_validate_rmsd_angle.auth_atom_id_2             CG 
_pdbx_validate_rmsd_angle.auth_asym_id_2             A 
_pdbx_validate_rmsd_angle.auth_comp_id_2             PHE 
_pdbx_validate_rmsd_angle.auth_seq_id_2              228 
_pdbx_validate_rmsd_angle.PDB_ins_code_2             ? 
_pdbx_validate_rmsd_angle.label_alt_id_2             ? 
_pdbx_validate_rmsd_angle.auth_atom_id_3             CD2 
_pdbx_validate_rmsd_angle.auth_asym_id_3             A 
_pdbx_validate_rmsd_angle.auth_comp_id_3             PHE 
_pdbx_validate_rmsd_angle.auth_seq_id_3              228 
_pdbx_validate_rmsd_angle.PDB_ins_code_3             ? 
_pdbx_validate_rmsd_angle.label_alt_id_3             ? 
_pdbx_validate_rmsd_angle.angle_value                116.58 
_pdbx_validate_rmsd_angle.angle_target_value         120.80 
_pdbx_validate_rmsd_angle.angle_deviation            -4.22 
_pdbx_validate_rmsd_angle.angle_standard_deviation   0.70 
_pdbx_validate_rmsd_angle.linker_flag                N 
# 
_pdbx_validate_torsion.id              1 
_pdbx_validate_torsion.PDB_model_num   1 
_pdbx_validate_torsion.auth_comp_id    SER 
_pdbx_validate_torsion.auth_asym_id    A 
_pdbx_validate_torsion.auth_seq_id     202 
_pdbx_validate_torsion.PDB_ins_code    ? 
_pdbx_validate_torsion.label_alt_id    ? 
_pdbx_validate_torsion.phi             57.37 
_pdbx_validate_torsion.psi             14.88 
# 
loop_
_pdbx_unobs_or_zero_occ_residues.id 
_pdbx_unobs_or_zero_occ_residues.PDB_model_num 
_pdbx_unobs_or_zero_occ_residues.polymer_flag 
_pdbx_unobs_or_zero_occ_residues.occupancy_flag 
_pdbx_unobs_or_zero_occ_residues.auth_asym_id 
_pdbx_unobs_or_zero_occ_residues.auth_comp_id 
_pdbx_unobs_or_zero_occ_residues.auth_seq_id 
_pdbx_unobs_or_zero_occ_residues.PDB_ins_code 
_pdbx_unobs_or_zero_occ_residues.label_asym_id 
_pdbx_unobs_or_zero_occ_residues.label_comp_id 
_pdbx_unobs_or_zero_occ_residues.label_seq_id 
1  1 Y 1 A MET 158 ? A MET 1   
2  1 Y 1 A HIS 159 ? A HIS 2   
3  1 Y 1 A HIS 160 ? A HIS 3   
4  1 Y 1 A HIS 161 ? A HIS 4   
5  1 Y 1 A HIS 162 ? A HIS 5   
6  1 Y 1 A HIS 163 ? A HIS 6   
7  1 Y 1 A HIS 164 ? A HIS 7   
8  1 Y 1 A LEU 165 ? A LEU 8   
9  1 Y 1 A VAL 166 ? A VAL 9   
10 1 Y 1 A PRO 167 ? A PRO 10  
11 1 Y 1 A ARG 168 ? A ARG 11  
12 1 Y 1 A GLY 169 ? A GLY 12  
13 1 Y 1 A SER 170 ? A SER 13  
14 1 Y 1 A GLU 171 ? A GLU 14  
15 1 Y 1 A GLU 322 ? A GLU 165 
16 1 Y 1 A ASP 323 ? A ASP 166 
17 1 Y 1 A LEU 324 ? A LEU 167 
18 1 Y 1 A GLU 325 ? A GLU 168 
19 1 Y 1 A GLY 326 ? A GLY 169 
20 1 Y 1 A GLY 327 ? A GLY 170 
# 
loop_
_chem_comp_atom.comp_id 
_chem_comp_atom.atom_id 
_chem_comp_atom.type_symbol 
_chem_comp_atom.pdbx_aromatic_flag 
_chem_comp_atom.pdbx_stereo_config 
_chem_comp_atom.pdbx_ordinal 
ALA N    N N N 1   
ALA CA   C N S 2   
ALA C    C N N 3   
ALA O    O N N 4   
ALA CB   C N N 5   
ALA OXT  O N N 6   
ALA H    H N N 7   
ALA H2   H N N 8   
ALA HA   H N N 9   
ALA HB1  H N N 10  
ALA HB2  H N N 11  
ALA HB3  H N N 12  
ALA HXT  H N N 13  
ARG N    N N N 14  
ARG CA   C N S 15  
ARG C    C N N 16  
ARG O    O N N 17  
ARG CB   C N N 18  
ARG CG   C N N 19  
ARG CD   C N N 20  
ARG NE   N N N 21  
ARG CZ   C N N 22  
ARG NH1  N N N 23  
ARG NH2  N N N 24  
ARG OXT  O N N 25  
ARG H    H N N 26  
ARG H2   H N N 27  
ARG HA   H N N 28  
ARG HB2  H N N 29  
ARG HB3  H N N 30  
ARG HG2  H N N 31  
ARG HG3  H N N 32  
ARG HD2  H N N 33  
ARG HD3  H N N 34  
ARG HE   H N N 35  
ARG HH11 H N N 36  
ARG HH12 H N N 37  
ARG HH21 H N N 38  
ARG HH22 H N N 39  
ARG HXT  H N N 40  
ASN N    N N N 41  
ASN CA   C N S 42  
ASN C    C N N 43  
ASN O    O N N 44  
ASN CB   C N N 45  
ASN CG   C N N 46  
ASN OD1  O N N 47  
ASN ND2  N N N 48  
ASN OXT  O N N 49  
ASN H    H N N 50  
ASN H2   H N N 51  
ASN HA   H N N 52  
ASN HB2  H N N 53  
ASN HB3  H N N 54  
ASN HD21 H N N 55  
ASN HD22 H N N 56  
ASN HXT  H N N 57  
ASP N    N N N 58  
ASP CA   C N S 59  
ASP C    C N N 60  
ASP O    O N N 61  
ASP CB   C N N 62  
ASP CG   C N N 63  
ASP OD1  O N N 64  
ASP OD2  O N N 65  
ASP OXT  O N N 66  
ASP H    H N N 67  
ASP H2   H N N 68  
ASP HA   H N N 69  
ASP HB2  H N N 70  
ASP HB3  H N N 71  
ASP HD2  H N N 72  
ASP HXT  H N N 73  
CYS N    N N N 74  
CYS CA   C N R 75  
CYS C    C N N 76  
CYS O    O N N 77  
CYS CB   C N N 78  
CYS SG   S N N 79  
CYS OXT  O N N 80  
CYS H    H N N 81  
CYS H2   H N N 82  
CYS HA   H N N 83  
CYS HB2  H N N 84  
CYS HB3  H N N 85  
CYS HG   H N N 86  
CYS HXT  H N N 87  
GLN N    N N N 88  
GLN CA   C N S 89  
GLN C    C N N 90  
GLN O    O N N 91  
GLN CB   C N N 92  
GLN CG   C N N 93  
GLN CD   C N N 94  
GLN OE1  O N N 95  
GLN NE2  N N N 96  
GLN OXT  O N N 97  
GLN H    H N N 98  
GLN H2   H N N 99  
GLN HA   H N N 100 
GLN HB2  H N N 101 
GLN HB3  H N N 102 
GLN HG2  H N N 103 
GLN HG3  H N N 104 
GLN HE21 H N N 105 
GLN HE22 H N N 106 
GLN HXT  H N N 107 
GLU N    N N N 108 
GLU CA   C N S 109 
GLU C    C N N 110 
GLU O    O N N 111 
GLU CB   C N N 112 
GLU CG   C N N 113 
GLU CD   C N N 114 
GLU OE1  O N N 115 
GLU OE2  O N N 116 
GLU OXT  O N N 117 
GLU H    H N N 118 
GLU H2   H N N 119 
GLU HA   H N N 120 
GLU HB2  H N N 121 
GLU HB3  H N N 122 
GLU HG2  H N N 123 
GLU HG3  H N N 124 
GLU HE2  H N N 125 
GLU HXT  H N N 126 
GLY N    N N N 127 
GLY CA   C N N 128 
GLY C    C N N 129 
GLY O    O N N 130 
GLY OXT  O N N 131 
GLY H    H N N 132 
GLY H2   H N N 133 
GLY HA2  H N N 134 
GLY HA3  H N N 135 
GLY HXT  H N N 136 
HIS N    N N N 137 
HIS CA   C N S 138 
HIS C    C N N 139 
HIS O    O N N 140 
HIS CB   C N N 141 
HIS CG   C Y N 142 
HIS ND1  N Y N 143 
HIS CD2  C Y N 144 
HIS CE1  C Y N 145 
HIS NE2  N Y N 146 
HIS OXT  O N N 147 
HIS H    H N N 148 
HIS H2   H N N 149 
HIS HA   H N N 150 
HIS HB2  H N N 151 
HIS HB3  H N N 152 
HIS HD1  H N N 153 
HIS HD2  H N N 154 
HIS HE1  H N N 155 
HIS HE2  H N N 156 
HIS HXT  H N N 157 
HOH O    O N N 158 
HOH H1   H N N 159 
HOH H2   H N N 160 
ILE N    N N N 161 
ILE CA   C N S 162 
ILE C    C N N 163 
ILE O    O N N 164 
ILE CB   C N S 165 
ILE CG1  C N N 166 
ILE CG2  C N N 167 
ILE CD1  C N N 168 
ILE OXT  O N N 169 
ILE H    H N N 170 
ILE H2   H N N 171 
ILE HA   H N N 172 
ILE HB   H N N 173 
ILE HG12 H N N 174 
ILE HG13 H N N 175 
ILE HG21 H N N 176 
ILE HG22 H N N 177 
ILE HG23 H N N 178 
ILE HD11 H N N 179 
ILE HD12 H N N 180 
ILE HD13 H N N 181 
ILE HXT  H N N 182 
J3E C1   C Y N 183 
J3E C3   C Y N 184 
J3E C7   C Y N 185 
J3E C8   C Y N 186 
J3E C9   C Y N 187 
J3E C10  C Y N 188 
J3E C11  C Y N 189 
J3E C12  C N N 190 
J3E C13  C N N 191 
J3E C14  C N N 192 
J3E C15  C Y N 193 
J3E C16  C Y N 194 
J3E C19  C Y N 195 
J3E C20  C Y N 196 
J3E C21  C Y N 197 
J3E C22  C Y N 198 
J3E C24  C Y N 199 
J3E C27  C N N 200 
J3E O1   O N N 201 
J3E O2   O N N 202 
J3E C25  C Y N 203 
J3E N2   N Y N 204 
J3E C26  C Y N 205 
J3E C6   C Y N 206 
J3E C5   C Y N 207 
J3E C4   C N N 208 
J3E N1   N Y N 209 
J3E N    N Y N 210 
J3E C    C N N 211 
J3E O    O N N 212 
J3E C23  C Y N 213 
J3E C18  C Y N 214 
J3E C17  C Y N 215 
J3E H1   H N N 216 
J3E H2   H N N 217 
J3E H3   H N N 218 
J3E H4   H N N 219 
J3E H5   H N N 220 
J3E H6   H N N 221 
J3E H7   H N N 222 
J3E H8   H N N 223 
J3E H9   H N N 224 
J3E H10  H N N 225 
J3E H11  H N N 226 
J3E H12  H N N 227 
J3E H13  H N N 228 
J3E H14  H N N 229 
J3E H15  H N N 230 
J3E H16  H N N 231 
J3E H17  H N N 232 
J3E H18  H N N 233 
J3E H19  H N N 234 
J3E H20  H N N 235 
J3E H21  H N N 236 
J3E H22  H N N 237 
J3E H23  H N N 238 
J3E H24  H N N 239 
J3E H25  H N N 240 
LEU N    N N N 241 
LEU CA   C N S 242 
LEU C    C N N 243 
LEU O    O N N 244 
LEU CB   C N N 245 
LEU CG   C N N 246 
LEU CD1  C N N 247 
LEU CD2  C N N 248 
LEU OXT  O N N 249 
LEU H    H N N 250 
LEU H2   H N N 251 
LEU HA   H N N 252 
LEU HB2  H N N 253 
LEU HB3  H N N 254 
LEU HG   H N N 255 
LEU HD11 H N N 256 
LEU HD12 H N N 257 
LEU HD13 H N N 258 
LEU HD21 H N N 259 
LEU HD22 H N N 260 
LEU HD23 H N N 261 
LEU HXT  H N N 262 
LYS N    N N N 263 
LYS CA   C N S 264 
LYS C    C N N 265 
LYS O    O N N 266 
LYS CB   C N N 267 
LYS CG   C N N 268 
LYS CD   C N N 269 
LYS CE   C N N 270 
LYS NZ   N N N 271 
LYS OXT  O N N 272 
LYS H    H N N 273 
LYS H2   H N N 274 
LYS HA   H N N 275 
LYS HB2  H N N 276 
LYS HB3  H N N 277 
LYS HG2  H N N 278 
LYS HG3  H N N 279 
LYS HD2  H N N 280 
LYS HD3  H N N 281 
LYS HE2  H N N 282 
LYS HE3  H N N 283 
LYS HZ1  H N N 284 
LYS HZ2  H N N 285 
LYS HZ3  H N N 286 
LYS HXT  H N N 287 
MET N    N N N 288 
MET CA   C N S 289 
MET C    C N N 290 
MET O    O N N 291 
MET CB   C N N 292 
MET CG   C N N 293 
MET SD   S N N 294 
MET CE   C N N 295 
MET OXT  O N N 296 
MET H    H N N 297 
MET H2   H N N 298 
MET HA   H N N 299 
MET HB2  H N N 300 
MET HB3  H N N 301 
MET HG2  H N N 302 
MET HG3  H N N 303 
MET HE1  H N N 304 
MET HE2  H N N 305 
MET HE3  H N N 306 
MET HXT  H N N 307 
PHE N    N N N 308 
PHE CA   C N S 309 
PHE C    C N N 310 
PHE O    O N N 311 
PHE CB   C N N 312 
PHE CG   C Y N 313 
PHE CD1  C Y N 314 
PHE CD2  C Y N 315 
PHE CE1  C Y N 316 
PHE CE2  C Y N 317 
PHE CZ   C Y N 318 
PHE OXT  O N N 319 
PHE H    H N N 320 
PHE H2   H N N 321 
PHE HA   H N N 322 
PHE HB2  H N N 323 
PHE HB3  H N N 324 
PHE HD1  H N N 325 
PHE HD2  H N N 326 
PHE HE1  H N N 327 
PHE HE2  H N N 328 
PHE HZ   H N N 329 
PHE HXT  H N N 330 
PRO N    N N N 331 
PRO CA   C N S 332 
PRO C    C N N 333 
PRO O    O N N 334 
PRO CB   C N N 335 
PRO CG   C N N 336 
PRO CD   C N N 337 
PRO OXT  O N N 338 
PRO H    H N N 339 
PRO HA   H N N 340 
PRO HB2  H N N 341 
PRO HB3  H N N 342 
PRO HG2  H N N 343 
PRO HG3  H N N 344 
PRO HD2  H N N 345 
PRO HD3  H N N 346 
PRO HXT  H N N 347 
SER N    N N N 348 
SER CA   C N S 349 
SER C    C N N 350 
SER O    O N N 351 
SER CB   C N N 352 
SER OG   O N N 353 
SER OXT  O N N 354 
SER H    H N N 355 
SER H2   H N N 356 
SER HA   H N N 357 
SER HB2  H N N 358 
SER HB3  H N N 359 
SER HG   H N N 360 
SER HXT  H N N 361 
THR N    N N N 362 
THR CA   C N S 363 
THR C    C N N 364 
THR O    O N N 365 
THR CB   C N R 366 
THR OG1  O N N 367 
THR CG2  C N N 368 
THR OXT  O N N 369 
THR H    H N N 370 
THR H2   H N N 371 
THR HA   H N N 372 
THR HB   H N N 373 
THR HG1  H N N 374 
THR HG21 H N N 375 
THR HG22 H N N 376 
THR HG23 H N N 377 
THR HXT  H N N 378 
TRP N    N N N 379 
TRP CA   C N S 380 
TRP C    C N N 381 
TRP O    O N N 382 
TRP CB   C N N 383 
TRP CG   C Y N 384 
TRP CD1  C Y N 385 
TRP CD2  C Y N 386 
TRP NE1  N Y N 387 
TRP CE2  C Y N 388 
TRP CE3  C Y N 389 
TRP CZ2  C Y N 390 
TRP CZ3  C Y N 391 
TRP CH2  C Y N 392 
TRP OXT  O N N 393 
TRP H    H N N 394 
TRP H2   H N N 395 
TRP HA   H N N 396 
TRP HB2  H N N 397 
TRP HB3  H N N 398 
TRP HD1  H N N 399 
TRP HE1  H N N 400 
TRP HE3  H N N 401 
TRP HZ2  H N N 402 
TRP HZ3  H N N 403 
TRP HH2  H N N 404 
TRP HXT  H N N 405 
TYR N    N N N 406 
TYR CA   C N S 407 
TYR C    C N N 408 
TYR O    O N N 409 
TYR CB   C N N 410 
TYR CG   C Y N 411 
TYR CD1  C Y N 412 
TYR CD2  C Y N 413 
TYR CE1  C Y N 414 
TYR CE2  C Y N 415 
TYR CZ   C Y N 416 
TYR OH   O N N 417 
TYR OXT  O N N 418 
TYR H    H N N 419 
TYR H2   H N N 420 
TYR HA   H N N 421 
TYR HB2  H N N 422 
TYR HB3  H N N 423 
TYR HD1  H N N 424 
TYR HD2  H N N 425 
TYR HE1  H N N 426 
TYR HE2  H N N 427 
TYR HH   H N N 428 
TYR HXT  H N N 429 
VAL N    N N N 430 
VAL CA   C N S 431 
VAL C    C N N 432 
VAL O    O N N 433 
VAL CB   C N N 434 
VAL CG1  C N N 435 
VAL CG2  C N N 436 
VAL OXT  O N N 437 
VAL H    H N N 438 
VAL H2   H N N 439 
VAL HA   H N N 440 
VAL HB   H N N 441 
VAL HG11 H N N 442 
VAL HG12 H N N 443 
VAL HG13 H N N 444 
VAL HG21 H N N 445 
VAL HG22 H N N 446 
VAL HG23 H N N 447 
VAL HXT  H N N 448 
# 
loop_
_chem_comp_bond.comp_id 
_chem_comp_bond.atom_id_1 
_chem_comp_bond.atom_id_2 
_chem_comp_bond.value_order 
_chem_comp_bond.pdbx_aromatic_flag 
_chem_comp_bond.pdbx_stereo_config 
_chem_comp_bond.pdbx_ordinal 
ALA N   CA   sing N N 1   
ALA N   H    sing N N 2   
ALA N   H2   sing N N 3   
ALA CA  C    sing N N 4   
ALA CA  CB   sing N N 5   
ALA CA  HA   sing N N 6   
ALA C   O    doub N N 7   
ALA C   OXT  sing N N 8   
ALA CB  HB1  sing N N 9   
ALA CB  HB2  sing N N 10  
ALA CB  HB3  sing N N 11  
ALA OXT HXT  sing N N 12  
ARG N   CA   sing N N 13  
ARG N   H    sing N N 14  
ARG N   H2   sing N N 15  
ARG CA  C    sing N N 16  
ARG CA  CB   sing N N 17  
ARG CA  HA   sing N N 18  
ARG C   O    doub N N 19  
ARG C   OXT  sing N N 20  
ARG CB  CG   sing N N 21  
ARG CB  HB2  sing N N 22  
ARG CB  HB3  sing N N 23  
ARG CG  CD   sing N N 24  
ARG CG  HG2  sing N N 25  
ARG CG  HG3  sing N N 26  
ARG CD  NE   sing N N 27  
ARG CD  HD2  sing N N 28  
ARG CD  HD3  sing N N 29  
ARG NE  CZ   sing N N 30  
ARG NE  HE   sing N N 31  
ARG CZ  NH1  sing N N 32  
ARG CZ  NH2  doub N N 33  
ARG NH1 HH11 sing N N 34  
ARG NH1 HH12 sing N N 35  
ARG NH2 HH21 sing N N 36  
ARG NH2 HH22 sing N N 37  
ARG OXT HXT  sing N N 38  
ASN N   CA   sing N N 39  
ASN N   H    sing N N 40  
ASN N   H2   sing N N 41  
ASN CA  C    sing N N 42  
ASN CA  CB   sing N N 43  
ASN CA  HA   sing N N 44  
ASN C   O    doub N N 45  
ASN C   OXT  sing N N 46  
ASN CB  CG   sing N N 47  
ASN CB  HB2  sing N N 48  
ASN CB  HB3  sing N N 49  
ASN CG  OD1  doub N N 50  
ASN CG  ND2  sing N N 51  
ASN ND2 HD21 sing N N 52  
ASN ND2 HD22 sing N N 53  
ASN OXT HXT  sing N N 54  
ASP N   CA   sing N N 55  
ASP N   H    sing N N 56  
ASP N   H2   sing N N 57  
ASP CA  C    sing N N 58  
ASP CA  CB   sing N N 59  
ASP CA  HA   sing N N 60  
ASP C   O    doub N N 61  
ASP C   OXT  sing N N 62  
ASP CB  CG   sing N N 63  
ASP CB  HB2  sing N N 64  
ASP CB  HB3  sing N N 65  
ASP CG  OD1  doub N N 66  
ASP CG  OD2  sing N N 67  
ASP OD2 HD2  sing N N 68  
ASP OXT HXT  sing N N 69  
CYS N   CA   sing N N 70  
CYS N   H    sing N N 71  
CYS N   H2   sing N N 72  
CYS CA  C    sing N N 73  
CYS CA  CB   sing N N 74  
CYS CA  HA   sing N N 75  
CYS C   O    doub N N 76  
CYS C   OXT  sing N N 77  
CYS CB  SG   sing N N 78  
CYS CB  HB2  sing N N 79  
CYS CB  HB3  sing N N 80  
CYS SG  HG   sing N N 81  
CYS OXT HXT  sing N N 82  
GLN N   CA   sing N N 83  
GLN N   H    sing N N 84  
GLN N   H2   sing N N 85  
GLN CA  C    sing N N 86  
GLN CA  CB   sing N N 87  
GLN CA  HA   sing N N 88  
GLN C   O    doub N N 89  
GLN C   OXT  sing N N 90  
GLN CB  CG   sing N N 91  
GLN CB  HB2  sing N N 92  
GLN CB  HB3  sing N N 93  
GLN CG  CD   sing N N 94  
GLN CG  HG2  sing N N 95  
GLN CG  HG3  sing N N 96  
GLN CD  OE1  doub N N 97  
GLN CD  NE2  sing N N 98  
GLN NE2 HE21 sing N N 99  
GLN NE2 HE22 sing N N 100 
GLN OXT HXT  sing N N 101 
GLU N   CA   sing N N 102 
GLU N   H    sing N N 103 
GLU N   H2   sing N N 104 
GLU CA  C    sing N N 105 
GLU CA  CB   sing N N 106 
GLU CA  HA   sing N N 107 
GLU C   O    doub N N 108 
GLU C   OXT  sing N N 109 
GLU CB  CG   sing N N 110 
GLU CB  HB2  sing N N 111 
GLU CB  HB3  sing N N 112 
GLU CG  CD   sing N N 113 
GLU CG  HG2  sing N N 114 
GLU CG  HG3  sing N N 115 
GLU CD  OE1  doub N N 116 
GLU CD  OE2  sing N N 117 
GLU OE2 HE2  sing N N 118 
GLU OXT HXT  sing N N 119 
GLY N   CA   sing N N 120 
GLY N   H    sing N N 121 
GLY N   H2   sing N N 122 
GLY CA  C    sing N N 123 
GLY CA  HA2  sing N N 124 
GLY CA  HA3  sing N N 125 
GLY C   O    doub N N 126 
GLY C   OXT  sing N N 127 
GLY OXT HXT  sing N N 128 
HIS N   CA   sing N N 129 
HIS N   H    sing N N 130 
HIS N   H2   sing N N 131 
HIS CA  C    sing N N 132 
HIS CA  CB   sing N N 133 
HIS CA  HA   sing N N 134 
HIS C   O    doub N N 135 
HIS C   OXT  sing N N 136 
HIS CB  CG   sing N N 137 
HIS CB  HB2  sing N N 138 
HIS CB  HB3  sing N N 139 
HIS CG  ND1  sing Y N 140 
HIS CG  CD2  doub Y N 141 
HIS ND1 CE1  doub Y N 142 
HIS ND1 HD1  sing N N 143 
HIS CD2 NE2  sing Y N 144 
HIS CD2 HD2  sing N N 145 
HIS CE1 NE2  sing Y N 146 
HIS CE1 HE1  sing N N 147 
HIS NE2 HE2  sing N N 148 
HIS OXT HXT  sing N N 149 
HOH O   H1   sing N N 150 
HOH O   H2   sing N N 151 
ILE N   CA   sing N N 152 
ILE N   H    sing N N 153 
ILE N   H2   sing N N 154 
ILE CA  C    sing N N 155 
ILE CA  CB   sing N N 156 
ILE CA  HA   sing N N 157 
ILE C   O    doub N N 158 
ILE C   OXT  sing N N 159 
ILE CB  CG1  sing N N 160 
ILE CB  CG2  sing N N 161 
ILE CB  HB   sing N N 162 
ILE CG1 CD1  sing N N 163 
ILE CG1 HG12 sing N N 164 
ILE CG1 HG13 sing N N 165 
ILE CG2 HG21 sing N N 166 
ILE CG2 HG22 sing N N 167 
ILE CG2 HG23 sing N N 168 
ILE CD1 HD11 sing N N 169 
ILE CD1 HD12 sing N N 170 
ILE CD1 HD13 sing N N 171 
ILE OXT HXT  sing N N 172 
J3E C   C1   sing N N 173 
J3E N   C1   doub Y N 174 
J3E N   N1   sing Y N 175 
J3E C7  C8   doub Y N 176 
J3E C7  C6   sing Y N 177 
J3E C1  C5   sing Y N 178 
J3E N1  C3   sing Y N 179 
J3E C8  C9   sing Y N 180 
J3E C5  C3   doub Y N 181 
J3E C5  C6   sing N N 182 
J3E C3  C4   sing N N 183 
J3E C20 C21  doub Y N 184 
J3E C20 C19  sing Y N 185 
J3E C6  C26  doub Y N 186 
J3E C18 C19  doub Y N 187 
J3E C18 C17  sing Y N 188 
J3E C21 C22  sing Y N 189 
J3E C19 C24  sing Y N 190 
J3E C17 C16  doub Y N 191 
J3E C9  C10  doub Y N 192 
J3E C22 C23  doub Y N 193 
J3E C26 C10  sing Y N 194 
J3E C26 N2   sing Y N 195 
J3E C24 C23  sing Y N 196 
J3E C24 C15  doub Y N 197 
J3E C16 C15  sing Y N 198 
J3E C10 C11  sing Y N 199 
J3E C15 O    sing N N 200 
J3E N2  C25  sing Y N 201 
J3E O   C14  sing N N 202 
J3E C11 C25  doub Y N 203 
J3E C11 C12  sing N N 204 
J3E C25 C27  sing N N 205 
J3E C14 C13  sing N N 206 
J3E C12 C13  sing N N 207 
J3E C27 O1   doub N N 208 
J3E C27 O2   sing N N 209 
J3E C7  H1   sing N N 210 
J3E C8  H2   sing N N 211 
J3E C9  H3   sing N N 212 
J3E C12 H4   sing N N 213 
J3E C12 H5   sing N N 214 
J3E C13 H6   sing N N 215 
J3E C13 H7   sing N N 216 
J3E C14 H8   sing N N 217 
J3E C14 H9   sing N N 218 
J3E C16 H10  sing N N 219 
J3E C20 H11  sing N N 220 
J3E C21 H12  sing N N 221 
J3E C22 H13  sing N N 222 
J3E O2  H14  sing N N 223 
J3E N2  H15  sing N N 224 
J3E C4  H16  sing N N 225 
J3E C4  H17  sing N N 226 
J3E C4  H18  sing N N 227 
J3E N1  H19  sing N N 228 
J3E C   H20  sing N N 229 
J3E C   H21  sing N N 230 
J3E C   H22  sing N N 231 
J3E C23 H23  sing N N 232 
J3E C18 H24  sing N N 233 
J3E C17 H25  sing N N 234 
LEU N   CA   sing N N 235 
LEU N   H    sing N N 236 
LEU N   H2   sing N N 237 
LEU CA  C    sing N N 238 
LEU CA  CB   sing N N 239 
LEU CA  HA   sing N N 240 
LEU C   O    doub N N 241 
LEU C   OXT  sing N N 242 
LEU CB  CG   sing N N 243 
LEU CB  HB2  sing N N 244 
LEU CB  HB3  sing N N 245 
LEU CG  CD1  sing N N 246 
LEU CG  CD2  sing N N 247 
LEU CG  HG   sing N N 248 
LEU CD1 HD11 sing N N 249 
LEU CD1 HD12 sing N N 250 
LEU CD1 HD13 sing N N 251 
LEU CD2 HD21 sing N N 252 
LEU CD2 HD22 sing N N 253 
LEU CD2 HD23 sing N N 254 
LEU OXT HXT  sing N N 255 
LYS N   CA   sing N N 256 
LYS N   H    sing N N 257 
LYS N   H2   sing N N 258 
LYS CA  C    sing N N 259 
LYS CA  CB   sing N N 260 
LYS CA  HA   sing N N 261 
LYS C   O    doub N N 262 
LYS C   OXT  sing N N 263 
LYS CB  CG   sing N N 264 
LYS CB  HB2  sing N N 265 
LYS CB  HB3  sing N N 266 
LYS CG  CD   sing N N 267 
LYS CG  HG2  sing N N 268 
LYS CG  HG3  sing N N 269 
LYS CD  CE   sing N N 270 
LYS CD  HD2  sing N N 271 
LYS CD  HD3  sing N N 272 
LYS CE  NZ   sing N N 273 
LYS CE  HE2  sing N N 274 
LYS CE  HE3  sing N N 275 
LYS NZ  HZ1  sing N N 276 
LYS NZ  HZ2  sing N N 277 
LYS NZ  HZ3  sing N N 278 
LYS OXT HXT  sing N N 279 
MET N   CA   sing N N 280 
MET N   H    sing N N 281 
MET N   H2   sing N N 282 
MET CA  C    sing N N 283 
MET CA  CB   sing N N 284 
MET CA  HA   sing N N 285 
MET C   O    doub N N 286 
MET C   OXT  sing N N 287 
MET CB  CG   sing N N 288 
MET CB  HB2  sing N N 289 
MET CB  HB3  sing N N 290 
MET CG  SD   sing N N 291 
MET CG  HG2  sing N N 292 
MET CG  HG3  sing N N 293 
MET SD  CE   sing N N 294 
MET CE  HE1  sing N N 295 
MET CE  HE2  sing N N 296 
MET CE  HE3  sing N N 297 
MET OXT HXT  sing N N 298 
PHE N   CA   sing N N 299 
PHE N   H    sing N N 300 
PHE N   H2   sing N N 301 
PHE CA  C    sing N N 302 
PHE CA  CB   sing N N 303 
PHE CA  HA   sing N N 304 
PHE C   O    doub N N 305 
PHE C   OXT  sing N N 306 
PHE CB  CG   sing N N 307 
PHE CB  HB2  sing N N 308 
PHE CB  HB3  sing N N 309 
PHE CG  CD1  doub Y N 310 
PHE CG  CD2  sing Y N 311 
PHE CD1 CE1  sing Y N 312 
PHE CD1 HD1  sing N N 313 
PHE CD2 CE2  doub Y N 314 
PHE CD2 HD2  sing N N 315 
PHE CE1 CZ   doub Y N 316 
PHE CE1 HE1  sing N N 317 
PHE CE2 CZ   sing Y N 318 
PHE CE2 HE2  sing N N 319 
PHE CZ  HZ   sing N N 320 
PHE OXT HXT  sing N N 321 
PRO N   CA   sing N N 322 
PRO N   CD   sing N N 323 
PRO N   H    sing N N 324 
PRO CA  C    sing N N 325 
PRO CA  CB   sing N N 326 
PRO CA  HA   sing N N 327 
PRO C   O    doub N N 328 
PRO C   OXT  sing N N 329 
PRO CB  CG   sing N N 330 
PRO CB  HB2  sing N N 331 
PRO CB  HB3  sing N N 332 
PRO CG  CD   sing N N 333 
PRO CG  HG2  sing N N 334 
PRO CG  HG3  sing N N 335 
PRO CD  HD2  sing N N 336 
PRO CD  HD3  sing N N 337 
PRO OXT HXT  sing N N 338 
SER N   CA   sing N N 339 
SER N   H    sing N N 340 
SER N   H2   sing N N 341 
SER CA  C    sing N N 342 
SER CA  CB   sing N N 343 
SER CA  HA   sing N N 344 
SER C   O    doub N N 345 
SER C   OXT  sing N N 346 
SER CB  OG   sing N N 347 
SER CB  HB2  sing N N 348 
SER CB  HB3  sing N N 349 
SER OG  HG   sing N N 350 
SER OXT HXT  sing N N 351 
THR N   CA   sing N N 352 
THR N   H    sing N N 353 
THR N   H2   sing N N 354 
THR CA  C    sing N N 355 
THR CA  CB   sing N N 356 
THR CA  HA   sing N N 357 
THR C   O    doub N N 358 
THR C   OXT  sing N N 359 
THR CB  OG1  sing N N 360 
THR CB  CG2  sing N N 361 
THR CB  HB   sing N N 362 
THR OG1 HG1  sing N N 363 
THR CG2 HG21 sing N N 364 
THR CG2 HG22 sing N N 365 
THR CG2 HG23 sing N N 366 
THR OXT HXT  sing N N 367 
TRP N   CA   sing N N 368 
TRP N   H    sing N N 369 
TRP N   H2   sing N N 370 
TRP CA  C    sing N N 371 
TRP CA  CB   sing N N 372 
TRP CA  HA   sing N N 373 
TRP C   O    doub N N 374 
TRP C   OXT  sing N N 375 
TRP CB  CG   sing N N 376 
TRP CB  HB2  sing N N 377 
TRP CB  HB3  sing N N 378 
TRP CG  CD1  doub Y N 379 
TRP CG  CD2  sing Y N 380 
TRP CD1 NE1  sing Y N 381 
TRP CD1 HD1  sing N N 382 
TRP CD2 CE2  doub Y N 383 
TRP CD2 CE3  sing Y N 384 
TRP NE1 CE2  sing Y N 385 
TRP NE1 HE1  sing N N 386 
TRP CE2 CZ2  sing Y N 387 
TRP CE3 CZ3  doub Y N 388 
TRP CE3 HE3  sing N N 389 
TRP CZ2 CH2  doub Y N 390 
TRP CZ2 HZ2  sing N N 391 
TRP CZ3 CH2  sing Y N 392 
TRP CZ3 HZ3  sing N N 393 
TRP CH2 HH2  sing N N 394 
TRP OXT HXT  sing N N 395 
TYR N   CA   sing N N 396 
TYR N   H    sing N N 397 
TYR N   H2   sing N N 398 
TYR CA  C    sing N N 399 
TYR CA  CB   sing N N 400 
TYR CA  HA   sing N N 401 
TYR C   O    doub N N 402 
TYR C   OXT  sing N N 403 
TYR CB  CG   sing N N 404 
TYR CB  HB2  sing N N 405 
TYR CB  HB3  sing N N 406 
TYR CG  CD1  doub Y N 407 
TYR CG  CD2  sing Y N 408 
TYR CD1 CE1  sing Y N 409 
TYR CD1 HD1  sing N N 410 
TYR CD2 CE2  doub Y N 411 
TYR CD2 HD2  sing N N 412 
TYR CE1 CZ   doub Y N 413 
TYR CE1 HE1  sing N N 414 
TYR CE2 CZ   sing Y N 415 
TYR CE2 HE2  sing N N 416 
TYR CZ  OH   sing N N 417 
TYR OH  HH   sing N N 418 
TYR OXT HXT  sing N N 419 
VAL N   CA   sing N N 420 
VAL N   H    sing N N 421 
VAL N   H2   sing N N 422 
VAL CA  C    sing N N 423 
VAL CA  CB   sing N N 424 
VAL CA  HA   sing N N 425 
VAL C   O    doub N N 426 
VAL C   OXT  sing N N 427 
VAL CB  CG1  sing N N 428 
VAL CB  CG2  sing N N 429 
VAL CB  HB   sing N N 430 
VAL CG1 HG11 sing N N 431 
VAL CG1 HG12 sing N N 432 
VAL CG1 HG13 sing N N 433 
VAL CG2 HG21 sing N N 434 
VAL CG2 HG22 sing N N 435 
VAL CG2 HG23 sing N N 436 
VAL OXT HXT  sing N N 437 
# 
_pdbx_entity_instance_feature.ordinal        1 
_pdbx_entity_instance_feature.comp_id        J3E 
_pdbx_entity_instance_feature.asym_id        ? 
_pdbx_entity_instance_feature.seq_num        ? 
_pdbx_entity_instance_feature.auth_comp_id   J3E 
_pdbx_entity_instance_feature.auth_asym_id   ? 
_pdbx_entity_instance_feature.auth_seq_num   ? 
_pdbx_entity_instance_feature.feature_type   'SUBJECT OF INVESTIGATION' 
_pdbx_entity_instance_feature.details        ? 
# 
_pdbx_initial_refinement_model.id               1 
_pdbx_initial_refinement_model.entity_id_list   ? 
_pdbx_initial_refinement_model.type             'experimental model' 
_pdbx_initial_refinement_model.source_name      PDB 
_pdbx_initial_refinement_model.accession_code   2NL9 
_pdbx_initial_refinement_model.details          ? 
# 
_atom_sites.entry_id                    6QFQ 
_atom_sites.fract_transf_matrix[1][1]   -0.01795207 
_atom_sites.fract_transf_matrix[1][2]   -0.00099441 
_atom_sites.fract_transf_matrix[1][3]   -0.01047015 
_atom_sites.fract_transf_matrix[2][1]   -0.00756380 
_atom_sites.fract_transf_matrix[2][2]   -0.01317104 
_atom_sites.fract_transf_matrix[2][3]   0.01421978 
_atom_sites.fract_transf_matrix[3][1]   -0.00236552 
_atom_sites.fract_transf_matrix[3][2]   0.00520374 
_atom_sites.fract_transf_matrix[3][3]   0.00356169 
_atom_sites.fract_transf_vector[1]      0.005357 
_atom_sites.fract_transf_vector[2]      -0.383960 
_atom_sites.fract_transf_vector[3]      0.123744 
# 
loop_
_atom_type.symbol 
C 
N 
O 
S 
# 
loop_
_atom_site.group_PDB 
_atom_site.id 
_atom_site.type_symbol 
_atom_site.label_atom_id 
_atom_site.label_alt_id 
_atom_site.label_comp_id 
_atom_site.label_asym_id 
_atom_site.label_entity_id 
_atom_site.label_seq_id 
_atom_site.pdbx_PDB_ins_code 
_atom_site.Cartn_x 
_atom_site.Cartn_y 
_atom_site.Cartn_z 
_atom_site.occupancy 
_atom_site.B_iso_or_equiv 
_atom_site.pdbx_formal_charge 
_atom_site.auth_seq_id 
_atom_site.auth_comp_id 
_atom_site.auth_asym_id 
_atom_site.auth_atom_id 
_atom_site.pdbx_PDB_model_num 
ATOM   1    N N   . ASP A 1 15  ? 6.042   15.478  8.630   1.00 36.39 ? 172 ASP A N   1 
ATOM   2    C CA  . ASP A 1 15  ? 4.650   14.971  8.330   1.00 34.16 ? 172 ASP A CA  1 
ATOM   3    C C   . ASP A 1 15  ? 4.586   13.546  8.906   1.00 33.28 ? 172 ASP A C   1 
ATOM   4    O O   . ASP A 1 15  ? 5.023   12.557  8.286   1.00 33.15 ? 172 ASP A O   1 
ATOM   5    C CB  . ASP A 1 15  ? 4.393   15.013  6.826   1.00 35.04 ? 172 ASP A CB  1 
ATOM   6    C CG  . ASP A 1 15  ? 2.937   14.631  6.466   1.00 35.69 ? 172 ASP A CG  1 
ATOM   7    O OD1 . ASP A 1 15  ? 2.542   14.941  5.318   1.00 37.60 ? 172 ASP A OD1 1 
ATOM   8    O OD2 . ASP A 1 15  ? 2.242   14.020  7.323   1.00 33.28 ? 172 ASP A OD2 1 
ATOM   9    N N   . GLU A 1 16  ? 4.088   13.443  10.115  1.00 30.66 ? 173 GLU A N   1 
ATOM   10   C CA  . GLU A 1 16  ? 4.117   12.185  10.859  1.00 31.00 ? 173 GLU A CA  1 
ATOM   11   C C   . GLU A 1 16  ? 3.103   11.161  10.289  1.00 28.69 ? 173 GLU A C   1 
ATOM   12   O O   . GLU A 1 16  ? 3.337   9.935   10.394  1.00 28.93 ? 173 GLU A O   1 
ATOM   13   C CB  . GLU A 1 16  ? 3.895   12.449  12.333  1.00 31.60 ? 173 GLU A CB  1 
ATOM   14   C CG  . GLU A 1 16  ? 3.596   11.241  13.226  1.00 35.02 ? 173 GLU A CG  1 
ATOM   15   C CD  . GLU A 1 16  ? 4.786   10.247  13.360  1.00 40.98 ? 173 GLU A CD  1 
ATOM   16   O OE1 . GLU A 1 16  ? 5.928   10.628  13.030  1.00 45.22 ? 173 GLU A OE1 1 
ATOM   17   O OE2 . GLU A 1 16  ? 4.568   9.075   13.761  1.00 42.95 ? 173 GLU A OE2 1 
ATOM   18   N N   . LEU A 1 17  ? 1.963   11.644  9.772   1.00 28.79 ? 174 LEU A N   1 
ATOM   19   C CA  . LEU A 1 17  ? 1.019   10.702  9.141   1.00 25.58 ? 174 LEU A CA  1 
ATOM   20   C C   . LEU A 1 17  ? 1.681   10.096  7.901   1.00 24.55 ? 174 LEU A C   1 
ATOM   21   O O   . LEU A 1 17  ? 1.557   8.858   7.707   1.00 23.18 ? 174 LEU A O   1 
ATOM   22   C CB  . LEU A 1 17  ? -0.326  11.363  8.770   1.00 24.87 ? 174 LEU A CB  1 
ATOM   23   C CG  . LEU A 1 17  ? -1.315  10.441  8.018   1.00 27.20 ? 174 LEU A CG  1 
ATOM   24   C CD1 . LEU A 1 17  ? -1.718  9.314   8.889   1.00 22.24 ? 174 LEU A CD1 1 
ATOM   25   C CD2 . LEU A 1 17  ? -2.572  11.241  7.480   1.00 25.86 ? 174 LEU A CD2 1 
ATOM   26   N N   . TYR A 1 18  ? 2.386   10.895  7.115   1.00 24.71 ? 175 TYR A N   1 
ATOM   27   C CA  . TYR A 1 18  ? 3.083   10.429  5.908   1.00 25.79 ? 175 TYR A CA  1 
ATOM   28   C C   . TYR A 1 18  ? 4.165   9.476   6.352   1.00 24.97 ? 175 TYR A C   1 
ATOM   29   O O   . TYR A 1 18  ? 4.283   8.381   5.838   1.00 24.80 ? 175 TYR A O   1 
ATOM   30   C CB  . TYR A 1 18  ? 3.682   11.582  5.033   1.00 26.82 ? 175 TYR A CB  1 
ATOM   31   C CG  . TYR A 1 18  ? 4.466   11.087  3.804   1.00 29.44 ? 175 TYR A CG  1 
ATOM   32   C CD1 . TYR A 1 18  ? 3.857   10.993  2.554   1.00 31.93 ? 175 TYR A CD1 1 
ATOM   33   C CD2 . TYR A 1 18  ? 5.780   10.664  3.896   1.00 30.23 ? 175 TYR A CD2 1 
ATOM   34   C CE1 . TYR A 1 18  ? 4.540   10.515  1.420   1.00 30.91 ? 175 TYR A CE1 1 
ATOM   35   C CE2 . TYR A 1 18  ? 6.474   10.164  2.762   1.00 32.10 ? 175 TYR A CE2 1 
ATOM   36   C CZ  . TYR A 1 18  ? 5.853   10.109  1.526   1.00 35.21 ? 175 TYR A CZ  1 
ATOM   37   O OH  . TYR A 1 18  ? 6.483   9.630   0.384   1.00 36.56 ? 175 TYR A OH  1 
ATOM   38   N N   . ARG A 1 19  ? 4.988   9.867   7.346   1.00 24.08 ? 176 ARG A N   1 
ATOM   39   C CA  . ARG A 1 19  ? 6.074   8.987   7.688   1.00 24.53 ? 176 ARG A CA  1 
ATOM   40   C C   . ARG A 1 19  ? 5.582   7.629   8.193   1.00 22.57 ? 176 ARG A C   1 
ATOM   41   O O   . ARG A 1 19  ? 6.141   6.616   7.829   1.00 23.26 ? 176 ARG A O   1 
ATOM   42   C CB  . ARG A 1 19  ? 6.991   9.663   8.779   1.00 25.51 ? 176 ARG A CB  1 
ATOM   43   C CG  . ARG A 1 19  ? 8.123   8.724   9.307   1.00 32.78 ? 176 ARG A CG  1 
ATOM   44   C CD  . ARG A 1 19  ? 8.473   9.018   10.820  1.00 31.53 ? 176 ARG A CD  1 
ATOM   45   N NE  . ARG A 1 19  ? 7.514   8.521   11.799  1.00 34.99 ? 176 ARG A NE  1 
ATOM   46   C CZ  . ARG A 1 19  ? 7.314   7.231   12.067  1.00 35.23 ? 176 ARG A CZ  1 
ATOM   47   N NH1 . ARG A 1 19  ? 6.426   6.879   12.970  1.00 37.83 ? 176 ARG A NH1 1 
ATOM   48   N NH2 . ARG A 1 19  ? 8.006   6.291   11.446  1.00 38.66 ? 176 ARG A NH2 1 
ATOM   49   N N   . GLN A 1 20  ? 4.558   7.593   9.048   1.00 22.33 ? 177 GLN A N   1 
ATOM   50   C CA  . GLN A 1 20  ? 4.080   6.346   9.564   1.00 21.99 ? 177 GLN A CA  1 
ATOM   51   C C   . GLN A 1 20  ? 3.479   5.504   8.390   1.00 20.08 ? 177 GLN A C   1 
ATOM   52   O O   . GLN A 1 20  ? 3.675   4.294   8.297   1.00 20.88 ? 177 GLN A O   1 
ATOM   53   C CB  . GLN A 1 20  ? 2.961   6.526   10.603  1.00 23.50 ? 177 GLN A CB  1 
ATOM   54   C CG  . GLN A 1 20  ? 2.685   5.176   11.267  1.00 23.89 ? 177 GLN A CG  1 
ATOM   55   C CD  . GLN A 1 20  ? 1.590   5.269   12.356  1.00 30.02 ? 177 GLN A CD  1 
ATOM   56   O OE1 . GLN A 1 20  ? 1.383   4.322   13.152  1.00 31.77 ? 177 GLN A OE1 1 
ATOM   57   N NE2 . GLN A 1 20  ? 0.890   6.392   12.376  1.00 24.60 ? 177 GLN A NE2 1 
ATOM   58   N N   . SER A 1 21  ? 2.688   6.211   7.586   1.00 20.38 ? 178 SER A N   1 
ATOM   59   C CA  . SER A 1 21  ? 1.987   5.499   6.433   1.00 18.83 ? 178 SER A CA  1 
ATOM   60   C C   . SER A 1 21  ? 3.061   4.876   5.516   1.00 20.19 ? 178 SER A C   1 
ATOM   61   O O   . SER A 1 21  ? 2.882   3.720   5.080   1.00 18.67 ? 178 SER A O   1 
ATOM   62   C CB  . SER A 1 21  ? 1.134   6.509   5.637   1.00 17.96 ? 178 SER A CB  1 
ATOM   63   O OG  . SER A 1 21  ? 0.151   7.102   6.462   1.00 19.41 ? 178 SER A OG  1 
ATOM   64   N N   . LEU A 1 22  ? 4.103   5.628   5.140   1.00 19.57 ? 179 LEU A N   1 
ATOM   65   C CA  . LEU A 1 22  ? 5.186   5.107   4.248   1.00 22.08 ? 179 LEU A CA  1 
ATOM   66   C C   . LEU A 1 22  ? 5.873   3.938   4.924   1.00 24.07 ? 179 LEU A C   1 
ATOM   67   O O   . LEU A 1 22  ? 6.160   2.927   4.267   1.00 22.63 ? 179 LEU A O   1 
ATOM   68   C CB  . LEU A 1 22  ? 6.175   6.228   3.938   1.00 22.03 ? 179 LEU A CB  1 
ATOM   69   C CG  . LEU A 1 22  ? 7.333   5.671   3.099   1.00 23.48 ? 179 LEU A CG  1 
ATOM   70   C CD1 . LEU A 1 22  ? 6.765   5.255   1.760   1.00 27.02 ? 179 LEU A CD1 1 
ATOM   71   C CD2 . LEU A 1 22  ? 8.380   6.875   2.868   1.00 26.93 ? 179 LEU A CD2 1 
ATOM   72   N N   . GLU A 1 23  ? 6.130   4.027   6.250   1.00 23.94 ? 180 GLU A N   1 
ATOM   73   C CA  . GLU A 1 23  ? 6.744   2.892   6.968   1.00 22.39 ? 180 GLU A CA  1 
ATOM   74   C C   . GLU A 1 23  ? 5.922   1.609   6.809   1.00 22.74 ? 180 GLU A C   1 
ATOM   75   O O   . GLU A 1 23  ? 6.455   0.577   6.433   1.00 22.39 ? 180 GLU A O   1 
ATOM   76   C CB  . GLU A 1 23  ? 6.989   3.241   8.466   1.00 22.89 ? 180 GLU A CB  1 
ATOM   77   C CG  . GLU A 1 23  ? 7.482   2.052   9.315   0.75 25.68 ? 180 GLU A CG  1 
ATOM   78   C CD  . GLU A 1 23  ? 8.377   2.498   10.515  0.75 34.10 ? 180 GLU A CD  1 
ATOM   79   O OE1 . GLU A 1 23  ? 7.965   3.340   11.315  0.75 36.28 ? 180 GLU A OE1 1 
ATOM   80   O OE2 . GLU A 1 23  ? 9.509   1.983   10.643  0.75 41.87 ? 180 GLU A OE2 1 
ATOM   81   N N   . ILE A 1 24  ? 4.613   1.726   6.986   1.00 19.03 ? 181 ILE A N   1 
ATOM   82   C CA  . ILE A 1 24  ? 3.711   0.585   6.946   1.00 20.09 ? 181 ILE A CA  1 
ATOM   83   C C   . ILE A 1 24  ? 3.598   0.059   5.503   1.00 19.39 ? 181 ILE A C   1 
ATOM   84   O O   . ILE A 1 24  ? 3.852   -1.120  5.249   1.00 20.03 ? 181 ILE A O   1 
ATOM   85   C CB  . ILE A 1 24  ? 2.307   0.993   7.475   1.00 20.13 ? 181 ILE A CB  1 
ATOM   86   C CG1 . ILE A 1 24  ? 2.464   1.335   8.991   1.00 18.74 ? 181 ILE A CG1 1 
ATOM   87   C CG2 . ILE A 1 24  ? 1.380   -0.111  7.237   1.00 20.17 ? 181 ILE A CG2 1 
ATOM   88   C CD1 . ILE A 1 24  ? 1.255   1.972   9.609   1.00 19.30 ? 181 ILE A CD1 1 
ATOM   89   N N   . ILE A 1 25  ? 3.426   0.961   4.593   1.00 18.58 ? 182 ILE A N   1 
ATOM   90   C CA  . ILE A 1 25  ? 3.194   0.568   3.162   1.00 18.91 ? 182 ILE A CA  1 
ATOM   91   C C   . ILE A 1 25  ? 4.448   -0.027  2.541   1.00 19.98 ? 182 ILE A C   1 
ATOM   92   O O   . ILE A 1 25  ? 4.389   -1.107  1.917   1.00 19.48 ? 182 ILE A O   1 
ATOM   93   C CB  . ILE A 1 25  ? 2.616   1.763   2.368   1.00 16.82 ? 182 ILE A CB  1 
ATOM   94   C CG1 . ILE A 1 25  ? 1.197   1.969   2.935   1.00 19.17 ? 182 ILE A CG1 1 
ATOM   95   C CG2 . ILE A 1 25  ? 2.573   1.502   0.816   1.00 19.50 ? 182 ILE A CG2 1 
ATOM   96   C CD1 . ILE A 1 25  ? 0.570   3.281   2.477   1.00 19.11 ? 182 ILE A CD1 1 
ATOM   97   N N   . SER A 1 26  ? 5.579   0.682   2.713   1.00 18.97 ? 183 SER A N   1 
ATOM   98   C CA  A SER A 1 26  ? 6.915   0.204   2.327   0.50 20.79 ? 183 SER A CA  1 
ATOM   99   C CA  B SER A 1 26  ? 6.827   0.134   2.175   0.50 19.91 ? 183 SER A CA  1 
ATOM   100  C C   . SER A 1 26  ? 7.230   -1.190  2.849   1.00 20.44 ? 183 SER A C   1 
ATOM   101  O O   . SER A 1 26  ? 7.664   -2.091  2.128   1.00 21.11 ? 183 SER A O   1 
ATOM   102  C CB  A SER A 1 26  ? 7.909   1.166   2.962   0.50 21.41 ? 183 SER A CB  1 
ATOM   103  C CB  B SER A 1 26  ? 7.962   1.149   2.192   0.50 20.47 ? 183 SER A CB  1 
ATOM   104  O OG  A SER A 1 26  ? 8.025   2.311   2.127   0.50 24.98 ? 183 SER A OG  1 
ATOM   105  O OG  B SER A 1 26  ? 9.198   0.512   1.971   0.50 19.84 ? 183 SER A OG  1 
ATOM   106  N N   . ARG A 1 27  ? 7.023   -1.387  4.159   1.00 20.44 ? 184 ARG A N   1 
ATOM   107  C CA  . ARG A 1 27  ? 7.354   -2.697  4.778   1.00 20.61 ? 184 ARG A CA  1 
ATOM   108  C C   . ARG A 1 27  ? 6.499   -3.794  4.162   1.00 21.53 ? 184 ARG A C   1 
ATOM   109  O O   . ARG A 1 27  ? 7.050   -4.834  3.774   1.00 23.85 ? 184 ARG A O   1 
ATOM   110  C CB  . ARG A 1 27  ? 7.210   -2.689  6.294   1.00 20.56 ? 184 ARG A CB  1 
ATOM   111  C CG  . ARG A 1 27  ? 8.361   -1.977  6.914   1.00 25.50 ? 184 ARG A CG  1 
ATOM   112  C CD  . ARG A 1 27  ? 8.218   -1.778  8.413   1.00 27.80 ? 184 ARG A CD  1 
ATOM   113  N NE  . ARG A 1 27  ? 9.438   -1.094  8.901   1.00 38.14 ? 184 ARG A NE  1 
ATOM   114  C CZ  . ARG A 1 27  ? 10.319  -1.657  9.737   1.00 35.82 ? 184 ARG A CZ  1 
ATOM   115  N NH1 . ARG A 1 27  ? 10.122  -2.885  10.180  1.00 34.93 ? 184 ARG A NH1 1 
ATOM   116  N NH2 . ARG A 1 27  ? 11.396  -0.979  10.104  1.00 38.88 ? 184 ARG A NH2 1 
ATOM   117  N N   . TYR A 1 28  ? 5.178   -3.538  4.005   1.00 19.85 ? 185 TYR A N   1 
ATOM   118  C CA  . TYR A 1 28  ? 4.300   -4.561  3.459   1.00 19.18 ? 185 TYR A CA  1 
ATOM   119  C C   . TYR A 1 28  ? 4.657   -4.879  1.998   1.00 19.01 ? 185 TYR A C   1 
ATOM   120  O O   . TYR A 1 28  ? 4.697   -6.058  1.614   1.00 21.21 ? 185 TYR A O   1 
ATOM   121  C CB  . TYR A 1 28  ? 2.801   -4.162  3.585   1.00 18.62 ? 185 TYR A CB  1 
ATOM   122  C CG  . TYR A 1 28  ? 1.851   -5.268  3.126   1.00 16.98 ? 185 TYR A CG  1 
ATOM   123  C CD1 . TYR A 1 28  ? 1.753   -6.539  3.769   1.00 18.70 ? 185 TYR A CD1 1 
ATOM   124  C CD2 . TYR A 1 28  ? 0.970   -5.010  2.066   1.00 18.72 ? 185 TYR A CD2 1 
ATOM   125  C CE1 . TYR A 1 28  ? 0.823   -7.494  3.363   1.00 19.15 ? 185 TYR A CE1 1 
ATOM   126  C CE2 . TYR A 1 28  ? 0.094   -5.977  1.652   1.00 19.54 ? 185 TYR A CE2 1 
ATOM   127  C CZ  . TYR A 1 28  ? 0.003   -7.201  2.271   1.00 19.28 ? 185 TYR A CZ  1 
ATOM   128  O OH  . TYR A 1 28  ? -0.873  -8.173  1.854   1.00 23.26 ? 185 TYR A OH  1 
ATOM   129  N N   . LEU A 1 29  ? 4.898   -3.878  1.172   1.00 18.04 ? 186 LEU A N   1 
ATOM   130  C CA  . LEU A 1 29  ? 5.200   -4.179  -0.229  1.00 18.57 ? 186 LEU A CA  1 
ATOM   131  C C   . LEU A 1 29  ? 6.527   -4.957  -0.329  1.00 22.59 ? 186 LEU A C   1 
ATOM   132  O O   . LEU A 1 29  ? 6.629   -5.942  -1.036  1.00 22.43 ? 186 LEU A O   1 
ATOM   133  C CB  . LEU A 1 29  ? 5.287   -2.890  -0.972  1.00 18.16 ? 186 LEU A CB  1 
ATOM   134  C CG  . LEU A 1 29  ? 4.011   -2.451  -1.743  1.00 17.49 ? 186 LEU A CG  1 
ATOM   135  C CD1 . LEU A 1 29  ? 2.873   -2.436  -0.735  1.00 19.56 ? 186 LEU A CD1 1 
ATOM   136  C CD2 . LEU A 1 29  ? 4.232   -1.104  -2.467  1.00 20.14 ? 186 LEU A CD2 1 
ATOM   137  N N   . ARG A 1 30  ? 7.526   -4.556  0.448   1.00 22.84 ? 187 ARG A N   1 
ATOM   138  C CA  . ARG A 1 30  ? 8.836   -5.253  0.367   1.00 23.68 ? 187 ARG A CA  1 
ATOM   139  C C   . ARG A 1 30  ? 8.791   -6.670  0.860   1.00 24.17 ? 187 ARG A C   1 
ATOM   140  O O   . ARG A 1 30  ? 9.356   -7.574  0.219   1.00 24.71 ? 187 ARG A O   1 
ATOM   141  C CB  . ARG A 1 30  ? 9.846   -4.467  1.186   1.00 24.35 ? 187 ARG A CB  1 
ATOM   142  C CG  . ARG A 1 30  ? 10.304  -3.316  0.370   1.00 26.53 ? 187 ARG A CG  1 
ATOM   143  C CD  . ARG A 1 30  ? 11.540  -2.714  0.970   1.00 31.95 ? 187 ARG A CD  1 
ATOM   144  N NE  . ARG A 1 30  ? 11.183  -1.606  1.882   1.00 36.88 ? 187 ARG A NE  1 
ATOM   145  C CZ  . ARG A 1 30  ? 11.167  -1.647  3.227   1.00 43.16 ? 187 ARG A CZ  1 
ATOM   146  N NH1 . ARG A 1 30  ? 10.823  -0.530  3.919   1.00 39.57 ? 187 ARG A NH1 1 
ATOM   147  N NH2 . ARG A 1 30  ? 11.449  -2.781  3.896   1.00 40.40 ? 187 ARG A NH2 1 
ATOM   148  N N   . GLU A 1 31  ? 8.173   -6.908  1.998   1.00 24.26 ? 188 GLU A N   1 
ATOM   149  C CA  . GLU A 1 31  ? 7.939   -8.235  2.511   1.00 25.94 ? 188 GLU A CA  1 
ATOM   150  C C   . GLU A 1 31  ? 7.124   -9.198  1.585   1.00 26.07 ? 188 GLU A C   1 
ATOM   151  O O   . GLU A 1 31  ? 7.496   -10.345 1.373   1.00 25.74 ? 188 GLU A O   1 
ATOM   152  C CB  . GLU A 1 31  ? 7.313   -8.119  3.918   1.00 25.85 ? 188 GLU A CB  1 
ATOM   153  C CG  . GLU A 1 31  ? 6.699   -9.428  4.444   1.00 34.40 ? 188 GLU A CG  1 
ATOM   154  C CD  . GLU A 1 31  ? 6.139   -9.273  5.854   1.00 35.15 ? 188 GLU A CD  1 
ATOM   155  O OE1 . GLU A 1 31  ? 5.258   -10.083 6.278   1.00 39.03 ? 188 GLU A OE1 1 
ATOM   156  O OE2 . GLU A 1 31  ? 6.569   -8.319  6.545   1.00 33.75 ? 188 GLU A OE2 1 
ATOM   157  N N   . GLN A 1 32  ? 6.023   -8.705  0.979   1.00 22.99 ? 189 GLN A N   1 
ATOM   158  C CA  . GLN A 1 32  ? 5.309   -9.454  -0.021  1.00 23.41 ? 189 GLN A CA  1 
ATOM   159  C C   . GLN A 1 32  ? 6.223   -9.803  -1.229  1.00 24.66 ? 189 GLN A C   1 
ATOM   160  O O   . GLN A 1 32  ? 6.122   -10.922 -1.765  1.00 25.51 ? 189 GLN A O   1 
ATOM   161  C CB  . GLN A 1 32  ? 4.098   -8.592  -0.490  1.00 21.05 ? 189 GLN A CB  1 
ATOM   162  C CG  . GLN A 1 32  ? 3.070   -8.489  0.640   1.00 22.57 ? 189 GLN A CG  1 
ATOM   163  C CD  . GLN A 1 32  ? 2.183   -9.734  0.732   1.00 23.83 ? 189 GLN A CD  1 
ATOM   164  O OE1 . GLN A 1 32  ? 1.455   -10.077 -0.227  1.00 28.60 ? 189 GLN A OE1 1 
ATOM   165  N NE2 . GLN A 1 32  ? 2.224   -10.440 1.902   1.00 27.20 ? 189 GLN A NE2 1 
ATOM   166  N N   . ALA A 1 33  ? 7.077   -8.903  -1.626  1.00 23.79 ? 190 ALA A N   1 
ATOM   167  C CA  . ALA A 1 33  ? 7.836   -9.062  -2.872  1.00 26.10 ? 190 ALA A CA  1 
ATOM   168  C C   . ALA A 1 33  ? 8.996   -10.046 -2.645  1.00 30.17 ? 190 ALA A C   1 
ATOM   169  O O   . ALA A 1 33  ? 9.348   -10.800 -3.553  1.00 31.66 ? 190 ALA A O   1 
ATOM   170  C CB  . ALA A 1 33  ? 8.370   -7.710  -3.360  1.00 25.81 ? 190 ALA A CB  1 
ATOM   171  N N   . THR A 1 34  ? 9.573   -10.032 -1.459  1.00 31.60 ? 191 THR A N   1 
ATOM   172  C CA  . THR A 1 34  ? 10.805  -10.814 -1.186  1.00 33.86 ? 191 THR A CA  1 
ATOM   173  C C   . THR A 1 34  ? 10.508  -12.081 -0.388  1.00 35.26 ? 191 THR A C   1 
ATOM   174  O O   . THR A 1 34  ? 11.238  -13.077 -0.507  1.00 36.04 ? 191 THR A O   1 
ATOM   175  C CB  . THR A 1 34  ? 11.778  -10.074 -0.315  1.00 33.93 ? 191 THR A CB  1 
ATOM   176  O OG1 . THR A 1 34  ? 11.182  -10.004 0.994   1.00 38.04 ? 191 THR A OG1 1 
ATOM   177  C CG2 . THR A 1 34  ? 12.135  -8.690  -0.834  1.00 32.65 ? 191 THR A CG2 1 
ATOM   178  N N   . GLY A 1 35  ? 9.479   -12.059 0.452   1.00 34.93 ? 192 GLY A N   1 
ATOM   179  C CA  . GLY A 1 35  ? 9.156   -13.134 1.334   1.00 37.60 ? 192 GLY A CA  1 
ATOM   180  C C   . GLY A 1 35  ? 9.778   -12.884 2.690   1.00 39.54 ? 192 GLY A C   1 
ATOM   181  O O   . GLY A 1 35  ? 9.429   -13.554 3.657   1.00 41.59 ? 192 GLY A O   1 
ATOM   182  N N   . ALA A 1 36  ? 10.680  -11.921 2.796   1.00 40.47 ? 193 ALA A N   1 
ATOM   183  C CA  . ALA A 1 36  ? 11.410  -11.740 4.075   1.00 41.73 ? 193 ALA A CA  1 
ATOM   184  C C   . ALA A 1 36  ? 10.847  -10.645 4.975   1.00 42.21 ? 193 ALA A C   1 
ATOM   185  O O   . ALA A 1 36  ? 10.592  -9.562  4.490   1.00 42.28 ? 193 ALA A O   1 
ATOM   186  C CB  . ALA A 1 36  ? 12.887  -11.445 3.808   1.00 41.16 ? 193 ALA A CB  1 
ATOM   187  N N   . LYS A 1 37  ? 10.701  -10.893 6.283   1.00 42.29 ? 194 LYS A N   1 
ATOM   188  C CA  . LYS A 1 37  ? 10.366  -9.787  7.194   1.00 43.21 ? 194 LYS A CA  1 
ATOM   189  C C   . LYS A 1 37  ? 11.550  -8.858  7.410   1.00 43.69 ? 194 LYS A C   1 
ATOM   190  O O   . LYS A 1 37  ? 12.689  -9.316  7.573   1.00 43.86 ? 194 LYS A O   1 
ATOM   191  C CB  . LYS A 1 37  ? 9.925   -10.300 8.553   1.00 44.22 ? 194 LYS A CB  1 
ATOM   192  C CG  . LYS A 1 37  ? 8.604   -10.978 8.457   1.00 45.91 ? 194 LYS A CG  1 
ATOM   193  C CD  . LYS A 1 37  ? 7.964   -11.136 9.806   1.00 50.32 ? 194 LYS A CD  1 
ATOM   194  C CE  . LYS A 1 37  ? 6.523   -11.544 9.576   1.00 52.22 ? 194 LYS A CE  1 
ATOM   195  N NZ  . LYS A 1 37  ? 5.993   -12.306 10.726  1.00 55.91 ? 194 LYS A NZ  1 
ATOM   196  N N   . ASP A 1 38  ? 11.265  -7.552  7.419   1.00 42.99 ? 195 ASP A N   1 
ATOM   197  C CA  . ASP A 1 38  ? 12.250  -6.519  7.678   1.00 43.14 ? 195 ASP A CA  1 
ATOM   198  C C   . ASP A 1 38  ? 12.388  -6.450  9.198   1.00 43.64 ? 195 ASP A C   1 
ATOM   199  O O   . ASP A 1 38  ? 11.413  -6.255  9.889   1.00 43.59 ? 195 ASP A O   1 
ATOM   200  C CB  . ASP A 1 38  ? 11.728  -5.201  7.149   1.00 42.39 ? 195 ASP A CB  1 
ATOM   201  C CG  . ASP A 1 38  ? 12.676  -4.060  7.397   1.00 45.54 ? 195 ASP A CG  1 
ATOM   202  O OD1 . ASP A 1 38  ? 13.488  -4.205  8.358   1.00 46.27 ? 195 ASP A OD1 1 
ATOM   203  O OD2 . ASP A 1 38  ? 12.650  -3.063  6.609   1.00 44.17 ? 195 ASP A OD2 1 
ATOM   204  N N   . THR A 1 39  ? 13.600  -6.622  9.715   1.00 45.66 ? 196 THR A N   1 
ATOM   205  C CA  . THR A 1 39  ? 13.807  -6.790  11.157  1.00 45.21 ? 196 THR A CA  1 
ATOM   206  C C   . THR A 1 39  ? 14.220  -5.450  11.767  1.00 45.80 ? 196 THR A C   1 
ATOM   207  O O   . THR A 1 39  ? 14.228  -5.274  12.990  1.00 45.76 ? 196 THR A O   1 
ATOM   208  C CB  . THR A 1 39  ? 14.877  -7.905  11.485  1.00 45.34 ? 196 THR A CB  1 
ATOM   209  O OG1 . THR A 1 39  ? 16.136  -7.542  10.918  1.00 45.80 ? 196 THR A OG1 1 
ATOM   210  C CG2 . THR A 1 39  ? 14.469  -9.247  10.905  1.00 44.85 ? 196 THR A CG2 1 
ATOM   211  N N   . LYS A 1 40  ? 14.535  -4.482  10.915  1.00 45.11 ? 197 LYS A N   1 
ATOM   212  C CA  . LYS A 1 40  ? 15.009  -3.232  11.440  1.00 44.67 ? 197 LYS A CA  1 
ATOM   213  C C   . LYS A 1 40  ? 13.915  -2.531  12.267  1.00 43.68 ? 197 LYS A C   1 
ATOM   214  O O   . LYS A 1 40  ? 12.707  -2.716  12.025  1.00 42.35 ? 197 LYS A O   1 
ATOM   215  C CB  . LYS A 1 40  ? 15.569  -2.361  10.348  1.00 45.25 ? 197 LYS A CB  1 
ATOM   216  C CG  . LYS A 1 40  ? 15.217  -0.916  10.452  1.00 48.82 ? 197 LYS A CG  1 
ATOM   217  C CD  . LYS A 1 40  ? 15.449  -0.303  9.068   1.00 54.66 ? 197 LYS A CD  1 
ATOM   218  C CE  . LYS A 1 40  ? 15.264  1.205   9.074   1.00 57.52 ? 197 LYS A CE  1 
ATOM   219  N NZ  . LYS A 1 40  ? 13.816  1.552   8.943   1.00 60.63 ? 197 LYS A NZ  1 
ATOM   220  N N   . PRO A 1 41  ? 14.345  -1.754  13.282  1.00 41.11 ? 198 PRO A N   1 
ATOM   221  C CA  . PRO A 1 41  ? 13.498  -1.102  14.257  1.00 40.08 ? 198 PRO A CA  1 
ATOM   222  C C   . PRO A 1 41  ? 12.536  -0.162  13.587  1.00 38.52 ? 198 PRO A C   1 
ATOM   223  O O   . PRO A 1 41  ? 12.844  0.400   12.525  1.00 37.54 ? 198 PRO A O   1 
ATOM   224  C CB  . PRO A 1 41  ? 14.494  -0.286  15.086  1.00 39.94 ? 198 PRO A CB  1 
ATOM   225  C CG  . PRO A 1 41  ? 15.732  -1.134  15.003  1.00 41.20 ? 198 PRO A CG  1 
ATOM   226  C CD  . PRO A 1 41  ? 15.770  -1.585  13.585  1.00 41.31 ? 198 PRO A CD  1 
ATOM   227  N N   . MET A 1 42  ? 11.375  0.009   14.183  1.00 37.20 ? 199 MET A N   1 
ATOM   228  C CA  . MET A 1 42  ? 10.457  1.021   13.660  1.00 38.25 ? 199 MET A CA  1 
ATOM   229  C C   . MET A 1 42  ? 10.666  2.360   14.318  1.00 37.99 ? 199 MET A C   1 
ATOM   230  O O   . MET A 1 42  ? 11.223  2.428   15.413  1.00 36.48 ? 199 MET A O   1 
ATOM   231  C CB  . MET A 1 42  ? 9.015   0.564   13.835  1.00 38.99 ? 199 MET A CB  1 
ATOM   232  C CG  . MET A 1 42  ? 8.660   -0.391  12.704  1.00 44.33 ? 199 MET A CG  1 
ATOM   233  S SD  . MET A 1 42  ? 7.124   -1.219  13.058  1.00 48.86 ? 199 MET A SD  1 
ATOM   234  C CE  . MET A 1 42  ? 7.107   -2.559  11.851  1.00 47.88 ? 199 MET A CE  1 
ATOM   235  N N   . GLY A 1 43  ? 10.253  3.425   13.638  1.00 37.30 ? 200 GLY A N   1 
ATOM   236  C CA  . GLY A 1 43  ? 10.180  4.752   14.270  1.00 37.31 ? 200 GLY A CA  1 
ATOM   237  C C   . GLY A 1 43  ? 9.060   4.854   15.290  1.00 37.47 ? 200 GLY A C   1 
ATOM   238  O O   . GLY A 1 43  ? 8.609   3.869   15.861  1.00 36.44 ? 200 GLY A O   1 
ATOM   239  N N   . ARG A 1 44  ? 8.589   6.052   15.580  1.00 38.68 ? 201 ARG A N   1 
ATOM   240  C CA  . ARG A 1 44  ? 7.646   6.085   16.673  1.00 41.03 ? 201 ARG A CA  1 
ATOM   241  C C   . ARG A 1 44  ? 6.287   5.522   16.201  1.00 41.51 ? 201 ARG A C   1 
ATOM   242  O O   . ARG A 1 44  ? 6.132   5.232   15.004  1.00 43.10 ? 201 ARG A O   1 
ATOM   243  C CB  . ARG A 1 44  ? 7.602   7.467   17.271  1.00 42.50 ? 201 ARG A CB  1 
ATOM   244  C CG  . ARG A 1 44  ? 7.407   8.513   16.246  1.00 46.92 ? 201 ARG A CG  1 
ATOM   245  C CD  . ARG A 1 44  ? 5.980   8.830   16.312  1.00 52.36 ? 201 ARG A CD  1 
ATOM   246  N NE  . ARG A 1 44  ? 5.748   10.264  16.367  1.00 57.51 ? 201 ARG A NE  1 
ATOM   247  C CZ  . ARG A 1 44  ? 4.887   10.816  17.218  1.00 59.33 ? 201 ARG A CZ  1 
ATOM   248  N NH1 . ARG A 1 44  ? 4.685   12.126  17.210  1.00 58.72 ? 201 ARG A NH1 1 
ATOM   249  N NH2 . ARG A 1 44  ? 4.226   10.050  18.085  1.00 58.28 ? 201 ARG A NH2 1 
ATOM   250  N N   . SER A 1 45  ? 5.367   5.300   17.130  1.00 40.56 ? 202 SER A N   1 
ATOM   251  C CA  . SER A 1 45  ? 4.070   4.643   16.834  1.00 40.18 ? 202 SER A CA  1 
ATOM   252  C C   . SER A 1 45  ? 4.286   3.252   16.211  1.00 39.06 ? 202 SER A C   1 
ATOM   253  O O   . SER A 1 45  ? 3.346   2.643   15.670  1.00 37.87 ? 202 SER A O   1 
ATOM   254  C CB  . SER A 1 45  ? 3.199   5.504   15.942  1.00 39.92 ? 202 SER A CB  1 
ATOM   255  O OG  . SER A 1 45  ? 2.931   6.737   16.583  1.00 44.26 ? 202 SER A OG  1 
ATOM   256  N N   . GLY A 1 46  ? 5.520   2.756   16.329  1.00 36.47 ? 203 GLY A N   1 
ATOM   257  C CA  . GLY A 1 46  ? 5.815   1.360   15.997  1.00 33.78 ? 203 GLY A CA  1 
ATOM   258  C C   . GLY A 1 46  ? 4.856   0.327   16.588  1.00 32.17 ? 203 GLY A C   1 
ATOM   259  O O   . GLY A 1 46  ? 4.670   -0.757  15.976  1.00 31.53 ? 203 GLY A O   1 
ATOM   260  N N   . ALA A 1 47  ? 4.201   0.592   17.720  0.75 29.77 ? 204 ALA A N   1 
ATOM   261  C CA  . ALA A 1 47  ? 3.264   -0.428  18.232  0.75 29.36 ? 204 ALA A CA  1 
ATOM   262  C C   . ALA A 1 47  ? 1.997   -0.525  17.317  0.75 27.42 ? 204 ALA A C   1 
ATOM   263  O O   . ALA A 1 47  ? 1.381   -1.624  17.071  0.75 27.50 ? 204 ALA A O   1 
ATOM   264  C CB  . ALA A 1 47  ? 2.856   -0.131  19.669  0.75 29.11 ? 204 ALA A CB  1 
ATOM   265  N N   . THR A 1 48  ? 1.591   0.657   16.902  1.00 28.70 ? 205 THR A N   1 
ATOM   266  C CA  . THR A 1 48  ? 0.419   0.769   15.948  1.00 28.34 ? 205 THR A CA  1 
ATOM   267  C C   . THR A 1 48  ? 0.851   0.237   14.589  1.00 27.26 ? 205 THR A C   1 
ATOM   268  O O   . THR A 1 48  ? 0.135   -0.607  14.019  1.00 26.30 ? 205 THR A O   1 
ATOM   269  C CB  . THR A 1 48  ? -0.117  2.180   15.878  1.00 29.91 ? 205 THR A CB  1 
ATOM   270  O OG1 . THR A 1 48  ? -0.803  2.436   17.103  1.00 30.05 ? 205 THR A OG1 1 
ATOM   271  C CG2 . THR A 1 48  ? -1.222  2.288   14.746  1.00 27.49 ? 205 THR A CG2 1 
ATOM   272  N N   . SER A 1 49  ? 2.058   0.593   14.157  1.00 27.41 ? 206 SER A N   1 
ATOM   273  C CA  . SER A 1 49  ? 2.593   0.121   12.852  1.00 26.48 ? 206 SER A CA  1 
ATOM   274  C C   . SER A 1 49  ? 2.680   -1.403  12.830  1.00 27.27 ? 206 SER A C   1 
ATOM   275  O O   . SER A 1 49  ? 2.341   -2.072  11.848  1.00 25.02 ? 206 SER A O   1 
ATOM   276  C CB  . SER A 1 49  ? 3.930   0.789   12.517  1.00 27.88 ? 206 SER A CB  1 
ATOM   277  O OG  . SER A 1 49  ? 3.760   2.179   12.374  1.00 26.89 ? 206 SER A OG  1 
ATOM   278  N N   . ARG A 1 50  ? 3.156   -2.005  13.920  1.00 26.58 ? 207 ARG A N   1 
ATOM   279  C CA  . ARG A 1 50  ? 3.127   -3.442  13.986  1.00 26.08 ? 207 ARG A CA  1 
ATOM   280  C C   . ARG A 1 50  ? 1.756   -4.109  13.810  1.00 25.57 ? 207 ARG A C   1 
ATOM   281  O O   . ARG A 1 50  ? 1.629   -5.094  13.114  1.00 26.33 ? 207 ARG A O   1 
ATOM   282  C CB  . ARG A 1 50  ? 3.789   -3.914  15.325  1.00 28.53 ? 207 ARG A CB  1 
ATOM   283  C CG  . ARG A 1 50  ? 5.277   -3.870  15.283  1.00 31.44 ? 207 ARG A CG  1 
ATOM   284  C CD  . ARG A 1 50  ? 5.860   -4.492  16.637  1.00 33.19 ? 207 ARG A CD  1 
ATOM   285  N NE  . ARG A 1 50  ? 7.280   -4.445  16.495  0.75 37.56 ? 207 ARG A NE  1 
ATOM   286  C CZ  . ARG A 1 50  ? 7.980   -3.376  16.809  0.75 36.43 ? 207 ARG A CZ  1 
ATOM   287  N NH1 . ARG A 1 50  ? 9.282   -3.367  16.597  0.75 39.95 ? 207 ARG A NH1 1 
ATOM   288  N NH2 . ARG A 1 50  ? 7.361   -2.338  17.380  0.75 37.12 ? 207 ARG A NH2 1 
ATOM   289  N N   . LYS A 1 51  ? 0.708   -3.621  14.474  1.00 24.91 ? 208 LYS A N   1 
ATOM   290  C CA  . LYS A 1 51  ? -0.598  -4.249  14.365  1.00 24.21 ? 208 LYS A CA  1 
ATOM   291  C C   . LYS A 1 51  ? -1.177  -3.936  12.975  1.00 23.34 ? 208 LYS A C   1 
ATOM   292  O O   . LYS A 1 51  ? -1.952  -4.729  12.434  1.00 22.32 ? 208 LYS A O   1 
ATOM   293  C CB  . LYS A 1 51  ? -1.506  -3.632  15.361  1.00 23.48 ? 208 LYS A CB  1 
ATOM   294  C CG  . LYS A 1 51  ? -1.146  -4.007  16.873  1.00 26.72 ? 208 LYS A CG  1 
ATOM   295  C CD  . LYS A 1 51  ? -1.922  -3.022  17.742  1.00 34.47 ? 208 LYS A CD  1 
ATOM   296  C CE  . LYS A 1 51  ? -1.528  -3.061  19.229  1.00 44.52 ? 208 LYS A CE  1 
ATOM   297  N NZ  . LYS A 1 51  ? -1.979  -1.735  19.828  1.00 45.99 ? 208 LYS A NZ  1 
ATOM   298  N N   . ALA A 1 52  ? -0.834  -2.778  12.469  1.00 22.41 ? 209 ALA A N   1 
ATOM   299  C CA  . ALA A 1 52  ? -1.290  -2.456  11.082  1.00 22.79 ? 209 ALA A CA  1 
ATOM   300  C C   . ALA A 1 52  ? -0.660  -3.452  10.111  1.00 23.99 ? 209 ALA A C   1 
ATOM   301  O O   . ALA A 1 52  ? -1.307  -3.868  9.125   1.00 20.76 ? 209 ALA A O   1 
ATOM   302  C CB  . ALA A 1 52  ? -0.931  -1.075  10.675  1.00 21.99 ? 209 ALA A CB  1 
ATOM   303  N N   . LEU A 1 53  ? 0.580   -3.882  10.374  1.00 23.11 ? 210 LEU A N   1 
ATOM   304  C CA  . LEU A 1 53  ? 1.220   -4.877  9.465   1.00 23.90 ? 210 LEU A CA  1 
ATOM   305  C C   . LEU A 1 53  ? 0.651   -6.237  9.629   1.00 25.06 ? 210 LEU A C   1 
ATOM   306  O O   . LEU A 1 53  ? 0.417   -6.949  8.641   1.00 25.32 ? 210 LEU A O   1 
ATOM   307  C CB  . LEU A 1 53  ? 2.748   -4.934  9.684   1.00 24.27 ? 210 LEU A CB  1 
ATOM   308  C CG  . LEU A 1 53  ? 3.508   -3.878  8.900   1.00 23.72 ? 210 LEU A CG  1 
ATOM   309  C CD1 . LEU A 1 53  ? 5.009   -4.029  9.301   1.00 29.93 ? 210 LEU A CD1 1 
ATOM   310  C CD2 . LEU A 1 53  ? 3.537   -4.052  7.370   1.00 23.91 ? 210 LEU A CD2 1 
ATOM   311  N N   . GLU A 1 54  ? 0.331   -6.584  10.879  1.00 24.57 ? 211 GLU A N   1 
ATOM   312  C CA  . GLU A 1 54  ? -0.315  -7.832  11.152  1.00 25.45 ? 211 GLU A CA  1 
ATOM   313  C C   . GLU A 1 54  ? -1.614  -7.841  10.369  1.00 23.78 ? 211 GLU A C   1 
ATOM   314  O O   . GLU A 1 54  ? -2.073  -8.892  9.827   1.00 25.15 ? 211 GLU A O   1 
ATOM   315  C CB  . GLU A 1 54  ? -0.712  -7.996  12.628  1.00 26.77 ? 211 GLU A CB  1 
ATOM   316  C CG  . GLU A 1 54  ? -1.480  -9.328  12.889  1.00 31.15 ? 211 GLU A CG  1 
ATOM   317  C CD  . GLU A 1 54  ? -3.099  -9.371  12.834  0.75 38.44 ? 211 GLU A CD  1 
ATOM   318  O OE1 . GLU A 1 54  ? -3.852  -8.359  13.045  0.75 35.77 ? 211 GLU A OE1 1 
ATOM   319  O OE2 . GLU A 1 54  ? -3.627  -10.500 12.624  0.75 34.37 ? 211 GLU A OE2 1 
ATOM   320  N N   . THR A 1 55  ? -2.283  -6.686  10.392  1.00 21.82 ? 212 THR A N   1 
ATOM   321  C CA  . THR A 1 55  ? -3.660  -6.608  9.785   1.00 21.11 ? 212 THR A CA  1 
ATOM   322  C C   . THR A 1 55  ? -3.529  -6.721  8.271   1.00 19.89 ? 212 THR A C   1 
ATOM   323  O O   . THR A 1 55  ? -4.379  -7.377  7.609   1.00 21.54 ? 212 THR A O   1 
ATOM   324  C CB  . THR A 1 55  ? -4.283  -5.232  10.121  1.00 19.26 ? 212 THR A CB  1 
ATOM   325  O OG1 . THR A 1 55  ? -4.486  -5.149  11.543  1.00 21.92 ? 212 THR A OG1 1 
ATOM   326  C CG2 . THR A 1 55  ? -5.664  -5.091  9.477   1.00 18.96 ? 212 THR A CG2 1 
ATOM   327  N N   . LEU A 1 56  ? -2.524  -6.058  7.705   1.00 20.31 ? 213 LEU A N   1 
ATOM   328  C CA  . LEU A 1 56  ? -2.253  -6.176  6.235   1.00 19.17 ? 213 LEU A CA  1 
ATOM   329  C C   . LEU A 1 56  ? -1.928  -7.610  5.842   1.00 21.37 ? 213 LEU A C   1 
ATOM   330  O O   . LEU A 1 56  ? -2.393  -8.093  4.802   1.00 21.88 ? 213 LEU A O   1 
ATOM   331  C CB  . LEU A 1 56  ? -1.193  -5.208  5.731   1.00 20.42 ? 213 LEU A CB  1 
ATOM   332  C CG  . LEU A 1 56  ? -1.612  -3.715  5.637   1.00 20.13 ? 213 LEU A CG  1 
ATOM   333  C CD1 . LEU A 1 56  ? -0.437  -2.768  5.399   1.00 20.19 ? 213 LEU A CD1 1 
ATOM   334  C CD2 . LEU A 1 56  ? -2.623  -3.559  4.422   1.00 19.79 ? 213 LEU A CD2 1 
ATOM   335  N N   . ARG A 1 57  ? -1.071  -8.274  6.611   1.00 23.42 ? 214 ARG A N   1 
ATOM   336  C CA  . ARG A 1 57  ? -0.744  -9.681  6.229   1.00 24.44 ? 214 ARG A CA  1 
ATOM   337  C C   . ARG A 1 57  ? -2.009  -10.484 6.210   1.00 24.36 ? 214 ARG A C   1 
ATOM   338  O O   . ARG A 1 57  ? -2.300  -11.253 5.246   1.00 28.51 ? 214 ARG A O   1 
ATOM   339  C CB  . ARG A 1 57  ? 0.217   -10.295 7.247   1.00 24.54 ? 214 ARG A CB  1 
ATOM   340  C CG  . ARG A 1 57  ? 1.561   -9.707  7.167   1.00 23.87 ? 214 ARG A CG  1 
ATOM   341  C CD  . ARG A 1 57  ? 2.385   -10.347 8.290   1.00 29.29 ? 214 ARG A CD  1 
ATOM   342  N NE  . ARG A 1 57  ? 3.576   -9.564  8.372   1.00 28.29 ? 214 ARG A NE  1 
ATOM   343  C CZ  . ARG A 1 57  ? 3.944   -8.900  9.482   1.00 26.02 ? 214 ARG A CZ  1 
ATOM   344  N NH1 . ARG A 1 57  ? 3.237   -9.029  10.613  1.00 24.80 ? 214 ARG A NH1 1 
ATOM   345  N NH2 . ARG A 1 57  ? 5.001   -8.112  9.407   1.00 27.63 ? 214 ARG A NH2 1 
ATOM   346  N N   . ARG A 1 58  ? -2.802  -10.344 7.248   1.00 23.62 ? 215 ARG A N   1 
ATOM   347  C CA  . ARG A 1 58  ? -4.041  -11.109 7.385   1.00 24.84 ? 215 ARG A CA  1 
ATOM   348  C C   . ARG A 1 58  ? -5.104  -10.747 6.323   1.00 23.25 ? 215 ARG A C   1 
ATOM   349  O O   . ARG A 1 58  ? -5.637  -11.610 5.600   1.00 27.16 ? 215 ARG A O   1 
ATOM   350  C CB  . ARG A 1 58  ? -4.613  -10.873 8.778   1.00 23.80 ? 215 ARG A CB  1 
ATOM   351  C CG  . ARG A 1 58  ? -6.018  -11.429 8.957   1.00 27.61 ? 215 ARG A CG  1 
ATOM   352  C CD  . ARG A 1 58  ? -6.302  -11.549 10.460  1.00 28.90 ? 215 ARG A CD  1 
ATOM   353  N NE  . ARG A 1 58  ? -6.102  -10.277 11.166  1.00 27.28 ? 215 ARG A NE  1 
ATOM   354  C CZ  . ARG A 1 58  ? -7.031  -9.339  11.305  1.00 25.94 ? 215 ARG A CZ  1 
ATOM   355  N NH1 . ARG A 1 58  ? -8.215  -9.488  10.809  1.00 24.02 ? 215 ARG A NH1 1 
ATOM   356  N NH2 . ARG A 1 58  ? -6.737  -8.238  11.997  1.00 28.59 ? 215 ARG A NH2 1 
ATOM   357  N N   . VAL A 1 59  ? -5.388  -9.456  6.178   1.00 22.37 ? 216 VAL A N   1 
ATOM   358  C CA  . VAL A 1 59  ? -6.480  -9.031  5.276   1.00 19.31 ? 216 VAL A CA  1 
ATOM   359  C C   . VAL A 1 59  ? -5.973  -8.843  3.841   1.00 21.35 ? 216 VAL A C   1 
ATOM   360  O O   . VAL A 1 59  ? -6.592  -9.346  2.898   1.00 20.26 ? 216 VAL A O   1 
ATOM   361  C CB  . VAL A 1 59  ? -7.145  -7.717  5.747   1.00 20.62 ? 216 VAL A CB  1 
ATOM   362  C CG1 . VAL A 1 59  ? -8.274  -7.309  4.831   1.00 21.17 ? 216 VAL A CG1 1 
ATOM   363  C CG2 . VAL A 1 59  ? -7.676  -7.829  7.215   1.00 24.17 ? 216 VAL A CG2 1 
ATOM   364  N N   . GLY A 1 60  ? -4.866  -8.113  3.698   1.00 21.27 ? 217 GLY A N   1 
ATOM   365  C CA  . GLY A 1 60  ? -4.220  -7.840  2.395   1.00 18.84 ? 217 GLY A CA  1 
ATOM   366  C C   . GLY A 1 60  ? -3.926  -9.090  1.610   1.00 19.98 ? 217 GLY A C   1 
ATOM   367  O O   . GLY A 1 60  ? -4.119  -9.145  0.390   1.00 21.44 ? 217 GLY A O   1 
ATOM   368  N N   . ASP A 1 61  ? -3.376  -10.113 2.278   1.00 21.98 ? 218 ASP A N   1 
ATOM   369  C CA  . ASP A 1 61  ? -3.132  -11.341 1.522   1.00 22.86 ? 218 ASP A CA  1 
ATOM   370  C C   . ASP A 1 61  ? -4.462  -11.912 0.942   1.00 21.48 ? 218 ASP A C   1 
ATOM   371  O O   . ASP A 1 61  ? -4.512  -12.393 -0.242  1.00 21.01 ? 218 ASP A O   1 
ATOM   372  C CB  . ASP A 1 61  ? -2.449  -12.388 2.408   1.00 24.00 ? 218 ASP A CB  1 
ATOM   373  C CG  . ASP A 1 61  ? -1.037  -11.947 2.902   1.00 28.65 ? 218 ASP A CG  1 
ATOM   374  O OD1 . ASP A 1 61  ? -0.584  -10.759 2.781   1.00 28.11 ? 218 ASP A OD1 1 
ATOM   375  O OD2 . ASP A 1 61  ? -0.358  -12.863 3.470   1.00 32.92 ? 218 ASP A OD2 1 
ATOM   376  N N   . GLY A 1 62  ? -5.545  -11.951 1.742   1.00 19.53 ? 219 GLY A N   1 
ATOM   377  C CA  . GLY A 1 62  ? -6.834  -12.351 1.207   1.00 18.93 ? 219 GLY A CA  1 
ATOM   378  C C   . GLY A 1 62  ? -7.446  -11.434 0.108   1.00 17.49 ? 219 GLY A C   1 
ATOM   379  O O   . GLY A 1 62  ? -8.127  -11.927 -0.811  1.00 21.99 ? 219 GLY A O   1 
ATOM   380  N N   . VAL A 1 63  ? -7.309  -10.124 0.251   1.00 16.79 ? 220 VAL A N   1 
ATOM   381  C CA  . VAL A 1 63  ? -7.698  -9.213  -0.861  1.00 16.69 ? 220 VAL A CA  1 
ATOM   382  C C   . VAL A 1 63  ? -7.033  -9.601  -2.185  1.00 15.74 ? 220 VAL A C   1 
ATOM   383  O O   . VAL A 1 63  ? -7.702  -9.592  -3.225  1.00 15.98 ? 220 VAL A O   1 
ATOM   384  C CB  . VAL A 1 63  ? -7.415  -7.778  -0.454  1.00 17.46 ? 220 VAL A CB  1 
ATOM   385  C CG1 . VAL A 1 63  ? -7.679  -6.818  -1.627  1.00 16.70 ? 220 VAL A CG1 1 
ATOM   386  C CG2 . VAL A 1 63  ? -8.334  -7.415  0.781   1.00 16.13 ? 220 VAL A CG2 1 
ATOM   387  N N   . GLN A 1 64  ? -5.744  -9.923  -2.163  1.00 14.48 ? 221 GLN A N   1 
ATOM   388  C CA  . GLN A 1 64  ? -5.023  -10.260 -3.396  1.00 15.47 ? 221 GLN A CA  1 
ATOM   389  C C   . GLN A 1 64  ? -5.577  -11.568 -3.960  1.00 19.38 ? 221 GLN A C   1 
ATOM   390  O O   . GLN A 1 64  ? -5.700  -11.713 -5.138  1.00 20.35 ? 221 GLN A O   1 
ATOM   391  C CB  . GLN A 1 64  ? -3.529  -10.425 -3.058  1.00 16.80 ? 221 GLN A CB  1 
ATOM   392  C CG  . GLN A 1 64  ? -2.861  -9.000  -2.813  1.00 17.18 ? 221 GLN A CG  1 
ATOM   393  C CD  . GLN A 1 64  ? -1.428  -9.170  -2.499  1.00 19.66 ? 221 GLN A CD  1 
ATOM   394  O OE1 . GLN A 1 64  ? -0.675  -9.526  -3.400  1.00 21.84 ? 221 GLN A OE1 1 
ATOM   395  N NE2 . GLN A 1 64  ? -1.033  -8.960  -1.234  1.00 18.35 ? 221 GLN A NE2 1 
ATOM   396  N N   . ARG A 1 65  ? -5.923  -12.505 -3.069  1.00 19.78 ? 222 ARG A N   1 
ATOM   397  C CA  . ARG A 1 65  ? -6.506  -13.786 -3.571  1.00 21.39 ? 222 ARG A CA  1 
ATOM   398  C C   . ARG A 1 65  ? -7.886  -13.563 -4.133  1.00 21.04 ? 222 ARG A C   1 
ATOM   399  O O   . ARG A 1 65  ? -8.242  -14.048 -5.248  1.00 21.55 ? 222 ARG A O   1 
ATOM   400  C CB  . ARG A 1 65  ? -6.532  -14.876 -2.465  1.00 22.36 ? 222 ARG A CB  1 
ATOM   401  C CG  . ARG A 1 65  ? -5.196  -15.301 -1.987  1.00 28.98 ? 222 ARG A CG  1 
ATOM   402  C CD  . ARG A 1 65  ? -5.325  -16.492 -0.924  1.00 32.54 ? 222 ARG A CD  1 
ATOM   403  N NE  . ARG A 1 65  ? -6.052  -16.151 0.341   1.00 35.02 ? 222 ARG A NE  1 
ATOM   404  C CZ  . ARG A 1 65  ? -5.462  -15.740 1.469   1.00 38.36 ? 222 ARG A CZ  1 
ATOM   405  N NH1 . ARG A 1 65  ? -4.135  -15.626 1.552   1.00 39.79 ? 222 ARG A NH1 1 
ATOM   406  N NH2 . ARG A 1 65  ? -6.194  -15.436 2.525   1.00 40.94 ? 222 ARG A NH2 1 
ATOM   407  N N   . ASN A 1 66  ? -8.711  -12.857 -3.398  1.00 20.80 ? 223 ASN A N   1 
ATOM   408  C CA  . ASN A 1 66  ? -10.079 -12.674 -3.759  1.00 20.04 ? 223 ASN A CA  1 
ATOM   409  C C   . ASN A 1 66  ? -10.279 -11.792 -5.013  1.00 20.87 ? 223 ASN A C   1 
ATOM   410  O O   . ASN A 1 66  ? -11.170 -12.014 -5.724  1.00 21.40 ? 223 ASN A O   1 
ATOM   411  C CB  . ASN A 1 66  ? -10.903 -12.168 -2.572  1.00 21.30 ? 223 ASN A CB  1 
ATOM   412  C CG  . ASN A 1 66  ? -10.944 -13.232 -1.439  1.00 22.60 ? 223 ASN A CG  1 
ATOM   413  O OD1 . ASN A 1 66  ? -10.994 -14.450 -1.757  1.00 31.22 ? 223 ASN A OD1 1 
ATOM   414  N ND2 . ASN A 1 66  ? -10.892 -12.837 -0.219  1.00 24.48 ? 223 ASN A ND2 1 
ATOM   415  N N   . HIS A 1 67  ? -9.338  -10.879 -5.281  1.00 18.89 ? 224 HIS A N   1 
ATOM   416  C CA  . HIS A 1 67  ? -9.446  -9.987  -6.447  1.00 18.79 ? 224 HIS A CA  1 
ATOM   417  C C   . HIS A 1 67  ? -8.383  -10.336 -7.492  1.00 18.74 ? 224 HIS A C   1 
ATOM   418  O O   . HIS A 1 67  ? -7.988  -9.428  -8.329  1.00 17.33 ? 224 HIS A O   1 
ATOM   419  C CB  . HIS A 1 67  ? -9.263  -8.513  -5.978  1.00 16.76 ? 224 HIS A CB  1 
ATOM   420  C CG  . HIS A 1 67  ? -10.409 -8.052  -5.138  1.00 18.62 ? 224 HIS A CG  1 
ATOM   421  N ND1 . HIS A 1 67  ? -11.656 -7.757  -5.659  1.00 23.55 ? 224 HIS A ND1 1 
ATOM   422  C CD2 . HIS A 1 67  ? -10.480 -7.779  -3.813  1.00 17.05 ? 224 HIS A CD2 1 
ATOM   423  C CE1 . HIS A 1 67  ? -12.460 -7.355  -4.680  1.00 24.34 ? 224 HIS A CE1 1 
ATOM   424  N NE2 . HIS A 1 67  ? -11.761 -7.363  -3.546  1.00 19.04 ? 224 HIS A NE2 1 
ATOM   425  N N   . GLU A 1 68  ? -7.903  -11.562 -7.478  1.00 18.69 ? 225 GLU A N   1 
ATOM   426  C CA  . GLU A 1 68  ? -6.771  -11.919 -8.319  1.00 20.30 ? 225 GLU A CA  1 
ATOM   427  C C   . GLU A 1 68  ? -7.045  -11.586 -9.802  1.00 20.37 ? 225 GLU A C   1 
ATOM   428  O O   . GLU A 1 68  ? -6.128  -11.050 -10.493 1.00 20.04 ? 225 GLU A O   1 
ATOM   429  C CB  . GLU A 1 68  ? -6.363  -13.378 -8.186  1.00 21.95 ? 225 GLU A CB  1 
ATOM   430  C CG  . GLU A 1 68  ? -5.185  -13.739 -9.066  1.00 25.22 ? 225 GLU A CG  1 
ATOM   431  C CD  . GLU A 1 68  ? -4.369  -14.873 -8.502  0.75 35.83 ? 225 GLU A CD  1 
ATOM   432  O OE1 . GLU A 1 68  ? -4.970  -15.874 -8.052  0.75 36.26 ? 225 GLU A OE1 1 
ATOM   433  O OE2 . GLU A 1 68  ? -3.118  -14.767 -8.505  0.75 43.51 ? 225 GLU A OE2 1 
ATOM   434  N N   . THR A 1 69  ? -8.241  -11.957 -10.308 1.00 22.71 ? 226 THR A N   1 
ATOM   435  C CA  . THR A 1 69  ? -8.556  -11.684 -11.758 1.00 23.24 ? 226 THR A CA  1 
ATOM   436  C C   . THR A 1 69  ? -8.501  -10.225 -12.099 1.00 21.44 ? 226 THR A C   1 
ATOM   437  O O   . THR A 1 69  ? -7.816  -9.782  -13.112 1.00 18.85 ? 226 THR A O   1 
ATOM   438  C CB  . THR A 1 69  ? -9.905  -12.307 -12.133 1.00 25.28 ? 226 THR A CB  1 
ATOM   439  O OG1 . THR A 1 69  ? -9.787  -13.690 -11.777 1.00 27.34 ? 226 THR A OG1 1 
ATOM   440  C CG2 . THR A 1 69  ? -10.075 -12.231 -13.631 1.00 27.15 ? 226 THR A CG2 1 
ATOM   441  N N   . ALA A 1 70  ? -9.171  -9.412  -11.282 1.00 18.91 ? 227 ALA A N   1 
ATOM   442  C CA  . ALA A 1 70  ? -9.202  -7.999  -11.519 1.00 16.84 ? 227 ALA A CA  1 
ATOM   443  C C   . ALA A 1 70  ? -7.778  -7.385  -11.381 1.00 15.86 ? 227 ALA A C   1 
ATOM   444  O O   . ALA A 1 70  ? -7.397  -6.406  -12.151 1.00 15.19 ? 227 ALA A O   1 
ATOM   445  C CB  . ALA A 1 70  ? -10.140 -7.327  -10.511 1.00 18.78 ? 227 ALA A CB  1 
ATOM   446  N N   . PHE A 1 71  ? -7.039  -7.846  -10.376 1.00 15.25 ? 228 PHE A N   1 
ATOM   447  C CA  . PHE A 1 71  ? -5.643  -7.339  -10.194 1.00 14.86 ? 228 PHE A CA  1 
ATOM   448  C C   . PHE A 1 71  ? -4.754  -7.705  -11.401 1.00 14.84 ? 228 PHE A C   1 
ATOM   449  O O   . PHE A 1 71  ? -3.974  -6.892  -11.832 1.00 16.21 ? 228 PHE A O   1 
ATOM   450  C CB  . PHE A 1 71  ? -5.068  -7.896  -8.845  1.00 13.83 ? 228 PHE A CB  1 
ATOM   451  C CG  . PHE A 1 71  ? -5.573  -7.115  -7.602  1.00 13.50 ? 228 PHE A CG  1 
ATOM   452  C CD1 . PHE A 1 71  ? -6.530  -6.099  -7.678  1.00 12.25 ? 228 PHE A CD1 1 
ATOM   453  C CD2 . PHE A 1 71  ? -4.980  -7.440  -6.373  1.00 14.54 ? 228 PHE A CD2 1 
ATOM   454  C CE1 . PHE A 1 71  ? -6.913  -5.388  -6.485  1.00 14.26 ? 228 PHE A CE1 1 
ATOM   455  C CE2 . PHE A 1 71  ? -5.376  -6.764  -5.197  1.00 15.15 ? 228 PHE A CE2 1 
ATOM   456  C CZ  . PHE A 1 71  ? -6.327  -5.715  -5.267  1.00 14.37 ? 228 PHE A CZ  1 
ATOM   457  N N   . GLN A 1 72  ? -4.811  -8.957  -11.850 1.00 16.36 ? 229 GLN A N   1 
ATOM   458  C CA  . GLN A 1 72  ? -4.017  -9.333  -12.997 1.00 15.89 ? 229 GLN A CA  1 
ATOM   459  C C   . GLN A 1 72  ? -4.422  -8.531  -14.237 1.00 16.74 ? 229 GLN A C   1 
ATOM   460  O O   . GLN A 1 72  ? -3.555  -8.088  -14.976 1.00 17.00 ? 229 GLN A O   1 
ATOM   461  C CB  . GLN A 1 72  ? -4.254  -10.811 -13.357 1.00 17.92 ? 229 GLN A CB  1 
ATOM   462  C CG  . GLN A 1 72  ? -3.228  -11.217 -14.328 1.00 23.40 ? 229 GLN A CG  1 
ATOM   463  C CD  . GLN A 1 72  ? -1.878  -11.420 -13.613 1.00 30.23 ? 229 GLN A CD  1 
ATOM   464  O OE1 . GLN A 1 72  ? -1.842  -11.604 -12.370 1.00 31.20 ? 229 GLN A OE1 1 
ATOM   465  N NE2 . GLN A 1 72  ? -0.772  -11.437 -14.373 1.00 32.13 ? 229 GLN A NE2 1 
ATOM   466  N N   . GLY A 1 73  ? -5.702  -8.249  -14.402 1.00 14.60 ? 230 GLY A N   1 
ATOM   467  C CA  . GLY A 1 73  ? -6.130  -7.419  -15.506 1.00 16.65 ? 230 GLY A CA  1 
ATOM   468  C C   . GLY A 1 73  ? -5.601  -6.015  -15.446 1.00 15.61 ? 230 GLY A C   1 
ATOM   469  O O   . GLY A 1 73  ? -5.175  -5.446  -16.486 1.00 17.35 ? 230 GLY A O   1 
ATOM   470  N N   . MET A 1 74  ? -5.601  -5.407  -14.247 1.00 14.69 ? 231 MET A N   1 
ATOM   471  C CA  . MET A 1 74  ? -5.056  -4.060  -14.167 1.00 15.99 ? 231 MET A CA  1 
ATOM   472  C C   . MET A 1 74  ? -3.563  -4.059  -14.342 1.00 14.62 ? 231 MET A C   1 
ATOM   473  O O   . MET A 1 74  ? -3.037  -3.174  -15.004 1.00 16.63 ? 231 MET A O   1 
ATOM   474  C CB  . MET A 1 74  ? -5.515  -3.370  -12.854 1.00 14.67 ? 231 MET A CB  1 
ATOM   475  C CG  . MET A 1 74  ? -4.896  -2.037  -12.607 1.00 18.36 ? 231 MET A CG  1 
ATOM   476  S SD  . MET A 1 74  ? -5.786  -0.818  -13.725 1.00 25.79 ? 231 MET A SD  1 
ATOM   477  C CE  . MET A 1 74  ? -6.863  0.041   -12.610 1.00 27.12 ? 231 MET A CE  1 
ATOM   478  N N   . LEU A 1 75  ? -2.866  -5.035  -13.795 1.00 14.85 ? 232 LEU A N   1 
ATOM   479  C CA  . LEU A 1 75  ? -1.403  -5.127  -13.962 1.00 16.85 ? 232 LEU A CA  1 
ATOM   480  C C   . LEU A 1 75  ? -1.064  -5.225  -15.449 1.00 17.85 ? 232 LEU A C   1 
ATOM   481  O O   . LEU A 1 75  ? -0.086  -4.584  -15.903 1.00 19.91 ? 232 LEU A O   1 
ATOM   482  C CB  . LEU A 1 75  ? -0.908  -6.418  -13.231 1.00 18.99 ? 232 LEU A CB  1 
ATOM   483  C CG  . LEU A 1 75  ? 0.606   -6.706  -13.374 1.00 19.42 ? 232 LEU A CG  1 
ATOM   484  C CD1 . LEU A 1 75  ? 1.464   -5.649  -12.713 1.00 26.60 ? 232 LEU A CD1 1 
ATOM   485  C CD2 . LEU A 1 75  ? 0.834   -8.111  -12.878 1.00 22.50 ? 232 LEU A CD2 1 
ATOM   486  N N   . ARG A 1 76  ? -1.823  -5.987  -16.229 1.00 17.42 ? 233 ARG A N   1 
ATOM   487  C CA  . ARG A 1 76  ? -1.531  -6.007  -17.695 1.00 18.13 ? 233 ARG A CA  1 
ATOM   488  C C   . ARG A 1 76  ? -1.584  -4.670  -18.339 1.00 20.60 ? 233 ARG A C   1 
ATOM   489  O O   . ARG A 1 76  ? -0.959  -4.537  -19.431 1.00 23.54 ? 233 ARG A O   1 
ATOM   490  C CB  . ARG A 1 76  ? -2.486  -6.949  -18.455 1.00 18.52 ? 233 ARG A CB  1 
ATOM   491  C CG  . ARG A 1 76  ? -2.136  -8.377  -18.098 1.00 19.68 ? 233 ARG A CG  1 
ATOM   492  C CD  . ARG A 1 76  ? -2.909  -9.337  -19.130 1.00 20.53 ? 233 ARG A CD  1 
ATOM   493  N NE  . ARG A 1 76  ? -4.373  -9.181  -19.035 1.00 21.20 ? 233 ARG A NE  1 
ATOM   494  C CZ  . ARG A 1 76  ? -5.099  -9.928  -18.198 1.00 20.58 ? 233 ARG A CZ  1 
ATOM   495  N NH1 . ARG A 1 76  ? -4.501  -10.827 -17.411 1.00 22.87 ? 233 ARG A NH1 1 
ATOM   496  N NH2 . ARG A 1 76  ? -6.418  -9.754  -18.163 1.00 22.23 ? 233 ARG A NH2 1 
ATOM   497  N N   . LYS A 1 77  ? -2.359  -3.731  -17.810 1.00 20.01 ? 234 LYS A N   1 
ATOM   498  C CA  . LYS A 1 77  ? -2.604  -2.429  -18.467 1.00 24.02 ? 234 LYS A CA  1 
ATOM   499  C C   . LYS A 1 77  ? -1.501  -1.424  -18.138 1.00 26.44 ? 234 LYS A C   1 
ATOM   500  O O   . LYS A 1 77  ? -1.499  -0.284  -18.703 1.00 30.82 ? 234 LYS A O   1 
ATOM   501  C CB  . LYS A 1 77  ? -3.988  -1.874  -18.102 1.00 22.56 ? 234 LYS A CB  1 
ATOM   502  C CG  . LYS A 1 77  ? -5.126  -2.742  -18.583 1.00 22.47 ? 234 LYS A CG  1 
ATOM   503  C CD  . LYS A 1 77  ? -6.544  -2.318  -18.090 1.00 26.10 ? 234 LYS A CD  1 
ATOM   504  C CE  . LYS A 1 77  ? -7.543  -3.302  -18.611 1.00 27.23 ? 234 LYS A CE  1 
ATOM   505  N NZ  . LYS A 1 77  ? -8.869  -3.054  -18.071 1.00 31.69 ? 234 LYS A NZ  1 
ATOM   506  N N   . LEU A 1 78  ? -0.553  -1.817  -17.313 1.00 28.87 ? 235 LEU A N   1 
ATOM   507  C CA  . LEU A 1 78  ? 0.496   -0.928  -16.775 1.00 31.38 ? 235 LEU A CA  1 
ATOM   508  C C   . LEU A 1 78  ? 1.872   -1.161  -17.390 1.00 34.21 ? 235 LEU A C   1 
ATOM   509  O O   . LEU A 1 78  ? 2.438   -2.236  -17.312 1.00 36.46 ? 235 LEU A O   1 
ATOM   510  C CB  . LEU A 1 78  ? 0.715   -1.158  -15.248 1.00 31.42 ? 235 LEU A CB  1 
ATOM   511  C CG  . LEU A 1 78  ? -0.482  -0.918  -14.301 1.00 31.09 ? 235 LEU A CG  1 
ATOM   512  C CD1 . LEU A 1 78  ? -0.049  -1.138  -12.800 1.00 28.07 ? 235 LEU A CD1 1 
ATOM   513  C CD2 . LEU A 1 78  ? -1.262  0.416   -14.611 1.00 33.54 ? 235 LEU A CD2 1 
ATOM   514  N N   . ASP A 1 79  ? 2.473   -0.145  -17.941 1.00 35.39 ? 236 ASP A N   1 
ATOM   515  C CA  . ASP A 1 79  ? 3.789   -0.406  -18.394 1.00 37.65 ? 236 ASP A CA  1 
ATOM   516  C C   . ASP A 1 79  ? 4.675   0.372   -17.447 1.00 39.38 ? 236 ASP A C   1 
ATOM   517  O O   . ASP A 1 79  ? 4.503   1.577   -17.320 1.00 40.68 ? 236 ASP A O   1 
ATOM   518  C CB  . ASP A 1 79  ? 3.944   0.071   -19.841 1.00 39.53 ? 236 ASP A CB  1 
ATOM   519  C CG  . ASP A 1 79  ? 5.145   -0.554  -20.497 1.00 45.50 ? 236 ASP A CG  1 
ATOM   520  O OD1 . ASP A 1 79  ? 5.572   -1.630  -19.997 1.00 51.76 ? 236 ASP A OD1 1 
ATOM   521  O OD2 . ASP A 1 79  ? 5.654   0.009   -21.495 1.00 53.49 ? 236 ASP A OD2 1 
ATOM   522  N N   . ILE A 1 80  ? 5.564   -0.319  -16.738 1.00 39.72 ? 237 ILE A N   1 
ATOM   523  C CA  . ILE A 1 80  ? 6.439   0.271   -15.724 1.00 40.88 ? 237 ILE A CA  1 
ATOM   524  C C   . ILE A 1 80  ? 7.882   -0.054  -16.025 1.00 41.99 ? 237 ILE A C   1 
ATOM   525  O O   . ILE A 1 80  ? 8.390   -1.091  -15.569 1.00 42.04 ? 237 ILE A O   1 
ATOM   526  C CB  . ILE A 1 80  ? 6.204   -0.348  -14.357 1.00 41.26 ? 237 ILE A CB  1 
ATOM   527  C CG1 . ILE A 1 80  ? 4.703   -0.401  -14.014 1.00 42.27 ? 237 ILE A CG1 1 
ATOM   528  C CG2 . ILE A 1 80  ? 7.069   0.380   -13.299 1.00 42.89 ? 237 ILE A CG2 1 
ATOM   529  C CD1 . ILE A 1 80  ? 4.376   -1.100  -12.731 1.00 43.10 ? 237 ILE A CD1 1 
ATOM   530  N N   . LYS A 1 81  ? 8.554   0.846   -16.751 1.00 42.20 ? 238 LYS A N   1 
ATOM   531  C CA  . LYS A 1 81  ? 9.897   0.564   -17.256 1.00 42.49 ? 238 LYS A CA  1 
ATOM   532  C C   . LYS A 1 81  ? 10.948  1.294   -16.504 1.00 41.73 ? 238 LYS A C   1 
ATOM   533  O O   . LYS A 1 81  ? 12.100  0.882   -16.536 1.00 42.90 ? 238 LYS A O   1 
ATOM   534  C CB  . LYS A 1 81  ? 9.994   0.894   -18.745 1.00 42.85 ? 238 LYS A CB  1 
ATOM   535  C CG  . LYS A 1 81  ? 9.167   -0.125  -19.518 1.00 44.53 ? 238 LYS A CG  1 
ATOM   536  C CD  . LYS A 1 81  ? 9.320   -1.431  -18.743 1.00 50.96 ? 238 LYS A CD  1 
ATOM   537  C CE  . LYS A 1 81  ? 8.140   -2.359  -18.968 1.00 56.62 ? 238 LYS A CE  1 
ATOM   538  N NZ  . LYS A 1 81  ? 8.147   -2.782  -20.408 1.00 58.95 ? 238 LYS A NZ  1 
ATOM   539  N N   . ASN A 1 82  ? 10.559  2.372   -15.825 1.00 39.02 ? 239 ASN A N   1 
ATOM   540  C CA  . ASN A 1 82  ? 11.501  3.259   -15.134 1.00 38.18 ? 239 ASN A CA  1 
ATOM   541  C C   . ASN A 1 82  ? 10.733  4.049   -14.063 1.00 36.83 ? 239 ASN A C   1 
ATOM   542  O O   . ASN A 1 82  ? 9.522   3.931   -13.954 1.00 37.20 ? 239 ASN A O   1 
ATOM   543  C CB  . ASN A 1 82  ? 12.178  4.201   -16.156 1.00 36.28 ? 239 ASN A CB  1 
ATOM   544  C CG  . ASN A 1 82  ? 11.175  4.906   -17.054 1.00 39.93 ? 239 ASN A CG  1 
ATOM   545  O OD1 . ASN A 1 82  ? 10.219  5.531   -16.567 1.00 37.63 ? 239 ASN A OD1 1 
ATOM   546  N ND2 . ASN A 1 82  ? 11.374  4.819   -18.382 1.00 37.94 ? 239 ASN A ND2 1 
ATOM   547  N N   . GLU A 1 83  ? 11.420  4.886   -13.304 1.00 35.80 ? 240 GLU A N   1 
ATOM   548  C CA  . GLU A 1 83  ? 10.796  5.646   -12.240 1.00 35.21 ? 240 GLU A CA  1 
ATOM   549  C C   . GLU A 1 83  ? 9.877   6.782   -12.761 1.00 32.51 ? 240 GLU A C   1 
ATOM   550  O O   . GLU A 1 83  ? 8.946   7.271   -12.055 1.00 30.60 ? 240 GLU A O   1 
ATOM   551  C CB  . GLU A 1 83  ? 11.954  6.160   -11.409 1.00 36.34 ? 240 GLU A CB  1 
ATOM   552  C CG  . GLU A 1 83  ? 11.645  6.861   -10.124 1.00 42.47 ? 240 GLU A CG  1 
ATOM   553  C CD  . GLU A 1 83  ? 12.923  6.845   -9.274  1.00 47.07 ? 240 GLU A CD  1 
ATOM   554  O OE1 . GLU A 1 83  ? 13.546  5.750   -9.182  1.00 49.41 ? 240 GLU A OE1 1 
ATOM   555  O OE2 . GLU A 1 83  ? 13.323  7.905   -8.747  1.00 53.08 ? 240 GLU A OE2 1 
ATOM   556  N N   . ASP A 1 84  ? 10.123  7.241   -13.987 1.00 30.72 ? 241 ASP A N   1 
ATOM   557  C CA  . ASP A 1 84  ? 9.190   8.166   -14.611 1.00 31.59 ? 241 ASP A CA  1 
ATOM   558  C C   . ASP A 1 84  ? 7.809   7.447   -14.826 1.00 28.90 ? 241 ASP A C   1 
ATOM   559  O O   . ASP A 1 84  ? 6.730   8.043   -14.662 1.00 28.01 ? 241 ASP A O   1 
ATOM   560  C CB  . ASP A 1 84  ? 9.712   8.629   -15.968 1.00 33.39 ? 241 ASP A CB  1 
ATOM   561  C CG  . ASP A 1 84  ? 10.744  9.756   -15.846 1.00 40.57 ? 241 ASP A CG  1 
ATOM   562  O OD1 . ASP A 1 84  ? 10.726  10.505  -14.845 1.00 47.96 ? 241 ASP A OD1 1 
ATOM   563  O OD2 . ASP A 1 84  ? 11.561  9.908   -16.771 1.00 48.34 ? 241 ASP A OD2 1 
ATOM   564  N N   . ASP A 1 85  ? 7.869   6.177   -15.193 1.00 28.11 ? 242 ASP A N   1 
ATOM   565  C CA  . ASP A 1 85  ? 6.614   5.427   -15.356 1.00 27.68 ? 242 ASP A CA  1 
ATOM   566  C C   . ASP A 1 85  ? 5.930   5.148   -14.010 1.00 26.93 ? 242 ASP A C   1 
ATOM   567  O O   . ASP A 1 85  ? 4.700   5.172   -13.970 1.00 23.30 ? 242 ASP A O   1 
ATOM   568  C CB  . ASP A 1 85  ? 6.903   4.113   -16.017 1.00 29.79 ? 242 ASP A CB  1 
ATOM   569  C CG  . ASP A 1 85  ? 7.321   4.282   -17.487 1.00 30.83 ? 242 ASP A CG  1 
ATOM   570  O OD1 . ASP A 1 85  ? 7.074   5.354   -18.095 1.00 39.78 ? 242 ASP A OD1 1 
ATOM   571  O OD2 . ASP A 1 85  ? 7.844   3.293   -18.014 1.00 36.87 ? 242 ASP A OD2 1 
ATOM   572  N N   . VAL A 1 86  ? 6.717   4.973   -12.935 1.00 25.89 ? 243 VAL A N   1 
ATOM   573  C CA  . VAL A 1 86  ? 6.081   4.885   -11.583 1.00 27.73 ? 243 VAL A CA  1 
ATOM   574  C C   . VAL A 1 86  ? 5.366   6.160   -11.285 1.00 28.72 ? 243 VAL A C   1 
ATOM   575  O O   . VAL A 1 86  ? 4.207   6.150   -10.817 1.00 27.20 ? 243 VAL A O   1 
ATOM   576  C CB  . VAL A 1 86  ? 7.087   4.450   -10.442 1.00 27.41 ? 243 VAL A CB  1 
ATOM   577  C CG1 . VAL A 1 86  ? 6.343   4.262   -9.135  1.00 27.28 ? 243 VAL A CG1 1 
ATOM   578  C CG2 . VAL A 1 86  ? 7.696   3.233   -10.824 1.00 27.47 ? 243 VAL A CG2 1 
ATOM   579  N N   . LYS A 1 87  ? 5.968   7.310   -11.595 1.00 28.12 ? 244 LYS A N   1 
ATOM   580  C CA  . LYS A 1 87  ? 5.271   8.550   -11.308 1.00 30.90 ? 244 LYS A CA  1 
ATOM   581  C C   . LYS A 1 87  ? 4.038   8.765   -12.207 1.00 30.68 ? 244 LYS A C   1 
ATOM   582  O O   . LYS A 1 87  ? 3.053   9.387   -11.843 1.00 32.33 ? 244 LYS A O   1 
ATOM   583  C CB  . LYS A 1 87  ? 6.225   9.742   -11.472 1.00 33.98 ? 244 LYS A CB  1 
ATOM   584  C CG  . LYS A 1 87  ? 5.502   10.953  -12.067 1.00 39.56 ? 244 LYS A CG  1 
ATOM   585  C CD  . LYS A 1 87  ? 6.503   11.879  -12.769 1.00 50.97 ? 244 LYS A CD  1 
ATOM   586  C CE  . LYS A 1 87  ? 7.248   11.126  -13.907 1.00 53.40 ? 244 LYS A CE  1 
ATOM   587  N NZ  . LYS A 1 87  ? 8.334   11.967  -14.502 1.00 52.23 ? 244 LYS A NZ  1 
ATOM   588  N N   . SER A 1 88  ? 4.056   8.207   -13.391 1.00 27.61 ? 245 SER A N   1 
ATOM   589  C CA  . SER A 1 88  ? 2.932   8.361   -14.306 1.00 27.35 ? 245 SER A CA  1 
ATOM   590  C C   . SER A 1 88  ? 1.733   7.543   -13.704 1.00 23.84 ? 245 SER A C   1 
ATOM   591  O O   . SER A 1 88  ? 0.562   7.913   -13.873 1.00 22.63 ? 245 SER A O   1 
ATOM   592  C CB  . SER A 1 88  ? 3.310   7.672   -15.625 1.00 25.30 ? 245 SER A CB  1 
ATOM   593  O OG  . SER A 1 88  ? 3.876   8.677   -16.436 1.00 38.06 ? 245 SER A OG  1 
ATOM   594  N N   . LEU A 1 89  ? 2.068   6.456   -13.027 1.00 25.30 ? 246 LEU A N   1 
ATOM   595  C CA  . LEU A 1 89  ? 0.976   5.552   -12.474 1.00 24.77 ? 246 LEU A CA  1 
ATOM   596  C C   . LEU A 1 89  ? 0.178   6.291   -11.507 1.00 23.79 ? 246 LEU A C   1 
ATOM   597  O O   . LEU A 1 89  ? -0.999  5.979   -11.277 1.00 24.03 ? 246 LEU A O   1 
ATOM   598  C CB  . LEU A 1 89  ? 1.508   4.460   -11.574 1.00 23.79 ? 246 LEU A CB  1 
ATOM   599  C CG  . LEU A 1 89  ? 2.066   3.348   -12.334 1.00 29.45 ? 246 LEU A CG  1 
ATOM   600  C CD1 . LEU A 1 89  ? 2.400   2.252   -11.339 1.00 34.74 ? 246 LEU A CD1 1 
ATOM   601  C CD2 . LEU A 1 89  ? 1.029   2.869   -13.319 1.00 35.56 ? 246 LEU A CD2 1 
ATOM   602  N N   . SER A 1 90  ? 0.788   7.266   -10.868 1.00 22.66 ? 247 SER A N   1 
ATOM   603  C CA  . SER A 1 90  ? 0.069   7.942   -9.862  1.00 24.65 ? 247 SER A CA  1 
ATOM   604  C C   . SER A 1 90  ? -1.164  8.646   -10.404 1.00 22.96 ? 247 SER A C   1 
ATOM   605  O O   . SER A 1 90  ? -2.152  8.937   -9.658  1.00 24.26 ? 247 SER A O   1 
ATOM   606  C CB  . SER A 1 90  ? 1.074   8.784   -8.997  1.00 26.21 ? 247 SER A CB  1 
ATOM   607  O OG  . SER A 1 90  ? 1.338   9.988   -9.713  1.00 29.03 ? 247 SER A OG  1 
ATOM   608  N N   . ARG A 1 91  ? -1.141  8.998   -11.735 1.00 20.94 ? 248 ARG A N   1 
ATOM   609  C CA  . ARG A 1 91  ? -2.307  9.565   -12.425 1.00 22.38 ? 248 ARG A CA  1 
ATOM   610  C C   . ARG A 1 91  ? -3.511  8.595   -12.377 1.00 22.06 ? 248 ARG A C   1 
ATOM   611  O O   . ARG A 1 91  ? -4.663  9.032   -12.097 1.00 22.73 ? 248 ARG A O   1 
ATOM   612  C CB  . ARG A 1 91  ? -2.035  9.898   -13.941 1.00 24.44 ? 248 ARG A CB  1 
ATOM   613  C CG  . ARG A 1 91  ? -1.006  10.960  -14.244 1.00 28.99 ? 248 ARG A CG  1 
ATOM   614  C CD  . ARG A 1 91  ? -0.518  10.831  -15.755 1.00 31.00 ? 248 ARG A CD  1 
ATOM   615  N NE  . ARG A 1 91  ? -1.544  11.291  -16.712 1.00 29.32 ? 248 ARG A NE  1 
ATOM   616  C CZ  . ARG A 1 91  ? -1.311  11.917  -17.875 1.00 31.33 ? 248 ARG A CZ  1 
ATOM   617  N NH1 . ARG A 1 91  ? -2.353  12.334  -18.599 1.00 23.05 ? 248 ARG A NH1 1 
ATOM   618  N NH2 . ARG A 1 91  ? -0.060  12.159  -18.267 1.00 30.29 ? 248 ARG A NH2 1 
ATOM   619  N N   . VAL A 1 92  ? -3.263  7.307   -12.611 1.00 21.14 ? 249 VAL A N   1 
ATOM   620  C CA  . VAL A 1 92  ? -4.290  6.284   -12.577 1.00 20.07 ? 249 VAL A CA  1 
ATOM   621  C C   . VAL A 1 92  ? -4.703  6.123   -11.140 1.00 19.29 ? 249 VAL A C   1 
ATOM   622  O O   . VAL A 1 92  ? -5.911  6.049   -10.894 1.00 18.61 ? 249 VAL A O   1 
ATOM   623  C CB  . VAL A 1 92  ? -3.845  4.970   -13.201 1.00 19.34 ? 249 VAL A CB  1 
ATOM   624  C CG1 . VAL A 1 92  ? -4.991  4.059   -13.267 1.00 20.87 ? 249 VAL A CG1 1 
ATOM   625  C CG2 . VAL A 1 92  ? -3.403  5.291   -14.704 1.00 23.67 ? 249 VAL A CG2 1 
ATOM   626  N N   . MET A 1 93  ? -3.724  6.003   -10.244 1.00 19.24 ? 250 MET A N   1 
ATOM   627  C CA  . MET A 1 93  ? -4.048  5.765   -8.815  1.00 20.05 ? 250 MET A CA  1 
ATOM   628  C C   . MET A 1 93  ? -4.966  6.852   -8.272  1.00 19.44 ? 250 MET A C   1 
ATOM   629  O O   . MET A 1 93  ? -6.069  6.545   -7.725  1.00 19.89 ? 250 MET A O   1 
ATOM   630  C CB  . MET A 1 93  ? -2.782  5.783   -7.998  1.00 18.69 ? 250 MET A CB  1 
ATOM   631  C CG  . MET A 1 93  ? -2.747  4.793   -6.933  1.00 20.74 ? 250 MET A CG  1 
ATOM   632  S SD  . MET A 1 93  ? -1.295  5.109   -5.976  0.75 25.06 ? 250 MET A SD  1 
ATOM   633  C CE  . MET A 1 93  ? -0.179  5.127   -7.188  1.00 16.09 ? 250 MET A CE  1 
ATOM   634  N N   . ILE A 1 94  ? -4.637  8.165   -8.527  1.00 17.88 ? 251 ILE A N   1 
ATOM   635  C CA  . ILE A 1 94  ? -5.456  9.227   -7.983  1.00 18.42 ? 251 ILE A CA  1 
ATOM   636  C C   . ILE A 1 94  ? -6.865  9.155   -8.559  1.00 18.95 ? 251 ILE A C   1 
ATOM   637  O O   . ILE A 1 94  ? -7.848  9.331   -7.879  1.00 18.82 ? 251 ILE A O   1 
ATOM   638  C CB  . ILE A 1 94  ? -4.829  10.604  -8.274  1.00 20.00 ? 251 ILE A CB  1 
ATOM   639  C CG1 . ILE A 1 94  ? -3.511  10.760  -7.515  1.00 20.00 ? 251 ILE A CG1 1 
ATOM   640  C CG2 . ILE A 1 94  ? -5.796  11.718  -7.906  1.00 20.00 ? 251 ILE A CG2 1 
ATOM   641  C CD1 . ILE A 1 94  ? -2.700  11.963  -7.942  1.00 20.00 ? 251 ILE A CD1 1 
ATOM   642  N N   . HIS A 1 95  ? -6.975  8.946   -9.871  1.00 17.86 ? 252 HIS A N   1 
ATOM   643  C CA  . HIS A 1 95  ? -8.267  8.981   -10.491 1.00 17.01 ? 252 HIS A CA  1 
ATOM   644  C C   . HIS A 1 95  ? -9.153  7.854   -9.922  1.00 16.85 ? 252 HIS A C   1 
ATOM   645  O O   . HIS A 1 95  ? -10.308 8.128   -9.554  1.00 18.31 ? 252 HIS A O   1 
ATOM   646  C CB  . HIS A 1 95  ? -8.078  8.734   -12.005 1.00 17.64 ? 252 HIS A CB  1 
ATOM   647  C CG  . HIS A 1 95  ? -9.350  8.786   -12.797 1.00 17.34 ? 252 HIS A CG  1 
ATOM   648  N ND1 . HIS A 1 95  ? -9.573  9.730   -13.780 1.00 17.41 ? 252 HIS A ND1 1 
ATOM   649  C CD2 . HIS A 1 95  ? -10.471 8.006   -12.771 1.00 20.74 ? 252 HIS A CD2 1 
ATOM   650  C CE1 . HIS A 1 95  ? -10.771 9.538   -14.315 1.00 18.17 ? 252 HIS A CE1 1 
ATOM   651  N NE2 . HIS A 1 95  ? -11.329 8.477   -13.727 1.00 20.09 ? 252 HIS A NE2 1 
ATOM   652  N N   . VAL A 1 96  ? -8.650  6.625   -9.945  1.00 17.84 ? 253 VAL A N   1 
ATOM   653  C CA  . VAL A 1 96  ? -9.502  5.436   -9.588  1.00 18.33 ? 253 VAL A CA  1 
ATOM   654  C C   . VAL A 1 96  ? -9.809  5.498   -8.058  1.00 18.49 ? 253 VAL A C   1 
ATOM   655  O O   . VAL A 1 96  ? -10.992 5.369   -7.612  1.00 19.58 ? 253 VAL A O   1 
ATOM   656  C CB  . VAL A 1 96  ? -8.799  4.158   -9.915  1.00 17.39 ? 253 VAL A CB  1 
ATOM   657  C CG1 . VAL A 1 96  ? -9.499  2.903   -9.204  1.00 16.20 ? 253 VAL A CG1 1 
ATOM   658  C CG2 . VAL A 1 96  ? -8.750  3.961   -11.471 1.00 19.60 ? 253 VAL A CG2 1 
ATOM   659  N N   . PHE A 1 97  ? -8.780  5.828   -7.286  1.00 18.47 ? 254 PHE A N   1 
ATOM   660  C CA  . PHE A 1 97  ? -8.963  5.887   -5.800  1.00 17.07 ? 254 PHE A CA  1 
ATOM   661  C C   . PHE A 1 97  ? -9.866  7.076   -5.367  1.00 18.37 ? 254 PHE A C   1 
ATOM   662  O O   . PHE A 1 97  ? -10.571 6.974   -4.397  1.00 20.05 ? 254 PHE A O   1 
ATOM   663  C CB  . PHE A 1 97  ? -7.584  6.028   -5.144  1.00 17.80 ? 254 PHE A CB  1 
ATOM   664  C CG  . PHE A 1 97  ? -7.587  5.894   -3.596  1.00 14.03 ? 254 PHE A CG  1 
ATOM   665  C CD1 . PHE A 1 97  ? -8.000  4.722   -3.015  1.00 17.08 ? 254 PHE A CD1 1 
ATOM   666  C CD2 . PHE A 1 97  ? -7.148  6.909   -2.826  1.00 13.46 ? 254 PHE A CD2 1 
ATOM   667  C CE1 . PHE A 1 97  ? -7.941  4.575   -1.636  1.00 17.26 ? 254 PHE A CE1 1 
ATOM   668  C CE2 . PHE A 1 97  ? -7.073  6.798   -1.430  1.00 16.49 ? 254 PHE A CE2 1 
ATOM   669  C CZ  . PHE A 1 97  ? -7.474  5.634   -0.844  1.00 17.42 ? 254 PHE A CZ  1 
ATOM   670  N N   . SER A 1 98  ? -9.858  8.202   -6.084  1.00 18.77 ? 255 SER A N   1 
ATOM   671  C CA  . SER A 1 98  ? -10.659 9.388   -5.726  1.00 21.97 ? 255 SER A CA  1 
ATOM   672  C C   . SER A 1 98  ? -12.132 9.200   -6.066  1.00 21.78 ? 255 SER A C   1 
ATOM   673  O O   . SER A 1 98  ? -12.968 9.890   -5.477  1.00 26.23 ? 255 SER A O   1 
ATOM   674  C CB  . SER A 1 98  ? -10.079 10.681  -6.410  1.00 20.33 ? 255 SER A CB  1 
ATOM   675  O OG  . SER A 1 98  ? -8.807  10.919  -5.863  1.00 25.58 ? 255 SER A OG  1 
ATOM   676  N N   . ASP A 1 99  ? -12.476 8.327   -7.014  1.00 22.45 ? 256 ASP A N   1 
ATOM   677  C CA  . ASP A 1 99  ? -13.849 8.153   -7.522  1.00 25.09 ? 256 ASP A CA  1 
ATOM   678  C C   . ASP A 1 99  ? -14.531 7.347   -6.415  1.00 25.63 ? 256 ASP A C   1 
ATOM   679  O O   . ASP A 1 99  ? -13.900 6.445   -5.854  1.00 24.04 ? 256 ASP A O   1 
ATOM   680  C CB  . ASP A 1 99  ? -13.708 7.227   -8.721  1.00 26.35 ? 256 ASP A CB  1 
ATOM   681  C CG  . ASP A 1 99  ? -14.664 7.485   -9.765  1.00 35.35 ? 256 ASP A CG  1 
ATOM   682  O OD1 . ASP A 1 99  ? -15.817 7.841   -9.419  1.00 41.76 ? 256 ASP A OD1 1 
ATOM   683  O OD2 . ASP A 1 99  ? -14.243 7.277   -10.931 1.00 39.26 ? 256 ASP A OD2 1 
ATOM   684  N N   . GLY A 1 100 ? -15.784 7.640   -6.077  1.00 25.68 ? 257 GLY A N   1 
ATOM   685  C CA  . GLY A 1 100 ? -16.520 6.709   -5.201  1.00 27.28 ? 257 GLY A CA  1 
ATOM   686  C C   . GLY A 1 100 ? -16.462 6.919   -3.712  1.00 26.52 ? 257 GLY A C   1 
ATOM   687  O O   . GLY A 1 100 ? -15.955 7.935   -3.261  1.00 28.98 ? 257 GLY A O   1 
ATOM   688  N N   . VAL A 1 101 ? -16.934 5.896   -2.985  1.00 28.45 ? 258 VAL A N   1 
ATOM   689  C CA  . VAL A 1 101 ? -17.115 5.901   -1.490  1.00 29.02 ? 258 VAL A CA  1 
ATOM   690  C C   . VAL A 1 101 ? -15.754 5.866   -0.816  1.00 25.40 ? 258 VAL A C   1 
ATOM   691  O O   . VAL A 1 101 ? -14.964 5.208   -1.335  1.00 25.08 ? 258 VAL A O   1 
ATOM   692  C CB  . VAL A 1 101 ? -17.786 4.512   -1.054  1.00 28.56 ? 258 VAL A CB  1 
ATOM   693  C CG1 . VAL A 1 101 ? -19.211 4.400   -1.621  1.00 33.09 ? 258 VAL A CG1 1 
ATOM   694  C CG2 . VAL A 1 101 ? -16.891 3.275   -1.508  1.00 30.39 ? 258 VAL A CG2 1 
ATOM   695  N N   . THR A 1 102 ? -15.508 6.576   0.280   1.00 23.01 ? 259 THR A N   1 
ATOM   696  C CA  . THR A 1 102 ? -14.265 6.410   1.117   1.00 21.15 ? 259 THR A CA  1 
ATOM   697  C C   . THR A 1 102 ? -14.597 5.477   2.215   1.00 19.42 ? 259 THR A C   1 
ATOM   698  O O   . THR A 1 102 ? -15.532 5.697   2.972   1.00 21.24 ? 259 THR A O   1 
ATOM   699  C CB  . THR A 1 102 ? -13.701 7.747   1.772   1.00 24.16 ? 259 THR A CB  1 
ATOM   700  O OG1 . THR A 1 102 ? -13.459 8.697   0.713   1.00 28.56 ? 259 THR A OG1 1 
ATOM   701  C CG2 . THR A 1 102 ? -12.432 7.474   2.493   1.00 27.31 ? 259 THR A CG2 1 
ATOM   702  N N   . ASN A 1 103 ? -13.785 4.426   2.360   1.00 15.36 ? 260 ASN A N   1 
ATOM   703  C CA  . ASN A 1 103 ? -13.861 3.542   3.528   1.00 15.25 ? 260 ASN A CA  1 
ATOM   704  C C   . ASN A 1 103 ? -12.543 2.775   3.597   1.00 15.02 ? 260 ASN A C   1 
ATOM   705  O O   . ASN A 1 103 ? -11.650 2.891   2.741   1.00 14.22 ? 260 ASN A O   1 
ATOM   706  C CB  . ASN A 1 103 ? -15.098 2.616   3.466   1.00 15.76 ? 260 ASN A CB  1 
ATOM   707  C CG  . ASN A 1 103 ? -15.028 1.658   2.247   1.00 16.97 ? 260 ASN A CG  1 
ATOM   708  O OD1 . ASN A 1 103 ? -14.003 1.012   1.889   1.00 15.27 ? 260 ASN A OD1 1 
ATOM   709  N ND2 . ASN A 1 103 ? -16.152 1.541   1.579   1.00 24.20 ? 260 ASN A ND2 1 
ATOM   710  N N   . TRP A 1 104 ? -12.344 2.078   4.735   1.00 13.56 ? 261 TRP A N   1 
ATOM   711  C CA  . TRP A 1 104 ? -11.157 1.324   4.898   1.00 12.77 ? 261 TRP A CA  1 
ATOM   712  C C   . TRP A 1 104 ? -10.926 0.176   3.903   1.00 11.77 ? 261 TRP A C   1 
ATOM   713  O O   . TRP A 1 104 ? -9.798  -0.277  3.690   1.00 13.80 ? 261 TRP A O   1 
ATOM   714  C CB  . TRP A 1 104 ? -11.076 0.751   6.352   1.00 13.88 ? 261 TRP A CB  1 
ATOM   715  C CG  . TRP A 1 104 ? -10.728 1.811   7.395   1.00 13.68 ? 261 TRP A CG  1 
ATOM   716  C CD1 . TRP A 1 104 ? -11.506 2.175   8.482   1.00 15.64 ? 261 TRP A CD1 1 
ATOM   717  C CD2 . TRP A 1 104 ? -9.486  2.531   7.500   1.00 14.90 ? 261 TRP A CD2 1 
ATOM   718  N NE1 . TRP A 1 104 ? -10.854 3.148   9.201   1.00 18.03 ? 261 TRP A NE1 1 
ATOM   719  C CE2 . TRP A 1 104 ? -9.617  3.382   8.647   1.00 16.73 ? 261 TRP A CE2 1 
ATOM   720  C CE3 . TRP A 1 104 ? -8.289  2.583   6.723   1.00 17.02 ? 261 TRP A CE3 1 
ATOM   721  C CZ2 . TRP A 1 104 ? -8.593  4.254   9.049   1.00 16.96 ? 261 TRP A CZ2 1 
ATOM   722  C CZ3 . TRP A 1 104 ? -7.248  3.503   7.141   1.00 17.47 ? 261 TRP A CZ3 1 
ATOM   723  C CH2 . TRP A 1 104 ? -7.455  4.317   8.302   1.00 16.95 ? 261 TRP A CH2 1 
ATOM   724  N N   . GLY A 1 105 ? -11.986 -0.324  3.316   1.00 12.60 ? 262 GLY A N   1 
ATOM   725  C CA  . GLY A 1 105 ? -11.875 -1.327  2.212   1.00 12.03 ? 262 GLY A CA  1 
ATOM   726  C C   . GLY A 1 105 ? -11.177 -0.763  0.996   1.00 12.63 ? 262 GLY A C   1 
ATOM   727  O O   . GLY A 1 105 ? -10.392 -1.458  0.404   1.00 13.41 ? 262 GLY A O   1 
ATOM   728  N N   . ARG A 1 106 ? -11.494 0.484   0.706   1.00 14.06 ? 263 ARG A N   1 
ATOM   729  C CA  . ARG A 1 106 ? -10.797 1.176   -0.448  1.00 13.80 ? 263 ARG A CA  1 
ATOM   730  C C   . ARG A 1 106 ? -9.278  1.273   -0.161  1.00 13.47 ? 263 ARG A C   1 
ATOM   731  O O   . ARG A 1 106 ? -8.465  1.013   -1.110  1.00 12.94 ? 263 ARG A O   1 
ATOM   732  C CB  . ARG A 1 106 ? -11.361 2.595   -0.699  1.00 14.92 ? 263 ARG A CB  1 
ATOM   733  C CG  . ARG A 1 106 ? -12.898 2.701   -1.028  1.00 16.93 ? 263 ARG A CG  1 
ATOM   734  C CD  . ARG A 1 106 ? -13.216 2.019   -2.293  1.00 17.93 ? 263 ARG A CD  1 
ATOM   735  N NE  . ARG A 1 106 ? -12.440 2.539   -3.470  1.00 15.19 ? 263 ARG A NE  1 
ATOM   736  C CZ  . ARG A 1 106 ? -12.739 3.660   -4.155  1.00 17.14 ? 263 ARG A CZ  1 
ATOM   737  N NH1 . ARG A 1 106 ? -13.763 4.423   -3.839  1.00 19.18 ? 263 ARG A NH1 1 
ATOM   738  N NH2 . ARG A 1 106 ? -12.022 3.957   -5.256  1.00 19.50 ? 263 ARG A NH2 1 
ATOM   739  N N   . ILE A 1 107 ? -8.938  1.621   1.089   1.00 13.13 ? 264 ILE A N   1 
ATOM   740  C CA  . ILE A 1 107 ? -7.573  1.766   1.411   1.00 12.54 ? 264 ILE A CA  1 
ATOM   741  C C   . ILE A 1 107 ? -6.800  0.471   1.419   1.00 14.27 ? 264 ILE A C   1 
ATOM   742  O O   . ILE A 1 107 ? -5.725  0.387   0.896   1.00 13.39 ? 264 ILE A O   1 
ATOM   743  C CB  . ILE A 1 107 ? -7.501  2.493   2.800   1.00 15.31 ? 264 ILE A CB  1 
ATOM   744  C CG1 . ILE A 1 107 ? -7.912  4.003   2.589   1.00 17.62 ? 264 ILE A CG1 1 
ATOM   745  C CG2 . ILE A 1 107 ? -6.093  2.502   3.351   1.00 16.84 ? 264 ILE A CG2 1 
ATOM   746  C CD1 . ILE A 1 107 ? -8.435  4.751   3.808   1.00 20.77 ? 264 ILE A CD1 1 
ATOM   747  N N   . VAL A 1 108 ? -7.384  -0.582  2.008   1.00 11.69 ? 265 VAL A N   1 
ATOM   748  C CA  . VAL A 1 108 ? -6.744  -1.846  1.915   1.00 13.39 ? 265 VAL A CA  1 
ATOM   749  C C   . VAL A 1 108 ? -6.658  -2.405  0.485   1.00 12.63 ? 265 VAL A C   1 
ATOM   750  O O   . VAL A 1 108 ? -5.655  -3.008  0.112   1.00 15.04 ? 265 VAL A O   1 
ATOM   751  C CB  . VAL A 1 108 ? -7.387  -2.826  2.949   1.00 13.97 ? 265 VAL A CB  1 
ATOM   752  C CG1 . VAL A 1 108 ? -8.499  -3.434  2.311   1.00 17.03 ? 265 VAL A CG1 1 
ATOM   753  C CG2 . VAL A 1 108 ? -6.281  -3.856  3.434   1.00 18.61 ? 265 VAL A CG2 1 
ATOM   754  N N   . THR A 1 109 ? -7.591  -2.096  -0.392  1.00 12.86 ? 266 THR A N   1 
ATOM   755  C CA  . THR A 1 109 ? -7.472  -2.465  -1.804  1.00 13.75 ? 266 THR A CA  1 
ATOM   756  C C   . THR A 1 109 ? -6.312  -1.787  -2.518  1.00 13.96 ? 266 THR A C   1 
ATOM   757  O O   . THR A 1 109 ? -5.536  -2.400  -3.244  1.00 15.01 ? 266 THR A O   1 
ATOM   758  C CB  . THR A 1 109 ? -8.795  -2.209  -2.560  1.00 16.04 ? 266 THR A CB  1 
ATOM   759  O OG1 . THR A 1 109 ? -9.823  -2.965  -1.903  1.00 16.42 ? 266 THR A OG1 1 
ATOM   760  C CG2 . THR A 1 109 ? -8.728  -2.753  -3.976  1.00 18.96 ? 266 THR A CG2 1 
ATOM   761  N N   . LEU A 1 110 ? -6.160  -0.498  -2.199  1.00 12.64 ? 267 LEU A N   1 
ATOM   762  C CA  . LEU A 1 110 ? -5.068  0.327   -2.773  1.00 12.54 ? 267 LEU A CA  1 
ATOM   763  C C   . LEU A 1 110 ? -3.718  -0.301  -2.408  1.00 13.67 ? 267 LEU A C   1 
ATOM   764  O O   . LEU A 1 110 ? -2.860  -0.586  -3.266  1.00 13.51 ? 267 LEU A O   1 
ATOM   765  C CB  . LEU A 1 110 ? -5.199  1.730   -2.165  1.00 11.04 ? 267 LEU A CB  1 
ATOM   766  C CG  . LEU A 1 110 ? -3.980  2.594   -2.514  1.00 13.89 ? 267 LEU A CG  1 
ATOM   767  C CD1 . LEU A 1 110 ? -4.068  3.246   -3.922  1.00 14.99 ? 267 LEU A CD1 1 
ATOM   768  C CD2 . LEU A 1 110 ? -3.968  3.734   -1.418  1.00 19.79 ? 267 LEU A CD2 1 
ATOM   769  N N   . ILE A 1 111 ? -3.565  -0.624  -1.109  1.00 13.52 ? 268 ILE A N   1 
ATOM   770  C CA  . ILE A 1 111 ? -2.278  -1.144  -0.653  1.00 13.29 ? 268 ILE A CA  1 
ATOM   771  C C   . ILE A 1 111 ? -2.061  -2.602  -1.113  1.00 13.87 ? 268 ILE A C   1 
ATOM   772  O O   . ILE A 1 111 ? -0.946  -2.930  -1.495  1.00 15.37 ? 268 ILE A O   1 
ATOM   773  C CB  . ILE A 1 111 ? -2.214  -0.999  0.906   1.00 14.06 ? 268 ILE A CB  1 
ATOM   774  C CG1 . ILE A 1 111 ? -2.246  0.472   1.309   1.00 14.54 ? 268 ILE A CG1 1 
ATOM   775  C CG2 . ILE A 1 111 ? -0.919  -1.666  1.500   1.00 15.31 ? 268 ILE A CG2 1 
ATOM   776  C CD1 . ILE A 1 111 ? -2.638  0.648   2.868   1.00 16.07 ? 268 ILE A CD1 1 
ATOM   777  N N   . SER A 1 112 ? -3.111  -3.413  -1.129  1.00 14.22 ? 269 SER A N   1 
ATOM   778  C CA  . SER A 1 112 ? -3.004  -4.811  -1.582  1.00 13.68 ? 269 SER A CA  1 
ATOM   779  C C   . SER A 1 112 ? -2.632  -4.872  -3.050  1.00 12.97 ? 269 SER A C   1 
ATOM   780  O O   . SER A 1 112 ? -1.779  -5.673  -3.415  1.00 15.78 ? 269 SER A O   1 
ATOM   781  C CB  . SER A 1 112 ? -4.297  -5.551  -1.331  1.00 15.03 ? 269 SER A CB  1 
ATOM   782  O OG  . SER A 1 112 ? -4.623  -5.649  0.090   1.00 18.29 ? 269 SER A OG  1 
ATOM   783  N N   . PHE A 1 113 ? -3.212  -3.995  -3.875  1.00 12.76 ? 270 PHE A N   1 
ATOM   784  C CA  . PHE A 1 113 ? -2.766  -4.012  -5.282  1.00 12.07 ? 270 PHE A CA  1 
ATOM   785  C C   . PHE A 1 113 ? -1.322  -3.496  -5.392  1.00 13.92 ? 270 PHE A C   1 
ATOM   786  O O   . PHE A 1 113 ? -0.568  -4.039  -6.204  1.00 14.66 ? 270 PHE A O   1 
ATOM   787  C CB  . PHE A 1 113 ? -3.645  -3.141  -6.156  1.00 11.96 ? 270 PHE A CB  1 
ATOM   788  C CG  . PHE A 1 113 ? -3.284  -3.239  -7.653  1.00 11.44 ? 270 PHE A CG  1 
ATOM   789  C CD1 . PHE A 1 113 ? -3.319  -4.478  -8.317  1.00 12.57 ? 270 PHE A CD1 1 
ATOM   790  C CD2 . PHE A 1 113 ? -2.958  -2.126  -8.337  1.00 13.01 ? 270 PHE A CD2 1 
ATOM   791  C CE1 . PHE A 1 113 ? -2.983  -4.547  -9.711  1.00 13.24 ? 270 PHE A CE1 1 
ATOM   792  C CE2 . PHE A 1 113 ? -2.629  -2.170  -9.704  1.00 13.81 ? 270 PHE A CE2 1 
ATOM   793  C CZ  . PHE A 1 113 ? -2.635  -3.389  -10.393 1.00 14.59 ? 270 PHE A CZ  1 
ATOM   794  N N   . GLY A 1 114 ? -0.937  -2.550  -4.525  1.00 13.28 ? 271 GLY A N   1 
ATOM   795  C CA  . GLY A 1 114 ? 0.492   -2.224  -4.408  1.00 14.07 ? 271 GLY A CA  1 
ATOM   796  C C   . GLY A 1 114 ? 1.385   -3.464  -4.173  1.00 13.02 ? 271 GLY A C   1 
ATOM   797  O O   . GLY A 1 114 ? 2.450   -3.588  -4.870  1.00 14.60 ? 271 GLY A O   1 
ATOM   798  N N   . ALA A 1 115 ? 1.039   -4.342  -3.234  1.00 14.81 ? 272 ALA A N   1 
ATOM   799  C CA  . ALA A 1 115 ? 1.799   -5.544  -2.959  1.00 15.11 ? 272 ALA A CA  1 
ATOM   800  C C   . ALA A 1 115 ? 1.798   -6.431  -4.213  1.00 16.69 ? 272 ALA A C   1 
ATOM   801  O O   . ALA A 1 115 ? 2.882   -7.008  -4.520  1.00 18.04 ? 272 ALA A O   1 
ATOM   802  C CB  . ALA A 1 115 ? 1.205   -6.271  -1.851  1.00 15.22 ? 272 ALA A CB  1 
ATOM   803  N N   . PHE A 1 116 ? 0.635   -6.541  -4.884  1.00 14.68 ? 273 PHE A N   1 
ATOM   804  C CA  . PHE A 1 116 ? 0.517   -7.392  -6.068  1.00 15.72 ? 273 PHE A CA  1 
ATOM   805  C C   . PHE A 1 116 ? 1.471   -6.902  -7.195  1.00 17.39 ? 273 PHE A C   1 
ATOM   806  O O   . PHE A 1 116 ? 2.208   -7.705  -7.820  1.00 17.86 ? 273 PHE A O   1 
ATOM   807  C CB  . PHE A 1 116 ? -0.926  -7.317  -6.530  1.00 15.35 ? 273 PHE A CB  1 
ATOM   808  C CG  . PHE A 1 116 ? -1.303  -8.359  -7.612  1.00 15.84 ? 273 PHE A CG  1 
ATOM   809  C CD1 . PHE A 1 116 ? -1.827  -9.572  -7.225  1.00 16.92 ? 273 PHE A CD1 1 
ATOM   810  C CD2 . PHE A 1 116 ? -1.128  -8.041  -8.925  1.00 16.53 ? 273 PHE A CD2 1 
ATOM   811  C CE1 . PHE A 1 116 ? -2.250  -10.575 -8.282  1.00 19.69 ? 273 PHE A CE1 1 
ATOM   812  C CE2 . PHE A 1 116 ? -1.501  -8.929  -9.925  1.00 22.53 ? 273 PHE A CE2 1 
ATOM   813  C CZ  . PHE A 1 116 ? -2.075  -10.159 -9.628  1.00 20.95 ? 273 PHE A CZ  1 
ATOM   814  N N   . VAL A 1 117 ? 1.507   -5.598  -7.427  1.00 14.67 ? 274 VAL A N   1 
ATOM   815  C CA  . VAL A 1 117 ? 2.445   -4.999  -8.333  1.00 15.15 ? 274 VAL A CA  1 
ATOM   816  C C   . VAL A 1 117 ? 3.919   -5.173  -7.861  1.00 16.47 ? 274 VAL A C   1 
ATOM   817  O O   . VAL A 1 117 ? 4.775   -5.457  -8.737  1.00 18.69 ? 274 VAL A O   1 
ATOM   818  C CB  . VAL A 1 117 ? 2.102   -3.538  -8.548  1.00 15.39 ? 274 VAL A CB  1 
ATOM   819  C CG1 . VAL A 1 117 ? 3.163   -2.856  -9.504  1.00 14.27 ? 274 VAL A CG1 1 
ATOM   820  C CG2 . VAL A 1 117 ? 0.720   -3.404  -9.256  1.00 13.28 ? 274 VAL A CG2 1 
ATOM   821  N N   . ALA A 1 118 ? 4.180   -4.966  -6.572  1.00 16.49 ? 275 ALA A N   1 
ATOM   822  C CA  . ALA A 1 118 ? 5.596   -5.085  -6.109  1.00 18.44 ? 275 ALA A CA  1 
ATOM   823  C C   . ALA A 1 118 ? 6.079   -6.513  -6.364  1.00 19.01 ? 275 ALA A C   1 
ATOM   824  O O   . ALA A 1 118 ? 7.283   -6.709  -6.695  1.00 20.68 ? 275 ALA A O   1 
ATOM   825  C CB  . ALA A 1 118 ? 5.622   -4.697  -4.587  1.00 18.31 ? 275 ALA A CB  1 
ATOM   826  N N   . LYS A 1 119 ? 5.255   -7.532  -6.110  1.00 19.00 ? 276 LYS A N   1 
ATOM   827  C CA  . LYS A 1 119 ? 5.693   -8.923  -6.347  1.00 20.33 ? 276 LYS A CA  1 
ATOM   828  C C   . LYS A 1 119 ? 6.026   -9.069  -7.834  1.00 19.86 ? 276 LYS A C   1 
ATOM   829  O O   . LYS A 1 119 ? 7.028   -9.683  -8.185  1.00 22.37 ? 276 LYS A O   1 
ATOM   830  C CB  . LYS A 1 119 ? 4.645   -9.976  -6.026  1.00 20.39 ? 276 LYS A CB  1 
ATOM   831  C CG  . LYS A 1 119 ? 4.335   -10.244 -4.535  1.00 22.65 ? 276 LYS A CG  1 
ATOM   832  C CD  . LYS A 1 119 ? 2.890   -10.736 -4.377  1.00 28.48 ? 276 LYS A CD  1 
ATOM   833  C CE  . LYS A 1 119 ? 2.737   -11.374 -3.111  1.00 30.26 ? 276 LYS A CE  1 
ATOM   834  N NZ  . LYS A 1 119 ? 1.421   -12.049 -3.139  1.00 32.31 ? 276 LYS A NZ  1 
ATOM   835  N N   . HIS A 1 120 ? 5.205   -8.508  -8.724  1.00 20.30 ? 277 HIS A N   1 
ATOM   836  C CA  . HIS A 1 120 ? 5.549   -8.625  -10.152 1.00 20.03 ? 277 HIS A CA  1 
ATOM   837  C C   . HIS A 1 120 ? 6.879   -7.923  -10.509 1.00 20.99 ? 277 HIS A C   1 
ATOM   838  O O   . HIS A 1 120 ? 7.771   -8.484  -11.188 1.00 20.66 ? 277 HIS A O   1 
ATOM   839  C CB  . HIS A 1 120 ? 4.421   -8.075  -11.063 1.00 18.25 ? 277 HIS A CB  1 
ATOM   840  C CG  . HIS A 1 120 ? 4.781   -8.081  -12.518 1.00 19.72 ? 277 HIS A CG  1 
ATOM   841  N ND1 . HIS A 1 120 ? 4.803   -9.234  -13.290 1.00 22.26 ? 277 HIS A ND1 1 
ATOM   842  C CD2 . HIS A 1 120 ? 5.089   -7.058  -13.346 1.00 21.36 ? 277 HIS A CD2 1 
ATOM   843  C CE1 . HIS A 1 120 ? 5.061   -8.899  -14.538 1.00 24.24 ? 277 HIS A CE1 1 
ATOM   844  N NE2 . HIS A 1 120 ? 5.275   -7.597  -14.596 1.00 24.55 ? 277 HIS A NE2 1 
ATOM   845  N N   . LEU A 1 121 ? 7.077   -6.723  -9.964  1.00 19.88 ? 278 LEU A N   1 
ATOM   846  C CA  . LEU A 1 121 ? 8.264   -5.927  -10.194 1.00 18.22 ? 278 LEU A CA  1 
ATOM   847  C C   . LEU A 1 121 ? 9.491   -6.738  -9.727  1.00 21.00 ? 278 LEU A C   1 
ATOM   848  O O   . LEU A 1 121 ? 10.486  -6.735  -10.479 1.00 20.53 ? 278 LEU A O   1 
ATOM   849  C CB  . LEU A 1 121 ? 8.201   -4.581  -9.456  1.00 17.82 ? 278 LEU A CB  1 
ATOM   850  C CG  . LEU A 1 121 ? 7.288   -3.601  -10.136 1.00 17.77 ? 278 LEU A CG  1 
ATOM   851  C CD1 . LEU A 1 121 ? 7.053   -2.381  -9.189  1.00 21.19 ? 278 LEU A CD1 1 
ATOM   852  C CD2 . LEU A 1 121 ? 7.632   -3.094  -11.631 1.00 24.41 ? 278 LEU A CD2 1 
ATOM   853  N N   . LYS A 1 122 ? 9.410   -7.464  -8.597  1.00 21.38 ? 279 LYS A N   1 
ATOM   854  C CA  . LYS A 1 122 ? 10.569  -8.285  -8.161  1.00 25.73 ? 279 LYS A CA  1 
ATOM   855  C C   . LYS A 1 122 ? 10.855  -9.393  -9.202  1.00 25.01 ? 279 LYS A C   1 
ATOM   856  O O   . LYS A 1 122 ? 12.017  -9.567  -9.625  1.00 25.94 ? 279 LYS A O   1 
ATOM   857  C CB  . LYS A 1 122 ? 10.245  -8.936  -6.850  1.00 25.12 ? 279 LYS A CB  1 
ATOM   858  C CG  . LYS A 1 122 ? 11.420  -9.786  -6.255  1.00 31.78 ? 279 LYS A CG  1 
ATOM   859  C CD  . LYS A 1 122 ? 12.708  -9.115  -6.644  1.00 37.74 ? 279 LYS A CD  1 
ATOM   860  C CE  . LYS A 1 122 ? 13.863  -9.547  -5.740  1.00 45.62 ? 279 LYS A CE  1 
ATOM   861  N NZ  . LYS A 1 122 ? 13.412  -10.745 -4.959  1.00 45.10 ? 279 LYS A NZ  1 
ATOM   862  N N   . THR A 1 123 ? 9.791   -10.048 -9.699  1.00 24.60 ? 280 THR A N   1 
ATOM   863  C CA  . THR A 1 123 ? 9.990   -11.185 -10.643 1.00 25.03 ? 280 THR A CA  1 
ATOM   864  C C   . THR A 1 123 ? 10.640  -10.738 -11.946 1.00 26.14 ? 280 THR A C   1 
ATOM   865  O O   . THR A 1 123 ? 11.272  -11.587 -12.605 1.00 26.86 ? 280 THR A O   1 
ATOM   866  C CB  . THR A 1 123 ? 8.759   -11.999 -10.932 1.00 25.62 ? 280 THR A CB  1 
ATOM   867  O OG1 . THR A 1 123 ? 7.829   -11.199 -11.657 1.00 26.56 ? 280 THR A OG1 1 
ATOM   868  C CG2 . THR A 1 123 ? 8.131   -12.610 -9.617  1.00 27.86 ? 280 THR A CG2 1 
ATOM   869  N N   . ILE A 1 124 ? 10.523  -9.487  -12.341 1.00 25.59 ? 281 ILE A N   1 
ATOM   870  C CA  . ILE A 1 124 ? 11.066  -8.981  -13.634 1.00 25.27 ? 281 ILE A CA  1 
ATOM   871  C C   . ILE A 1 124 ? 12.336  -8.192  -13.433 1.00 28.67 ? 281 ILE A C   1 
ATOM   872  O O   . ILE A 1 124 ? 12.747  -7.381  -14.276 1.00 29.54 ? 281 ILE A O   1 
ATOM   873  C CB  . ILE A 1 124 ? 10.037  -8.187  -14.479 1.00 24.77 ? 281 ILE A CB  1 
ATOM   874  C CG1 . ILE A 1 124 ? 9.510   -6.926  -13.751 1.00 24.43 ? 281 ILE A CG1 1 
ATOM   875  C CG2 . ILE A 1 124 ? 8.856   -9.074  -14.837 1.00 26.56 ? 281 ILE A CG2 1 
ATOM   876  C CD1 . ILE A 1 124 ? 8.904   -5.936  -14.763 1.00 22.40 ? 281 ILE A CD1 1 
ATOM   877  N N   . ASN A 1 125 ? 12.949  -8.456  -12.306 1.00 28.75 ? 282 ASN A N   1 
ATOM   878  C CA  . ASN A 1 125 ? 14.174  -7.746  -11.983 1.00 33.31 ? 282 ASN A CA  1 
ATOM   879  C C   . ASN A 1 125 ? 14.096  -6.278  -11.825 1.00 33.71 ? 282 ASN A C   1 
ATOM   880  O O   . ASN A 1 125 ? 15.020  -5.578  -12.193 1.00 34.55 ? 282 ASN A O   1 
ATOM   881  C CB  . ASN A 1 125 ? 15.223  -7.981  -13.044 1.00 35.21 ? 282 ASN A CB  1 
ATOM   882  C CG  . ASN A 1 125 ? 16.352  -8.578  -12.459 1.00 40.90 ? 282 ASN A CG  1 
ATOM   883  O OD1 . ASN A 1 125 ? 17.107  -7.906  -11.728 1.00 45.74 ? 282 ASN A OD1 1 
ATOM   884  N ND2 . ASN A 1 125 ? 16.414  -9.897  -12.567 1.00 49.69 ? 282 ASN A ND2 1 
ATOM   885  N N   . GLN A 1 126 ? 12.962  -5.806  -11.318 1.00 30.99 ? 283 GLN A N   1 
ATOM   886  C CA  . GLN A 1 126 ? 12.813  -4.372  -11.060 1.00 32.41 ? 283 GLN A CA  1 
ATOM   887  C C   . GLN A 1 126 ? 12.489  -4.147  -9.575  1.00 31.17 ? 283 GLN A C   1 
ATOM   888  O O   . GLN A 1 126 ? 11.652  -3.265  -9.204  1.00 30.06 ? 283 GLN A O   1 
ATOM   889  C CB  . GLN A 1 126 ? 11.748  -3.785  -11.958 1.00 31.13 ? 283 GLN A CB  1 
ATOM   890  C CG  . GLN A 1 126 ? 11.866  -4.388  -13.318 1.00 39.49 ? 283 GLN A CG  1 
ATOM   891  C CD  . GLN A 1 126 ? 11.910  -3.369  -14.361 1.00 45.95 ? 283 GLN A CD  1 
ATOM   892  O OE1 . GLN A 1 126 ? 11.101  -3.369  -15.313 1.00 49.97 ? 283 GLN A OE1 1 
ATOM   893  N NE2 . GLN A 1 126 ? 12.883  -2.467  -14.229 1.00 47.36 ? 283 GLN A NE2 1 
ATOM   894  N N   . GLU A 1 127 ? 13.148  -4.937  -8.717  1.00 31.57 ? 284 GLU A N   1 
ATOM   895  C CA  . GLU A 1 127 ? 13.006  -4.805  -7.281  1.00 33.20 ? 284 GLU A CA  1 
ATOM   896  C C   . GLU A 1 127 ? 13.215  -3.330  -6.932  1.00 33.00 ? 284 GLU A C   1 
ATOM   897  O O   . GLU A 1 127 ? 12.632  -2.795  -5.964  1.00 33.43 ? 284 GLU A O   1 
ATOM   898  C CB  . GLU A 1 127 ? 14.019  -5.670  -6.529  1.00 33.42 ? 284 GLU A CB  1 
ATOM   899  C CG  . GLU A 1 127 ? 13.446  -6.151  -5.264  1.00 38.66 ? 284 GLU A CG  1 
ATOM   900  C CD  . GLU A 1 127 ? 14.475  -6.678  -4.295  1.00 45.74 ? 284 GLU A CD  1 
ATOM   901  O OE1 . GLU A 1 127 ? 15.343  -7.492  -4.685  1.00 47.08 ? 284 GLU A OE1 1 
ATOM   902  O OE2 . GLU A 1 127 ? 14.391  -6.291  -3.123  1.00 49.13 ? 284 GLU A OE2 1 
ATOM   903  N N   . SER A 1 128 ? 13.959  -2.630  -7.762  1.00 32.52 ? 285 SER A N   1 
ATOM   904  C CA  . SER A 1 128 ? 14.283  -1.250  -7.451  1.00 34.40 ? 285 SER A CA  1 
ATOM   905  C C   . SER A 1 128 ? 13.132  -0.260  -7.551  1.00 34.74 ? 285 SER A C   1 
ATOM   906  O O   . SER A 1 128 ? 13.236  0.894   -7.063  1.00 34.81 ? 285 SER A O   1 
ATOM   907  C CB  . SER A 1 128 ? 15.384  -0.807  -8.337  1.00 34.83 ? 285 SER A CB  1 
ATOM   908  O OG  . SER A 1 128 ? 16.424  -1.740  -8.064  1.00 41.00 ? 285 SER A OG  1 
ATOM   909  N N   . CYS A 1 129 ? 12.044  -0.666  -8.213  1.00 30.60 ? 286 CYS A N   1 
ATOM   910  C CA  . CYS A 1 129 ? 10.981  0.301   -8.411  1.00 28.68 ? 286 CYS A CA  1 
ATOM   911  C C   . CYS A 1 129 ? 10.040  0.239   -7.247  1.00 25.73 ? 286 CYS A C   1 
ATOM   912  O O   . CYS A 1 129 ? 9.091   1.045   -7.240  1.00 24.67 ? 286 CYS A O   1 
ATOM   913  C CB  . CYS A 1 129 ? 10.128  -0.090  -9.597  1.00 28.48 ? 286 CYS A CB  1 
ATOM   914  S SG  . CYS A 1 129 ? 11.126  -0.002  -11.081 1.00 39.78 ? 286 CYS A SG  1 
ATOM   915  N N   . ILE A 1 130 ? 10.241  -0.724  -6.375  1.00 23.56 ? 287 ILE A N   1 
ATOM   916  C CA  . ILE A 1 130 ? 9.328   -0.916  -5.288  1.00 25.10 ? 287 ILE A CA  1 
ATOM   917  C C   . ILE A 1 130 ? 9.290   0.272   -4.293  1.00 25.28 ? 287 ILE A C   1 
ATOM   918  O O   . ILE A 1 130 ? 8.205   0.747   -3.849  1.00 22.82 ? 287 ILE A O   1 
ATOM   919  C CB  . ILE A 1 130 ? 9.539   -2.211  -4.551  1.00 25.24 ? 287 ILE A CB  1 
ATOM   920  C CG1 . ILE A 1 130 ? 9.265   -3.424  -5.477  1.00 27.82 ? 287 ILE A CG1 1 
ATOM   921  C CG2 . ILE A 1 130 ? 8.622   -2.273  -3.375  1.00 25.12 ? 287 ILE A CG2 1 
ATOM   922  C CD1 . ILE A 1 130 ? 9.569   -4.725  -4.778  1.00 24.83 ? 287 ILE A CD1 1 
ATOM   923  N N   . GLU A 1 131 ? 10.475  0.748   -3.888  1.00 24.77 ? 288 GLU A N   1 
ATOM   924  C CA  . GLU A 1 131 ? 10.437  1.924   -2.987  1.00 25.67 ? 288 GLU A CA  1 
ATOM   925  C C   . GLU A 1 131 ? 9.758   3.165   -3.603  1.00 23.44 ? 288 GLU A C   1 
ATOM   926  O O   . GLU A 1 131 ? 8.869   3.752   -2.935  1.00 25.56 ? 288 GLU A O   1 
ATOM   927  C CB  . GLU A 1 131 ? 11.851  2.210   -2.396  1.00 25.73 ? 288 GLU A CB  1 
ATOM   928  C CG  . GLU A 1 131 ? 11.861  3.225   -1.228  0.75 29.89 ? 288 GLU A CG  1 
ATOM   929  C CD  . GLU A 1 131 ? 10.944  2.872   -0.021  0.50 26.44 ? 288 GLU A CD  1 
ATOM   930  O OE1 . GLU A 1 131 ? 10.439  3.834   0.634   0.50 31.29 ? 288 GLU A OE1 1 
ATOM   931  O OE2 . GLU A 1 131 ? 10.705  1.667   0.306   0.50 25.59 ? 288 GLU A OE2 1 
ATOM   932  N N   . PRO A 1 132 ? 10.039  3.545   -4.852  1.00 22.51 ? 289 PRO A N   1 
ATOM   933  C CA  . PRO A 1 132 ? 9.291   4.616   -5.498  1.00 22.41 ? 289 PRO A CA  1 
ATOM   934  C C   . PRO A 1 132 ? 7.769   4.298   -5.586  1.00 19.91 ? 289 PRO A C   1 
ATOM   935  O O   . PRO A 1 132 ? 6.944   5.212   -5.473  1.00 21.00 ? 289 PRO A O   1 
ATOM   936  C CB  . PRO A 1 132 ? 9.856   4.662   -6.914  1.00 24.22 ? 289 PRO A CB  1 
ATOM   937  C CG  . PRO A 1 132 ? 11.184  4.028   -6.778  1.00 25.41 ? 289 PRO A CG  1 
ATOM   938  C CD  . PRO A 1 132 ? 11.212  3.103   -5.660  1.00 24.62 ? 289 PRO A CD  1 
ATOM   939  N N   . LEU A 1 133 ? 7.439   3.034   -5.817  1.00 20.22 ? 290 LEU A N   1 
ATOM   940  C CA  . LEU A 1 133 ? 6.004   2.660   -5.903  1.00 18.39 ? 290 LEU A CA  1 
ATOM   941  C C   . LEU A 1 133 ? 5.349   2.923   -4.552  1.00 17.83 ? 290 LEU A C   1 
ATOM   942  O O   . LEU A 1 133 ? 4.249   3.540   -4.485  1.00 17.61 ? 290 LEU A O   1 
ATOM   943  C CB  . LEU A 1 133 ? 5.807   1.158   -6.283  1.00 17.50 ? 290 LEU A CB  1 
ATOM   944  C CG  . LEU A 1 133 ? 4.335   0.721   -6.365  1.00 20.45 ? 290 LEU A CG  1 
ATOM   945  C CD1 . LEU A 1 133 ? 3.604   1.483   -7.482  1.00 19.48 ? 290 LEU A CD1 1 
ATOM   946  C CD2 . LEU A 1 133 ? 4.288   -0.799  -6.612  1.00 19.89 ? 290 LEU A CD2 1 
ATOM   947  N N   . ALA A 1 134 ? 6.040   2.531   -3.490  1.00 18.28 ? 291 ALA A N   1 
ATOM   948  C CA  . ALA A 1 134 ? 5.455   2.722   -2.149  1.00 18.55 ? 291 ALA A CA  1 
ATOM   949  C C   . ALA A 1 134 ? 5.277   4.191   -1.823  1.00 19.43 ? 291 ALA A C   1 
ATOM   950  O O   . ALA A 1 134 ? 4.307   4.579   -1.165  1.00 19.51 ? 291 ALA A O   1 
ATOM   951  C CB  . ALA A 1 134 ? 6.282   1.972   -1.025  1.00 18.92 ? 291 ALA A CB  1 
ATOM   952  N N   . GLU A 1 135 ? 6.243   5.050   -2.274  1.00 19.57 ? 292 GLU A N   1 
ATOM   953  C CA  . GLU A 1 135 ? 6.124   6.475   -2.042  1.00 20.98 ? 292 GLU A CA  1 
ATOM   954  C C   . GLU A 1 135 ? 4.972   7.083   -2.800  1.00 20.22 ? 292 GLU A C   1 
ATOM   955  O O   . GLU A 1 135 ? 4.268   7.912   -2.254  1.00 20.65 ? 292 GLU A O   1 
ATOM   956  C CB  . GLU A 1 135 ? 7.423   7.205   -2.457  1.00 22.74 ? 292 GLU A CB  1 
ATOM   957  C CG  . GLU A 1 135 ? 8.552   6.794   -1.641  1.00 26.41 ? 292 GLU A CG  1 
ATOM   958  C CD  . GLU A 1 135 ? 9.881   7.479   -2.122  1.00 36.12 ? 292 GLU A CD  1 
ATOM   959  O OE1 . GLU A 1 135 ? 9.993   7.827   -3.328  1.00 37.82 ? 292 GLU A OE1 1 
ATOM   960  O OE2 . GLU A 1 135 ? 10.780  7.682   -1.249  1.00 34.82 ? 292 GLU A OE2 1 
ATOM   961  N N   . SER A 1 136 ? 4.718   6.598   -4.022  1.00 18.15 ? 293 SER A N   1 
ATOM   962  C CA  . SER A 1 136 ? 3.633   7.126   -4.809  1.00 18.90 ? 293 SER A CA  1 
ATOM   963  C C   . SER A 1 136 ? 2.283   6.766   -4.117  1.00 16.64 ? 293 SER A C   1 
ATOM   964  O O   . SER A 1 136 ? 1.368   7.583   -4.107  1.00 16.74 ? 293 SER A O   1 
ATOM   965  C CB  . SER A 1 136 ? 3.550   6.546   -6.226  1.00 21.54 ? 293 SER A CB  1 
ATOM   966  O OG  . SER A 1 136 ? 4.262   7.405   -7.127  1.00 31.51 ? 293 SER A OG  1 
ATOM   967  N N   . ILE A 1 137 ? 2.178   5.520   -3.732  1.00 16.95 ? 294 ILE A N   1 
ATOM   968  C CA  . ILE A 1 137 ? 0.927   5.021   -3.057  1.00 14.98 ? 294 ILE A CA  1 
ATOM   969  C C   . ILE A 1 137 ? 0.650   5.853   -1.795  1.00 15.14 ? 294 ILE A C   1 
ATOM   970  O O   . ILE A 1 137 ? -0.430  6.312   -1.544  1.00 14.87 ? 294 ILE A O   1 
ATOM   971  C CB  . ILE A 1 137 ? 1.046   3.540   -2.677  1.00 14.51 ? 294 ILE A CB  1 
ATOM   972  C CG1 . ILE A 1 137 ? 1.054   2.634   -3.933  1.00 15.94 ? 294 ILE A CG1 1 
ATOM   973  C CG2 . ILE A 1 137 ? -0.113  3.120   -1.769  1.00 16.02 ? 294 ILE A CG2 1 
ATOM   974  C CD1 . ILE A 1 137 ? 1.466   1.205   -3.655  1.00 16.18 ? 294 ILE A CD1 1 
ATOM   975  N N   . THR A 1 138 ? 1.676   6.040   -1.002  1.00 15.59 ? 295 THR A N   1 
ATOM   976  C CA  . THR A 1 138 ? 1.507   6.790   0.245   1.00 17.30 ? 295 THR A CA  1 
ATOM   977  C C   . THR A 1 138 ? 1.176   8.254   -0.044  1.00 18.32 ? 295 THR A C   1 
ATOM   978  O O   . THR A 1 138 ? 0.332   8.844   0.598   1.00 18.73 ? 295 THR A O   1 
ATOM   979  C CB  . THR A 1 138 ? 2.845   6.748   1.102   1.00 15.97 ? 295 THR A CB  1 
ATOM   980  O OG1 . THR A 1 138 ? 3.228   5.418   1.381   1.00 20.10 ? 295 THR A OG1 1 
ATOM   981  C CG2 . THR A 1 138 ? 2.608   7.492   2.474   1.00 18.58 ? 295 THR A CG2 1 
ATOM   982  N N   . ASP A 1 139 ? 1.828   8.839   -1.046  1.00 19.66 ? 296 ASP A N   1 
ATOM   983  C CA  . ASP A 1 139 ? 1.544   10.213  -1.449  1.00 20.64 ? 296 ASP A CA  1 
ATOM   984  C C   . ASP A 1 139 ? 0.074   10.377  -1.874  1.00 19.51 ? 296 ASP A C   1 
ATOM   985  O O   . ASP A 1 139 ? -0.590  11.261  -1.436  1.00 19.02 ? 296 ASP A O   1 
ATOM   986  C CB  . ASP A 1 139 ? 2.521   10.678  -2.550  1.00 21.59 ? 296 ASP A CB  1 
ATOM   987  C CG  . ASP A 1 139 ? 2.240   12.090  -3.008  0.75 29.86 ? 296 ASP A CG  1 
ATOM   988  O OD1 . ASP A 1 139 ? 1.967   12.283  -4.205  0.75 39.07 ? 296 ASP A OD1 1 
ATOM   989  O OD2 . ASP A 1 139 ? 2.248   13.008  -2.155  0.75 35.52 ? 296 ASP A OD2 1 
ATOM   990  N N   . VAL A 1 140 ? -0.429  9.422   -2.686  1.00 17.12 ? 297 VAL A N   1 
ATOM   991  C CA  . VAL A 1 140 ? -1.788  9.478   -3.123  1.00 15.77 ? 297 VAL A CA  1 
ATOM   992  C C   . VAL A 1 140 ? -2.719  9.325   -1.929  1.00 15.71 ? 297 VAL A C   1 
ATOM   993  O O   . VAL A 1 140 ? -3.755  10.000  -1.841  1.00 17.11 ? 297 VAL A O   1 
ATOM   994  C CB  . VAL A 1 140 ? -2.016  8.407   -4.199  1.00 17.06 ? 297 VAL A CB  1 
ATOM   995  C CG1 . VAL A 1 140 ? -3.540  8.208   -4.449  1.00 19.81 ? 297 VAL A CG1 1 
ATOM   996  C CG2 . VAL A 1 140 ? -1.332  8.936   -5.513  1.00 17.52 ? 297 VAL A CG2 1 
ATOM   997  N N   . LEU A 1 141 ? -2.432  8.390   -1.023  1.00 15.90 ? 298 LEU A N   1 
ATOM   998  C CA  . LEU A 1 141 ? -3.338  8.090   0.072   1.00 16.77 ? 298 LEU A CA  1 
ATOM   999  C C   . LEU A 1 141 ? -3.483  9.346   0.941   1.00 17.66 ? 298 LEU A C   1 
ATOM   1000 O O   . LEU A 1 141 ? -4.582  9.749   1.298   1.00 17.06 ? 298 LEU A O   1 
ATOM   1001 C CB  . LEU A 1 141 ? -2.748  6.954   0.882   1.00 16.63 ? 298 LEU A CB  1 
ATOM   1002 C CG  . LEU A 1 141 ? -3.466  6.646   2.261   1.00 16.98 ? 298 LEU A CG  1 
ATOM   1003 C CD1 . LEU A 1 141 ? -4.952  6.217   2.021   1.00 17.75 ? 298 LEU A CD1 1 
ATOM   1004 C CD2 . LEU A 1 141 ? -2.718  5.522   3.043   1.00 20.18 ? 298 LEU A CD2 1 
ATOM   1005 N N   . VAL A 1 142 ? -2.338  9.945   1.293   1.00 18.21 ? 299 VAL A N   1 
ATOM   1006 C CA  . VAL A 1 142 ? -2.396  11.098  2.223   1.00 21.53 ? 299 VAL A CA  1 
ATOM   1007 C C   . VAL A 1 142 ? -2.868  12.380  1.541   1.00 23.21 ? 299 VAL A C   1 
ATOM   1008 O O   . VAL A 1 142 ? -3.670  13.144  2.122   1.00 24.47 ? 299 VAL A O   1 
ATOM   1009 C CB  . VAL A 1 142 ? -1.077  11.257  3.052   1.00 22.59 ? 299 VAL A CB  1 
ATOM   1010 C CG1 . VAL A 1 142 ? -0.670  9.972   3.689   1.00 25.70 ? 299 VAL A CG1 1 
ATOM   1011 C CG2 . VAL A 1 142 ? 0.049   11.838  2.228   1.00 25.68 ? 299 VAL A CG2 1 
ATOM   1012 N N   . ARG A 1 143 ? -2.473  12.602  0.278   1.00 23.56 ? 300 ARG A N   1 
ATOM   1013 C CA  . ARG A 1 143 ? -3.010  13.731  -0.490  1.00 24.88 ? 300 ARG A CA  1 
ATOM   1014 C C   . ARG A 1 143 ? -4.499  13.683  -0.669  1.00 23.67 ? 300 ARG A C   1 
ATOM   1015 O O   . ARG A 1 143 ? -5.153  14.733  -0.688  1.00 27.33 ? 300 ARG A O   1 
ATOM   1016 C CB  . ARG A 1 143 ? -2.402  13.810  -1.916  1.00 24.74 ? 300 ARG A CB  1 
ATOM   1017 C CG  . ARG A 1 143 ? -0.969  14.321  -1.940  1.00 32.23 ? 300 ARG A CG  1 
ATOM   1018 C CD  . ARG A 1 143 ? -0.317  14.349  -3.420  1.00 41.15 ? 300 ARG A CD  1 
ATOM   1019 N NE  . ARG A 1 143 ? -1.278  14.527  -4.507  1.00 49.06 ? 300 ARG A NE  1 
ATOM   1020 C CZ  . ARG A 1 143 ? -1.368  15.639  -5.241  1.00 55.00 ? 300 ARG A CZ  1 
ATOM   1021 N NH1 . ARG A 1 143 ? -0.558  16.673  -4.993  1.00 57.84 ? 300 ARG A NH1 1 
ATOM   1022 N NH2 . ARG A 1 143 ? -2.262  15.728  -6.222  1.00 56.68 ? 300 ARG A NH2 1 
ATOM   1023 N N   . THR A 1 144 ? -5.095  12.505  -0.906  1.00 21.11 ? 301 THR A N   1 
ATOM   1024 C CA  . THR A 1 144 ? -6.487  12.497  -1.204  1.00 19.70 ? 301 THR A CA  1 
ATOM   1025 C C   . THR A 1 144 ? -7.348  12.310  0.073   1.00 20.38 ? 301 THR A C   1 
ATOM   1026 O O   . THR A 1 144 ? -8.509  12.702  0.108   1.00 22.94 ? 301 THR A O   1 
ATOM   1027 C CB  . THR A 1 144 ? -6.898  11.372  -2.229  1.00 20.44 ? 301 THR A CB  1 
ATOM   1028 O OG1 . THR A 1 144 ? -6.576  10.088  -1.710  1.00 20.45 ? 301 THR A OG1 1 
ATOM   1029 C CG2 . THR A 1 144 ? -6.079  11.541  -3.531  1.00 22.78 ? 301 THR A CG2 1 
ATOM   1030 N N   . LYS A 1 145 ? -6.824  11.625  1.079   1.00 17.86 ? 302 LYS A N   1 
ATOM   1031 C CA  . LYS A 1 145 ? -7.690  11.226  2.218   1.00 18.54 ? 302 LYS A CA  1 
ATOM   1032 C C   . LYS A 1 145 ? -7.242  11.717  3.574   1.00 17.52 ? 302 LYS A C   1 
ATOM   1033 O O   . LYS A 1 145 ? -7.716  11.193  4.567   1.00 18.38 ? 302 LYS A O   1 
ATOM   1034 C CB  . LYS A 1 145 ? -7.779  9.718   2.386   1.00 18.37 ? 302 LYS A CB  1 
ATOM   1035 C CG  . LYS A 1 145 ? -8.235  8.948   1.039   1.00 22.12 ? 302 LYS A CG  1 
ATOM   1036 C CD  . LYS A 1 145 ? -9.596  9.434   0.560   1.00 25.49 ? 302 LYS A CD  1 
ATOM   1037 C CE  . LYS A 1 145 ? -10.084 8.592   -0.692  1.00 25.11 ? 302 LYS A CE  1 
ATOM   1038 N NZ  . LYS A 1 145 ? -11.388 9.157   -1.049  1.00 25.93 ? 302 LYS A NZ  1 
ATOM   1039 N N   . ARG A 1 146 ? -6.335  12.695  3.669   1.00 16.55 ? 303 ARG A N   1 
ATOM   1040 C CA  . ARG A 1 146 ? -5.720  13.089  4.990   1.00 17.62 ? 303 ARG A CA  1 
ATOM   1041 C C   . ARG A 1 146 ? -6.803  13.461  5.990   1.00 18.06 ? 303 ARG A C   1 
ATOM   1042 O O   . ARG A 1 146 ? -6.735  13.011  7.139   1.00 18.04 ? 303 ARG A O   1 
ATOM   1043 C CB  . ARG A 1 146 ? -4.694  14.259  4.832   1.00 18.62 ? 303 ARG A CB  1 
ATOM   1044 C CG  . ARG A 1 146 ? -4.063  14.599  6.215   1.00 20.96 ? 303 ARG A CG  1 
ATOM   1045 C CD  . ARG A 1 146 ? -3.091  15.780  6.129   1.00 23.93 ? 303 ARG A CD  1 
ATOM   1046 N NE  . ARG A 1 146 ? -2.024  15.625  5.157   1.00 25.19 ? 303 ARG A NE  1 
ATOM   1047 C CZ  . ARG A 1 146 ? -0.805  15.175  5.474   1.00 26.91 ? 303 ARG A CZ  1 
ATOM   1048 N NH1 . ARG A 1 146 ? -0.530  14.781  6.725   1.00 26.65 ? 303 ARG A NH1 1 
ATOM   1049 N NH2 . ARG A 1 146 ? 0.125   15.052  4.520   1.00 28.27 ? 303 ARG A NH2 1 
ATOM   1050 N N   . ASP A 1 147 ? -7.803  14.249  5.560   1.00 18.64 ? 304 ASP A N   1 
ATOM   1051 C CA  . ASP A 1 147 ? -8.810  14.666  6.586   1.00 20.18 ? 304 ASP A CA  1 
ATOM   1052 C C   . ASP A 1 147 ? -9.651  13.484  7.104   1.00 19.78 ? 304 ASP A C   1 
ATOM   1053 O O   . ASP A 1 147 ? -9.917  13.323  8.323   1.00 21.18 ? 304 ASP A O   1 
ATOM   1054 C CB  . ASP A 1 147 ? -9.724  15.755  6.020   1.00 20.29 ? 304 ASP A CB  1 
ATOM   1055 C CG  . ASP A 1 147 ? -10.611 16.363  7.101   0.75 22.31 ? 304 ASP A CG  1 
ATOM   1056 O OD1 . ASP A 1 147 ? -10.087 16.952  8.056   0.75 20.48 ? 304 ASP A OD1 1 
ATOM   1057 O OD2 . ASP A 1 147 ? -11.816 16.173  7.034   0.75 25.39 ? 304 ASP A OD2 1 
ATOM   1058 N N   . TRP A 1 148 ? -10.087 12.646  6.148   1.00 19.04 ? 305 TRP A N   1 
ATOM   1059 C CA  . TRP A 1 148 ? -10.802 11.426  6.535   1.00 18.14 ? 305 TRP A CA  1 
ATOM   1060 C C   . TRP A 1 148 ? -9.941  10.554  7.451   1.00 17.75 ? 305 TRP A C   1 
ATOM   1061 O O   . TRP A 1 148 ? -10.417 10.049  8.424   1.00 17.33 ? 305 TRP A O   1 
ATOM   1062 C CB  . TRP A 1 148 ? -11.216 10.674  5.233   1.00 17.49 ? 305 TRP A CB  1 
ATOM   1063 C CG  . TRP A 1 148 ? -12.115 9.461   5.555   1.00 18.01 ? 305 TRP A CG  1 
ATOM   1064 C CD1 . TRP A 1 148 ? -13.450 9.469   5.582   1.00 21.69 ? 305 TRP A CD1 1 
ATOM   1065 C CD2 . TRP A 1 148 ? -11.714 8.081   5.831   1.00 14.16 ? 305 TRP A CD2 1 
ATOM   1066 N NE1 . TRP A 1 148 ? -13.937 8.203   5.861   1.00 20.88 ? 305 TRP A NE1 1 
ATOM   1067 C CE2 . TRP A 1 148 ? -12.889 7.335   6.005   1.00 18.46 ? 305 TRP A CE2 1 
ATOM   1068 C CE3 . TRP A 1 148 ? -10.493 7.439   5.936   1.00 13.25 ? 305 TRP A CE3 1 
ATOM   1069 C CZ2 . TRP A 1 148 ? -12.886 5.979   6.346   1.00 17.16 ? 305 TRP A CZ2 1 
ATOM   1070 C CZ3 . TRP A 1 148 ? -10.499 6.022   6.231   1.00 17.54 ? 305 TRP A CZ3 1 
ATOM   1071 C CH2 . TRP A 1 148 ? -11.675 5.344   6.426   1.00 15.95 ? 305 TRP A CH2 1 
ATOM   1072 N N   . LEU A 1 149 ? -8.667  10.355  7.113   1.00 18.21 ? 306 LEU A N   1 
ATOM   1073 C CA  . LEU A 1 149 ? -7.752  9.502   7.926   1.00 17.82 ? 306 LEU A CA  1 
ATOM   1074 C C   . LEU A 1 149 ? -7.611  10.076  9.353   1.00 18.68 ? 306 LEU A C   1 
ATOM   1075 O O   . LEU A 1 149 ? -7.692  9.337   10.328  1.00 17.54 ? 306 LEU A O   1 
ATOM   1076 C CB  . LEU A 1 149 ? -6.382  9.372   7.272   1.00 18.22 ? 306 LEU A CB  1 
ATOM   1077 C CG  . LEU A 1 149 ? -6.340  8.600   5.940   1.00 18.30 ? 306 LEU A CG  1 
ATOM   1078 C CD1 . LEU A 1 149 ? -4.992  8.883   5.246   1.00 16.51 ? 306 LEU A CD1 1 
ATOM   1079 C CD2 . LEU A 1 149 ? -6.399  7.137   6.337   1.00 17.52 ? 306 LEU A CD2 1 
ATOM   1080 N N   . VAL A 1 150 ? -7.483  11.389  9.470   1.00 17.95 ? 307 VAL A N   1 
ATOM   1081 C CA  . VAL A 1 150 ? -7.337  11.973  10.796  1.00 19.67 ? 307 VAL A CA  1 
ATOM   1082 C C   . VAL A 1 150 ? -8.627  11.784  11.613  1.00 19.17 ? 307 VAL A C   1 
ATOM   1083 O O   . VAL A 1 150 ? -8.549  11.413  12.792  1.00 20.56 ? 307 VAL A O   1 
ATOM   1084 C CB  . VAL A 1 150 ? -6.879  13.475  10.690  1.00 19.90 ? 307 VAL A CB  1 
ATOM   1085 C CG1 . VAL A 1 150 ? -7.092  14.293  12.067  1.00 20.86 ? 307 VAL A CG1 1 
ATOM   1086 C CG2 . VAL A 1 150 ? -5.459  13.518  10.152  1.00 21.29 ? 307 VAL A CG2 1 
ATOM   1087 N N   . LYS A 1 151 ? -9.789  11.992  10.986  1.00 19.36 ? 308 LYS A N   1 
ATOM   1088 C CA  . LYS A 1 151 ? -11.139 11.804  11.605  1.00 20.98 ? 308 LYS A CA  1 
ATOM   1089 C C   . LYS A 1 151 ? -11.335 10.349  12.070  1.00 22.22 ? 308 LYS A C   1 
ATOM   1090 O O   . LYS A 1 151 ? -12.023 10.098  13.022  1.00 23.59 ? 308 LYS A O   1 
ATOM   1091 C CB  . LYS A 1 151 ? -12.291 12.238  10.700  1.00 22.17 ? 308 LYS A CB  1 
ATOM   1092 C CG  . LYS A 1 151 ? -12.617 13.770  10.597  1.00 30.51 ? 308 LYS A CG  1 
ATOM   1093 C CD  . LYS A 1 151 ? -11.641 14.750  11.261  1.00 34.41 ? 308 LYS A CD  1 
ATOM   1094 C CE  . LYS A 1 151 ? -12.067 16.284  11.174  1.00 39.02 ? 308 LYS A CE  1 
ATOM   1095 N NZ  . LYS A 1 151 ? -12.880 16.618  9.907   1.00 35.29 ? 308 LYS A NZ  1 
ATOM   1096 N N   . GLN A 1 152 ? -10.693 9.400   11.383  1.00 20.17 ? 309 GLN A N   1 
ATOM   1097 C CA  . GLN A 1 152 ? -10.827 8.005   11.696  1.00 19.87 ? 309 GLN A CA  1 
ATOM   1098 C C   . GLN A 1 152 ? -9.762  7.463   12.602  1.00 20.67 ? 309 GLN A C   1 
ATOM   1099 O O   . GLN A 1 152 ? -9.678  6.232   12.727  1.00 23.17 ? 309 GLN A O   1 
ATOM   1100 C CB  . GLN A 1 152 ? -10.804 7.147   10.362  1.00 20.68 ? 309 GLN A CB  1 
ATOM   1101 C CG  . GLN A 1 152 ? -11.885 7.493   9.473   1.00 27.95 ? 309 GLN A CG  1 
ATOM   1102 C CD  . GLN A 1 152 ? -13.199 7.407   10.056  1.00 34.60 ? 309 GLN A CD  1 
ATOM   1103 O OE1 . GLN A 1 152 ? -13.465 6.534   10.861  1.00 34.39 ? 309 GLN A OE1 1 
ATOM   1104 N NE2 . GLN A 1 152 ? -14.073 8.310   9.663   1.00 38.43 ? 309 GLN A NE2 1 
ATOM   1105 N N   . ARG A 1 153 ? -8.916  8.315   13.231  1.00 19.48 ? 310 ARG A N   1 
ATOM   1106 C CA  . ARG A 1 153 ? -7.797  7.972   14.093  1.00 21.22 ? 310 ARG A CA  1 
ATOM   1107 C C   . ARG A 1 153 ? -6.663  7.238   13.375  1.00 20.90 ? 310 ARG A C   1 
ATOM   1108 O O   . ARG A 1 153 ? -5.895  6.449   13.958  1.00 21.75 ? 310 ARG A O   1 
ATOM   1109 C CB  . ARG A 1 153 ? -8.300  7.202   15.378  1.00 22.04 ? 310 ARG A CB  1 
ATOM   1110 C CG  . ARG A 1 153 ? -9.342  8.098   16.110  1.00 25.88 ? 310 ARG A CG  1 
ATOM   1111 C CD  . ARG A 1 153 ? -9.821  7.454   17.392  1.00 34.03 ? 310 ARG A CD  1 
ATOM   1112 N NE  . ARG A 1 153 ? -8.666  6.924   18.076  0.75 37.81 ? 310 ARG A NE  1 
ATOM   1113 C CZ  . ARG A 1 153 ? -8.427  5.622   18.169  0.75 41.33 ? 310 ARG A CZ  1 
ATOM   1114 N NH1 . ARG A 1 153 ? -7.339  5.188   18.780  0.75 42.17 ? 310 ARG A NH1 1 
ATOM   1115 N NH2 . ARG A 1 153 ? -9.303  4.762   17.660  0.75 40.46 ? 310 ARG A NH2 1 
ATOM   1116 N N   . GLY A 1 154 ? -6.516  7.548   12.085  1.00 19.21 ? 311 GLY A N   1 
ATOM   1117 C CA  . GLY A 1 154 ? -5.341  7.080   11.326  1.00 18.30 ? 311 GLY A CA  1 
ATOM   1118 C C   . GLY A 1 154 ? -5.197  5.552   11.405  1.00 18.67 ? 311 GLY A C   1 
ATOM   1119 O O   . GLY A 1 154 ? -6.173  4.806   11.343  1.00 17.52 ? 311 GLY A O   1 
ATOM   1120 N N   . TRP A 1 155 ? -3.975  5.108   11.582  1.00 17.48 ? 312 TRP A N   1 
ATOM   1121 C CA  . TRP A 1 155 ? -3.709  3.646   11.607  1.00 17.58 ? 312 TRP A CA  1 
ATOM   1122 C C   . TRP A 1 155 ? -4.279  2.927   12.799  1.00 18.01 ? 312 TRP A C   1 
ATOM   1123 O O   . TRP A 1 155 ? -4.584  1.737   12.707  1.00 16.70 ? 312 TRP A O   1 
ATOM   1124 C CB  . TRP A 1 155 ? -2.207  3.398   11.399  1.00 19.25 ? 312 TRP A CB  1 
ATOM   1125 C CG  . TRP A 1 155 ? -1.784  3.857   10.074  1.00 18.74 ? 312 TRP A CG  1 
ATOM   1126 C CD1 . TRP A 1 155 ? -1.134  4.993   9.747   1.00 16.25 ? 312 TRP A CD1 1 
ATOM   1127 C CD2 . TRP A 1 155 ? -2.020  3.148   8.852   1.00 17.14 ? 312 TRP A CD2 1 
ATOM   1128 N NE1 . TRP A 1 155 ? -0.948  5.058   8.370   1.00 20.63 ? 312 TRP A NE1 1 
ATOM   1129 C CE2 . TRP A 1 155 ? -1.457  3.911   7.818   1.00 18.63 ? 312 TRP A CE2 1 
ATOM   1130 C CE3 . TRP A 1 155 ? -2.676  1.938   8.550   1.00 19.85 ? 312 TRP A CE3 1 
ATOM   1131 C CZ2 . TRP A 1 155 ? -1.555  3.516   6.467   1.00 21.38 ? 312 TRP A CZ2 1 
ATOM   1132 C CZ3 . TRP A 1 155 ? -2.778  1.545   7.261   1.00 19.33 ? 312 TRP A CZ3 1 
ATOM   1133 C CH2 . TRP A 1 155 ? -2.224  2.290   6.246   1.00 18.51 ? 312 TRP A CH2 1 
ATOM   1134 N N   . ASP A 1 156 ? -4.499  3.634   13.927  1.00 18.63 ? 313 ASP A N   1 
ATOM   1135 C CA  . ASP A 1 156 ? -5.265  3.039   14.994  1.00 20.43 ? 313 ASP A CA  1 
ATOM   1136 C C   . ASP A 1 156 ? -6.711  2.691   14.594  1.00 18.15 ? 313 ASP A C   1 
ATOM   1137 O O   . ASP A 1 156 ? -7.212  1.597   14.955  1.00 19.99 ? 313 ASP A O   1 
ATOM   1138 C CB  . ASP A 1 156 ? -5.261  3.938   16.263  1.00 20.93 ? 313 ASP A CB  1 
ATOM   1139 C CG  . ASP A 1 156 ? -3.850  4.029   16.882  1.00 29.57 ? 313 ASP A CG  1 
ATOM   1140 O OD1 . ASP A 1 156 ? -3.256  2.979   17.156  1.00 35.14 ? 313 ASP A OD1 1 
ATOM   1141 O OD2 . ASP A 1 156 ? -3.342  5.152   17.056  1.00 39.64 ? 313 ASP A OD2 1 
ATOM   1142 N N   . GLY A 1 157 ? -7.304  3.532   13.758  1.00 18.55 ? 314 GLY A N   1 
ATOM   1143 C CA  . GLY A 1 157 ? -8.621  3.269   13.234  1.00 17.66 ? 314 GLY A CA  1 
ATOM   1144 C C   . GLY A 1 157 ? -8.598  2.089   12.301  1.00 16.94 ? 314 GLY A C   1 
ATOM   1145 O O   . GLY A 1 157 ? -9.595  1.341   12.299  1.00 16.80 ? 314 GLY A O   1 
ATOM   1146 N N   . PHE A 1 158 ? -7.548  1.995   11.486  1.00 17.19 ? 315 PHE A N   1 
ATOM   1147 C CA  . PHE A 1 158 ? -7.435  0.885   10.502  1.00 16.39 ? 315 PHE A CA  1 
ATOM   1148 C C   . PHE A 1 158 ? -7.411  -0.396  11.268  1.00 18.23 ? 315 PHE A C   1 
ATOM   1149 O O   . PHE A 1 158 ? -8.141  -1.336  10.962  1.00 17.01 ? 315 PHE A O   1 
ATOM   1150 C CB  . PHE A 1 158 ? -6.188  1.107   9.664   1.00 16.57 ? 315 PHE A CB  1 
ATOM   1151 C CG  . PHE A 1 158 ? -5.804  -0.070  8.827   1.00 17.33 ? 315 PHE A CG  1 
ATOM   1152 C CD1 . PHE A 1 158 ? -6.400  -0.248  7.548   1.00 17.64 ? 315 PHE A CD1 1 
ATOM   1153 C CD2 . PHE A 1 158 ? -4.749  -0.902  9.227   1.00 15.61 ? 315 PHE A CD2 1 
ATOM   1154 C CE1 . PHE A 1 158 ? -6.007  -1.332  6.749   1.00 15.83 ? 315 PHE A CE1 1 
ATOM   1155 C CE2 . PHE A 1 158 ? -4.354  -1.992  8.415   1.00 16.14 ? 315 PHE A CE2 1 
ATOM   1156 C CZ  . PHE A 1 158 ? -4.966  -2.218  7.147   1.00 17.35 ? 315 PHE A CZ  1 
ATOM   1157 N N   . VAL A 1 159 ? -6.571  -0.442  12.328  1.00 18.31 ? 316 VAL A N   1 
ATOM   1158 C CA  . VAL A 1 159 ? -6.419  -1.707  13.062  1.00 19.15 ? 316 VAL A CA  1 
ATOM   1159 C C   . VAL A 1 159 ? -7.721  -2.081  13.809  1.00 17.19 ? 316 VAL A C   1 
ATOM   1160 O O   . VAL A 1 159 ? -8.207  -3.232  13.773  1.00 20.22 ? 316 VAL A O   1 
ATOM   1161 C CB  . VAL A 1 159 ? -5.216  -1.501  14.097  1.00 17.24 ? 316 VAL A CB  1 
ATOM   1162 C CG1 . VAL A 1 159 ? -5.314  -2.669  15.186  1.00 21.34 ? 316 VAL A CG1 1 
ATOM   1163 C CG2 . VAL A 1 159 ? -3.918  -1.460  13.398  1.00 20.58 ? 316 VAL A CG2 1 
ATOM   1164 N N   . GLU A 1 160 ? -8.406  -1.089  14.376  1.00 17.44 ? 317 GLU A N   1 
ATOM   1165 C CA  . GLU A 1 160 ? -9.669  -1.329  15.060  1.00 20.14 ? 317 GLU A CA  1 
ATOM   1166 C C   . GLU A 1 160 ? -10.744 -1.844  14.079  1.00 20.10 ? 317 GLU A C   1 
ATOM   1167 O O   . GLU A 1 160 ? -11.540 -2.750  14.368  1.00 19.45 ? 317 GLU A O   1 
ATOM   1168 C CB  . GLU A 1 160 ? -10.162 -0.060  15.793  1.00 20.80 ? 317 GLU A CB  1 
ATOM   1169 C CG  . GLU A 1 160 ? -11.618 -0.252  16.355  0.75 23.20 ? 317 GLU A CG  1 
ATOM   1170 C CD  . GLU A 1 160 ? -11.572 -1.163  17.570  0.50 31.51 ? 317 GLU A CD  1 
ATOM   1171 O OE1 . GLU A 1 160 ? -10.686 -0.936  18.424  0.50 34.02 ? 317 GLU A OE1 1 
ATOM   1172 O OE2 . GLU A 1 160 ? -12.389 -2.119  17.669  0.50 37.30 ? 317 GLU A OE2 1 
ATOM   1173 N N   . PHE A 1 161 ? -10.748 -1.276  12.859  1.00 18.48 ? 318 PHE A N   1 
ATOM   1174 C CA  . PHE A 1 161 ? -11.765 -1.659  11.871  1.00 18.00 ? 318 PHE A CA  1 
ATOM   1175 C C   . PHE A 1 161 ? -11.716 -3.143  11.522  1.00 18.33 ? 318 PHE A C   1 
ATOM   1176 O O   . PHE A 1 161 ? -12.807 -3.781  11.435  1.00 20.51 ? 318 PHE A O   1 
ATOM   1177 C CB  . PHE A 1 161 ? -11.600 -0.836  10.584  1.00 16.61 ? 318 PHE A CB  1 
ATOM   1178 C CG  . PHE A 1 161 ? -12.758 -0.987  9.596   1.00 14.05 ? 318 PHE A CG  1 
ATOM   1179 C CD1 . PHE A 1 161 ? -13.870 -0.175  9.664   1.00 15.05 ? 318 PHE A CD1 1 
ATOM   1180 C CD2 . PHE A 1 161 ? -12.655 -1.939  8.593   1.00 16.45 ? 318 PHE A CD2 1 
ATOM   1181 C CE1 . PHE A 1 161 ? -14.911 -0.302  8.706   1.00 15.51 ? 318 PHE A CE1 1 
ATOM   1182 C CE2 . PHE A 1 161 ? -13.729 -2.134  7.679   1.00 14.65 ? 318 PHE A CE2 1 
ATOM   1183 C CZ  . PHE A 1 161 ? -14.792 -1.249  7.663   1.00 14.64 ? 318 PHE A CZ  1 
ATOM   1184 N N   . PHE A 1 162 ? -10.483 -3.683  11.395  1.00 18.29 ? 319 PHE A N   1 
ATOM   1185 C CA  . PHE A 1 162 ? -10.310 -5.060  10.884  1.00 18.50 ? 319 PHE A CA  1 
ATOM   1186 C C   . PHE A 1 162 ? -10.071 -6.021  12.066  1.00 23.52 ? 319 PHE A C   1 
ATOM   1187 O O   . PHE A 1 162 ? -9.762  -7.179  11.843  1.00 24.30 ? 319 PHE A O   1 
ATOM   1188 C CB  . PHE A 1 162 ? -9.167  -5.101  9.908   1.00 18.48 ? 319 PHE A CB  1 
ATOM   1189 C CG  . PHE A 1 162 ? -9.535  -4.518  8.587   1.00 15.65 ? 319 PHE A CG  1 
ATOM   1190 C CD1 . PHE A 1 162 ? -8.950  -3.324  8.203   1.00 14.14 ? 319 PHE A CD1 1 
ATOM   1191 C CD2 . PHE A 1 162 ? -10.466 -5.120  7.764   1.00 17.03 ? 319 PHE A CD2 1 
ATOM   1192 C CE1 . PHE A 1 162 ? -9.294  -2.716  6.945   1.00 16.34 ? 319 PHE A CE1 1 
ATOM   1193 C CE2 . PHE A 1 162 ? -10.820 -4.561  6.513   1.00 20.95 ? 319 PHE A CE2 1 
ATOM   1194 C CZ  . PHE A 1 162 ? -10.215 -3.366  6.112   1.00 16.49 ? 319 PHE A CZ  1 
ATOM   1195 N N   . HIS A 1 163 ? -10.257 -5.501  13.298  1.00 26.13 ? 320 HIS A N   1 
ATOM   1196 C CA  . HIS A 1 163 ? -9.878  -6.222  14.529  1.00 33.64 ? 320 HIS A CA  1 
ATOM   1197 C C   . HIS A 1 163 ? -10.740 -7.459  14.674  1.00 37.33 ? 320 HIS A C   1 
ATOM   1198 O O   . HIS A 1 163 ? -11.951 -7.390  14.474  1.00 38.07 ? 320 HIS A O   1 
ATOM   1199 C CB  . HIS A 1 163 ? -10.087 -5.322  15.754  1.00 34.05 ? 320 HIS A CB  1 
ATOM   1200 C CG  . HIS A 1 163 ? -9.930  -6.042  17.065  1.00 39.43 ? 320 HIS A CG  1 
ATOM   1201 N ND1 . HIS A 1 163 ? -8.714  -6.531  17.497  1.00 45.73 ? 320 HIS A ND1 1 
ATOM   1202 C CD2 . HIS A 1 163 ? -10.839 -6.419  18.003  1.00 46.07 ? 320 HIS A CD2 1 
ATOM   1203 C CE1 . HIS A 1 163 ? -8.864  -7.133  18.668  1.00 47.08 ? 320 HIS A CE1 1 
ATOM   1204 N NE2 . HIS A 1 163 ? -10.144 -7.081  18.999  1.00 49.47 ? 320 HIS A NE2 1 
ATOM   1205 N N   . VAL A 1 164 ? -10.057 -8.575  14.984  1.00 41.45 ? 321 VAL A N   1 
ATOM   1206 C CA  . VAL A 1 164 ? -10.626 -9.751  15.613  1.00 45.24 ? 321 VAL A CA  1 
ATOM   1207 C C   . VAL A 1 164 ? -10.081 -11.037 14.977  1.00 47.24 ? 321 VAL A C   1 
ATOM   1208 O O   . VAL A 1 164 ? -8.886  -11.120 14.637  1.00 50.43 ? 321 VAL A O   1 
ATOM   1209 C CB  . VAL A 1 164 ? -12.175 -9.737  15.626  1.00 45.87 ? 321 VAL A CB  1 
ATOM   1210 C CG1 . VAL A 1 164 ? -12.744 -10.152 14.233  1.00 45.54 ? 321 VAL A CG1 1 
ATOM   1211 C CG2 . VAL A 1 164 ? -12.660 -10.608 16.801  1.00 45.69 ? 321 VAL A CG2 1 
HETATM 1212 C C1  . J3E B 2 .   ? -10.618 -3.306  -10.904 1.00 26.35 ? 401 J3E A C1  1 
HETATM 1213 C C3  . J3E B 2 .   ? -11.073 -4.193  -8.771  1.00 26.35 ? 401 J3E A C3  1 
HETATM 1214 C C7  . J3E B 2 .   ? -7.626  -3.059  -9.363  1.00 16.89 ? 401 J3E A C7  1 
HETATM 1215 C C8  . J3E B 2 .   ? -6.476  -2.437  -8.869  1.00 13.71 ? 401 J3E A C8  1 
HETATM 1216 C C9  . J3E B 2 .   ? -6.531  -1.383  -7.956  1.00 15.23 ? 401 J3E A C9  1 
HETATM 1217 C C10 . J3E B 2 .   ? -7.769  -0.932  -7.519  1.00 17.50 ? 401 J3E A C10 1 
HETATM 1218 C C11 . J3E B 2 .   ? -8.160  0.138   -6.578  1.00 21.62 ? 401 J3E A C11 1 
HETATM 1219 C C12 . J3E B 2 .   ? -7.270  1.078   -5.801  1.00 21.03 ? 401 J3E A C12 1 
HETATM 1220 C C13 . J3E B 2 .   ? -7.246  2.439   -6.485  1.00 21.25 ? 401 J3E A C13 1 
HETATM 1221 C C14 . J3E B 2 .   ? -6.325  2.422   -7.700  1.00 19.78 ? 401 J3E A C14 1 
HETATM 1222 C C15 . J3E B 2 .   ? -4.094  1.682   -8.285  1.00 17.12 ? 401 J3E A C15 1 
HETATM 1223 C C16 . J3E B 2 .   ? -4.342  1.960   -9.625  1.00 18.08 ? 401 J3E A C16 1 
HETATM 1224 C C19 . J3E B 2 .   ? -1.698  1.142   -8.944  1.00 15.40 ? 401 J3E A C19 1 
HETATM 1225 C C20 . J3E B 2 .   ? -0.414  0.742   -8.596  1.00 20.13 ? 401 J3E A C20 1 
HETATM 1226 C C21 . J3E B 2 .   ? -0.126  0.454   -7.264  1.00 18.11 ? 401 J3E A C21 1 
HETATM 1227 C C22 . J3E B 2 .   ? -1.099  0.560   -6.272  1.00 17.69 ? 401 J3E A C22 1 
HETATM 1228 C C24 . J3E B 2 .   ? -2.729  1.253   -7.889  1.00 15.62 ? 401 J3E A C24 1 
HETATM 1229 C C27 . J3E B 2 .   ? -10.447 0.999   -5.748  1.00 28.69 ? 401 J3E A C27 1 
HETATM 1230 O O1  . J3E B 2 .   ? -11.651 0.741   -5.533  1.00 36.27 ? 401 J3E A O1  1 
HETATM 1231 O O2  . J3E B 2 .   ? -9.893  2.017   -5.279  1.00 30.70 ? 401 J3E A O2  1 
HETATM 1232 C C25 . J3E B 2 .   ? -9.646  0.063   -6.586  1.00 22.00 ? 401 J3E A C25 1 
HETATM 1233 N N2  . J3E B 2 .   ? -10.071 -0.914  -7.416  1.00 24.95 ? 401 J3E A N2  1 
HETATM 1234 C C26 . J3E B 2 .   ? -9.028  -1.542  -7.999  1.00 23.38 ? 401 J3E A C26 1 
HETATM 1235 C C6  . J3E B 2 .   ? -8.901  -2.659  -8.969  1.00 21.67 ? 401 J3E A C6  1 
HETATM 1236 C C5  . J3E B 2 .   ? -10.112 -3.338  -9.510  1.00 23.77 ? 401 J3E A C5  1 
HETATM 1237 C C4  . J3E B 2 .   ? -11.018 -4.549  -7.310  1.00 24.97 ? 401 J3E A C4  1 
HETATM 1238 N N1  . J3E B 2 .   ? -12.010 -4.589  -9.663  1.00 24.83 ? 401 J3E A N1  1 
HETATM 1239 N N   . J3E B 2 .   ? -11.731 -4.055  -10.938 1.00 27.74 ? 401 J3E A N   1 
HETATM 1240 C C   . J3E B 2 .   ? -10.000 -2.570  -12.064 1.00 30.94 ? 401 J3E A C   1 
HETATM 1241 O O   . J3E B 2 .   ? -5.089  1.802   -7.351  1.00 18.81 ? 401 J3E A O   1 
HETATM 1242 C C23 . J3E B 2 .   ? -2.398  0.957   -6.573  1.00 15.13 ? 401 J3E A C23 1 
HETATM 1243 C C18 . J3E B 2 .   ? -2.039  1.440   -10.259 1.00 20.41 ? 401 J3E A C18 1 
HETATM 1244 C C17 . J3E B 2 .   ? -3.334  1.840   -10.583 1.00 16.82 ? 401 J3E A C17 1 
HETATM 1245 C C1  . J3E C 2 .   ? -17.868 -1.966  0.752   1.00 31.27 ? 402 J3E A C1  1 
HETATM 1246 C C3  . J3E C 2 .   ? -15.976 -1.364  -0.514  1.00 23.71 ? 402 J3E A C3  1 
HETATM 1247 C C7  . J3E C 2 .   ? -15.595 -2.220  3.119   1.00 17.46 ? 402 J3E A C7  1 
HETATM 1248 C C8  . J3E C 2 .   ? -14.776 -2.766  4.111   1.00 16.74 ? 402 J3E A C8  1 
HETATM 1249 C C9  . J3E C 2 .   ? -13.819 -3.741  3.834   1.00 16.75 ? 402 J3E A C9  1 
HETATM 1250 C C10 . J3E C 2 .   ? -13.668 -4.190  2.530   1.00 13.21 ? 402 J3E A C10 1 
HETATM 1251 C C11 . J3E C 2 .   ? -12.767 -5.191  1.922   1.00 19.72 ? 402 J3E A C11 1 
HETATM 1252 C C12 . J3E C 2 .   ? -11.710 -6.036  2.593   1.00 23.06 ? 402 J3E A C12 1 
HETATM 1253 C C13 . J3E C 2 .   ? -12.141 -7.498  2.571   1.00 25.48 ? 402 J3E A C13 1 
HETATM 1254 C C14 . J3E C 2 .   ? -13.193 -7.774  3.637   1.00 22.38 ? 402 J3E A C14 1 
HETATM 1255 C C15 . J3E C 2 .   ? -12.769 -7.452  6.000   1.00 19.96 ? 402 J3E A C15 1 
HETATM 1256 C C16 . J3E C 2 .   ? -11.867 -8.493  6.185   1.00 25.42 ? 402 J3E A C16 1 
HETATM 1257 C C19 . J3E C 2 .   ? -13.243 -7.553  8.498   1.00 20.96 ? 402 J3E A C19 1 
HETATM 1258 C C20 . J3E C 2 .   ? -13.922 -7.082  9.613   1.00 23.95 ? 402 J3E A C20 1 
HETATM 1259 C C21 . J3E C 2 .   ? -14.834 -6.040  9.470   1.00 22.19 ? 402 J3E A C21 1 
HETATM 1260 C C22 . J3E C 2 .   ? -15.082 -5.457  8.227   1.00 23.14 ? 402 J3E A C22 1 
HETATM 1261 C C24 . J3E C 2 .   ? -13.508 -6.932  7.179   1.00 18.28 ? 402 J3E A C24 1 
HETATM 1262 C C27 . J3E C 2 .   ? -12.465 -6.046  -0.494  1.00 21.35 ? 402 J3E A C27 1 
HETATM 1263 O O1  . J3E C 2 .   ? -12.871 -6.075  -1.676  1.00 28.82 ? 402 J3E A O1  1 
HETATM 1264 O O2  . J3E C 2 .   ? -11.497 -6.738  -0.109  1.00 25.39 ? 402 J3E A O2  1 
HETATM 1265 C C25 . J3E C 2 .   ? -13.154 -5.159  0.486   1.00 18.25 ? 402 J3E A C25 1 
HETATM 1266 N N2  . J3E C 2 .   ? -14.146 -4.267  0.276   1.00 17.80 ? 402 J3E A N2  1 
HETATM 1267 C C26 . J3E C 2 .   ? -14.499 -3.660  1.429   1.00 16.04 ? 402 J3E A C26 1 
HETATM 1268 C C6  . J3E C 2 .   ? -15.501 -2.623  1.789   1.00 17.55 ? 402 J3E A C6  1 
HETATM 1269 C C5  . J3E C 2 .   ? -16.386 -2.026  0.749   1.00 21.81 ? 402 J3E A C5  1 
HETATM 1270 C C4  . J3E C 2 .   ? -14.567 -1.160  -1.003  1.00 19.65 ? 402 J3E A C4  1 
HETATM 1271 N N1  . J3E C 2 .   ? -17.111 -0.979  -1.140  1.00 27.83 ? 402 J3E A N1  1 
HETATM 1272 N N   . J3E C 2 .   ? -18.241 -1.343  -0.378  1.00 34.26 ? 402 J3E A N   1 
HETATM 1273 C C   . J3E C 2 .   ? -18.784 -2.503  1.821   1.00 30.87 ? 402 J3E A C   1 
HETATM 1274 O O   . J3E C 2 .   ? -12.973 -6.917  4.755   1.00 19.79 ? 402 J3E A O   1 
HETATM 1275 C C23 . J3E C 2 .   ? -14.425 -5.896  7.081   1.00 20.35 ? 402 J3E A C23 1 
HETATM 1276 C C18 . J3E C 2 .   ? -12.323 -8.590  8.586   1.00 23.46 ? 402 J3E A C18 1 
HETATM 1277 C C17 . J3E C 2 .   ? -11.654 -9.044  7.450   1.00 24.21 ? 402 J3E A C17 1 
HETATM 1278 O O   . HOH D 3 .   ? -11.846 -0.904  -4.288  1.00 39.68 ? 501 HOH A O   1 
HETATM 1279 O O   . HOH D 3 .   ? 9.154   8.117   14.881  1.00 68.40 ? 502 HOH A O   1 
HETATM 1280 O O   . HOH D 3 .   ? -3.133  -6.745  14.624  1.00 32.36 ? 503 HOH A O   1 
HETATM 1281 O O   . HOH D 3 .   ? 11.425  6.038   0.590   1.00 35.05 ? 504 HOH A O   1 
HETATM 1282 O O   . HOH D 3 .   ? 5.950   2.980   13.125  1.00 47.76 ? 505 HOH A O   1 
HETATM 1283 O O   . HOH D 3 .   ? -14.102 0.445   -5.564  1.00 42.28 ? 506 HOH A O   1 
HETATM 1284 O O   . HOH D 3 .   ? 16.118  -3.900  -9.271  1.00 45.21 ? 507 HOH A O   1 
HETATM 1285 O O   . HOH D 3 .   ? 5.951   -2.129  19.466  1.00 38.06 ? 508 HOH A O   1 
HETATM 1286 O O   . HOH D 3 .   ? -2.990  6.198   14.773  1.00 41.47 ? 509 HOH A O   1 
HETATM 1287 O O   . HOH D 3 .   ? -6.521  0.421   17.123  1.00 34.02 ? 510 HOH A O   1 
HETATM 1288 O O   . HOH D 3 .   ? 1.699   -12.405 4.950   1.00 39.25 ? 511 HOH A O   1 
HETATM 1289 O O   . HOH D 3 .   ? 0.254   -12.339 -0.505  1.00 39.07 ? 512 HOH A O   1 
HETATM 1290 O O   . HOH D 3 .   ? 9.387   -5.303  4.762   1.00 30.29 ? 513 HOH A O   1 
HETATM 1291 O O   . HOH D 3 .   ? -0.362  -11.769 -4.999  1.00 35.65 ? 514 HOH A O   1 
HETATM 1292 O O   . HOH D 3 .   ? -11.380 10.442  -10.114 1.00 26.76 ? 515 HOH A O   1 
HETATM 1293 O O   . HOH D 3 .   ? -1.126  -11.269 10.403  1.00 38.66 ? 516 HOH A O   1 
HETATM 1294 O O   . HOH D 3 .   ? -7.038  11.851  14.891  1.00 23.99 ? 517 HOH A O   1 
HETATM 1295 O O   . HOH D 3 .   ? 11.132  -7.199  3.478   1.00 37.66 ? 518 HOH A O   1 
HETATM 1296 O O   . HOH D 3 .   ? 10.763  8.158   -8.194  1.00 55.44 ? 519 HOH A O   1 
HETATM 1297 O O   . HOH D 3 .   ? -1.666  0.768   -21.130 1.00 31.40 ? 520 HOH A O   1 
HETATM 1298 O O   . HOH D 3 .   ? -11.298 -9.352  -0.550  1.00 19.06 ? 521 HOH A O   1 
HETATM 1299 O O   . HOH D 3 .   ? 3.966   -10.643 3.992   1.00 35.84 ? 522 HOH A O   1 
HETATM 1300 O O   . HOH D 3 .   ? 8.689   6.547   6.887   1.00 34.59 ? 523 HOH A O   1 
HETATM 1301 O O   . HOH D 3 .   ? -7.777  -10.772 -15.643 1.00 32.11 ? 524 HOH A O   1 
HETATM 1302 O O   . HOH D 3 .   ? -12.043 2.072   13.254  1.00 25.58 ? 525 HOH A O   1 
HETATM 1303 O O   . HOH D 3 .   ? -6.927  -5.485  12.903  1.00 22.52 ? 526 HOH A O   1 
HETATM 1304 O O   . HOH D 3 .   ? -8.998  -5.424  -14.140 1.00 26.26 ? 527 HOH A O   1 
HETATM 1305 O O   . HOH D 3 .   ? -5.925  -6.277  -18.982 1.00 34.72 ? 528 HOH A O   1 
HETATM 1306 O O   . HOH D 3 .   ? -8.319  13.599  -5.600  1.00 39.57 ? 529 HOH A O   1 
HETATM 1307 O O   . HOH D 3 .   ? -6.765  -16.398 -6.051  1.00 42.05 ? 530 HOH A O   1 
HETATM 1308 O O   . HOH D 3 .   ? 3.692   -6.896  12.850  1.00 30.65 ? 531 HOH A O   1 
HETATM 1309 O O   . HOH D 3 .   ? -12.128 4.098   11.447  1.00 30.97 ? 532 HOH A O   1 
HETATM 1310 O O   . HOH D 3 .   ? 5.244   -13.147 -0.367  1.00 51.99 ? 533 HOH A O   1 
HETATM 1311 O O   . HOH D 3 .   ? 3.372   4.231   -16.223 1.00 37.57 ? 534 HOH A O   1 
HETATM 1312 O O   . HOH D 3 .   ? 4.923   -11.842 -12.294 1.00 39.00 ? 535 HOH A O   1 
HETATM 1313 O O   . HOH D 3 .   ? -12.652 -8.113  -8.246  1.00 29.42 ? 536 HOH A O   1 
HETATM 1314 O O   . HOH D 3 .   ? -4.833  -14.242 5.114   1.00 37.18 ? 537 HOH A O   1 
HETATM 1315 O O   . HOH D 3 .   ? 0.559   -11.599 -10.934 1.00 33.00 ? 538 HOH A O   1 
HETATM 1316 O O   . HOH D 3 .   ? -8.255  15.509  3.094   1.00 27.87 ? 539 HOH A O   1 
HETATM 1317 O O   . HOH D 3 .   ? -12.903 7.703   -2.920  1.00 29.36 ? 540 HOH A O   1 
HETATM 1318 O O   . HOH D 3 .   ? -5.936  -12.797 -16.007 1.00 40.17 ? 541 HOH A O   1 
HETATM 1319 O O   . HOH D 3 .   ? -2.088  -13.359 -1.294  1.00 29.84 ? 542 HOH A O   1 
HETATM 1320 O O   . HOH D 3 .   ? -14.328 2.474   6.691   1.00 19.72 ? 543 HOH A O   1 
HETATM 1321 O O   . HOH D 3 .   ? 1.756   -10.353 -8.715  1.00 23.10 ? 544 HOH A O   1 
HETATM 1322 O O   . HOH D 3 .   ? -5.569  11.707  -12.316 1.00 20.66 ? 545 HOH A O   1 
HETATM 1323 O O   . HOH D 3 .   ? 8.586   -6.377  7.035   1.00 30.05 ? 546 HOH A O   1 
HETATM 1324 O O   . HOH D 3 .   ? -13.121 13.765  6.255   1.00 45.14 ? 547 HOH A O   1 
HETATM 1325 O O   . HOH D 3 .   ? -5.376  16.233  1.728   1.00 42.46 ? 548 HOH A O   1 
HETATM 1326 O O   . HOH D 3 .   ? -10.416 -13.136 -8.878  1.00 35.54 ? 549 HOH A O   1 
HETATM 1327 O O   . HOH D 3 .   ? -9.394  -11.588 9.254   1.00 40.44 ? 550 HOH A O   1 
HETATM 1328 O O   . HOH D 3 .   ? -2.004  6.908   12.642  1.00 31.77 ? 551 HOH A O   1 
HETATM 1329 O O   . HOH D 3 .   ? -13.860 7.111   -13.891 1.00 34.07 ? 552 HOH A O   1 
HETATM 1330 O O   . HOH D 3 .   ? -1.930  14.955  9.245   1.00 33.58 ? 553 HOH A O   1 
HETATM 1331 O O   . HOH D 3 .   ? -8.442  -3.028  -15.202 1.00 33.26 ? 554 HOH A O   1 
HETATM 1332 O O   . HOH D 3 .   ? -3.492  0.085   17.336  1.00 41.18 ? 555 HOH A O   1 
HETATM 1333 O O   . HOH D 3 .   ? -3.264  -13.285 -5.999  1.00 37.32 ? 556 HOH A O   1 
HETATM 1334 O O   . HOH D 3 .   ? -13.801 -13.277 -5.316  1.00 40.02 ? 557 HOH A O   1 
HETATM 1335 O O   . HOH D 3 .   ? 7.646   -11.819 -6.251  1.00 39.55 ? 558 HOH A O   1 
HETATM 1336 O O   . HOH D 3 .   ? -6.239  -4.911  17.733  1.00 50.30 ? 559 HOH A O   1 
HETATM 1337 O O   . HOH D 3 .   ? -11.318 -10.367 -9.448  1.00 26.36 ? 560 HOH A O   1 
HETATM 1338 O O   . HOH D 3 .   ? -10.108 13.430  3.260   1.00 24.41 ? 561 HOH A O   1 
HETATM 1339 O O   . HOH D 3 .   ? -12.942 -1.846  -7.568  1.00 31.03 ? 562 HOH A O   1 
HETATM 1340 O O   . HOH D 3 .   ? -11.353 5.817   -1.682  1.00 24.77 ? 563 HOH A O   1 
HETATM 1341 O O   . HOH D 3 .   ? 15.445  -6.979  -8.956  1.00 45.69 ? 564 HOH A O   1 
HETATM 1342 O O   . HOH D 3 .   ? -6.299  -6.349  15.457  1.00 34.81 ? 565 HOH A O   1 
HETATM 1343 O O   . HOH D 3 .   ? -3.860  -14.116 -12.315 1.00 44.32 ? 566 HOH A O   1 
HETATM 1344 O O   . HOH D 3 .   ? 7.954   2.434   18.699  1.00 44.88 ? 567 HOH A O   1 
HETATM 1345 O O   . HOH D 3 .   ? 4.252   -11.688 -9.405  1.00 27.51 ? 568 HOH A O   1 
HETATM 1346 O O   . HOH D 3 .   ? -15.388 3.580   -7.029  1.00 43.72 ? 569 HOH A O   1 
HETATM 1347 O O   . HOH D 3 .   ? 13.030  -3.490  -1.611  1.00 50.04 ? 570 HOH A O   1 
HETATM 1348 O O   . HOH D 3 .   ? -14.663 3.554   9.322   1.00 23.55 ? 571 HOH A O   1 
HETATM 1349 O O   . HOH D 3 .   ? -1.354  -13.649 8.375   1.00 44.23 ? 572 HOH A O   1 
HETATM 1350 O O   . HOH D 3 .   ? -14.303 -10.535 -4.139  1.00 41.73 ? 573 HOH A O   1 
HETATM 1351 O O   . HOH D 3 .   ? 9.939   4.185   5.583   1.00 42.34 ? 574 HOH A O   1 
HETATM 1352 O O   . HOH D 3 .   ? -1.900  -13.870 -3.967  1.00 37.99 ? 575 HOH A O   1 
HETATM 1353 O O   . HOH D 3 .   ? -14.213 0.425   13.546  1.00 29.57 ? 576 HOH A O   1 
HETATM 1354 O O   . HOH D 3 .   ? 0.754   -12.248 -7.026  1.00 29.52 ? 577 HOH A O   1 
HETATM 1355 O O   . HOH D 3 .   ? -14.855 -1.069  -9.234  1.00 61.01 ? 578 HOH A O   1 
# 
